data_9KBD
#
_entry.id   9KBD
#
_cell.length_a   1.00
_cell.length_b   1.00
_cell.length_c   1.00
_cell.angle_alpha   90.00
_cell.angle_beta   90.00
_cell.angle_gamma   90.00
#
_symmetry.space_group_name_H-M   'P 1'
#
loop_
_entity.id
_entity.type
_entity.pdbx_description
1 polymer 'S-phase kinase-associated protein 1'
2 polymer 'F-box only protein 3'
3 polymer 'E3 ubiquitin-protein ligase RBX1'
4 polymer Cullin-1
#
loop_
_entity_poly.entity_id
_entity_poly.type
_entity_poly.pdbx_seq_one_letter_code
_entity_poly.pdbx_strand_id
1 'polypeptide(L)'
;MPSIKLQSSDGEIFEVDVEIAKQSVTIKTMLEDLGMDDEGDDDPVPLPNVNAAILKKVIQWCTHHKDDPPPPEDDENKEK
RTDDIPVWDQEFLKVDQGTLFELILAANYLDIKGLLDVTCKTVANMIKGKTPEEIRKTFNIKNDFTEEEEAQVRKENQWC
EEK
;
B
2 'polypeptide(L)'
;METETAPLTLESLPTDPLLLILSFLDYRDLINCCYVSRRLSQLSSHDPLWRRHCKKYWLISEEEKTQKNQCWKSLFIDTY
SDVGRYIDHYAAIKKAWDDLKKYLEPRCPRMVLSLKEGAREEDLDAVEAQIGCKLPDDYRCSYRIHNGQKLVVPGLLGSM
ALSNHYRSEDLLDVDTAAGGFQQRQGLKYCLPLTFCIHTGLSQYIAVEAAEGRNKNEVFYQCPDQMARNPAAIDMFIIGA
TFTDWFTSYVKNVVSGGFPIIRDQIFRYVHDPECVATTGDITVSVSTSFLPELSSVHPPHYFFTYRIRIEMSKDALPEKA
CQLDSRYWRITNAKGDVEEVQGPGVVGEFPIISPGRVYEYTSCTTFSTTSGYMEGYYTFHFLYFKDKIFNVAIPRFHMAC
PTFRVSIARLEMGPDEYEEMEEEEEEEEEEDEDDDS
;
C
3 'polypeptide(L)'
;MAAAMDVDTPSGTNSGAGKKRFEVKKWNAVALWAWDIVVDNCAICRNHIMDLCIECQANQASATSEECTVAWGVCNHAFH
FHCISRWLKTRQVCPLDNREWEFQKYGH
;
R
4 'polypeptide(L)'
;MSSTRSQNPHGLKQIGLDQIWDDLRAGIQQVYTRQSMAKSRYMELYTHVYNYCTSVHQSNQARGAGVPPSKSKKGQTPGG
AQFVGLELYKRLKEFLKNYLTNLLKDGEDLMDESVLKFYTQQWEDYRFSSKVLNGICAYLNRHWVRRECDEGRKGIYEIY
SLALVTWRDCLFRPLNKQVTNAVLKLIEKERNGETINTRLISGVVQSYVELGLNEDDAFAKGPTLTVYKESFESQFLADT
ERFYTRESTEFLQQNPVTEYMKKAEARLLEEQRRVQVYLHESTQDELARKCEQVLIEKHLEIFHTEFQNLLDADKNEDLG
RMYNLVSRIQDGLGELKKLLETHIHNQGLAAIEKCGEAALNDPKMYVQTVLDVHKKYNALVMSAFNNDAGFVAALDKACG
RFINNNAVTKMAQSSSKSPELLARYCDSLLKKSSKNPEEAELEDTLNQVMVVFKYIEDKDVFQKFYAKMLAKRLVHQNSA
SDDAEASMISKLKQACGFEYTSKLQRMFQDIGVSKDLNEQFKKHLTNSEPLDLDFSIQVLSSGSWPFQQSCTFALPSELE
RSYQRFTAFYASRHSGRKLTWLYQLSKGELVTNCFKNRYTLQASTFQMAILLQYNTEDAYTVQQLTDSTQIKMDILAQVL
QILLKSKLLVLEDENANVDEVELKPDTLIKLYLGYKNKKLRVNINVPMKTEQKQEQETTHKNIEEDRKLLIQAAIVRIMK
MRKVLKHQQLLGEVLTQLSSRFKPRVPVIKKCIDILIEKEYLERVDGEKDTYSYLA
;
A
#
# COMPACT_ATOMS: atom_id res chain seq x y z
N PRO A 2 -32.20 -30.81 25.75
CA PRO A 2 -32.88 -32.07 25.41
C PRO A 2 -32.23 -33.28 26.08
N SER A 3 -32.85 -34.45 25.93
CA SER A 3 -32.36 -35.67 26.56
C SER A 3 -32.57 -36.83 25.61
N ILE A 4 -31.48 -37.44 25.16
CA ILE A 4 -31.53 -38.61 24.30
C ILE A 4 -31.30 -39.85 25.14
N LYS A 5 -31.97 -40.94 24.80
CA LYS A 5 -31.86 -42.19 25.52
C LYS A 5 -31.13 -43.22 24.66
N LEU A 6 -30.08 -43.81 25.21
CA LEU A 6 -29.31 -44.85 24.52
C LEU A 6 -29.46 -46.15 25.29
N GLN A 7 -29.73 -47.23 24.59
CA GLN A 7 -29.81 -48.55 25.19
C GLN A 7 -28.82 -49.48 24.51
N SER A 8 -28.56 -50.61 25.17
CA SER A 8 -27.55 -51.55 24.73
C SER A 8 -28.19 -52.75 24.03
N SER A 9 -27.33 -53.67 23.60
CA SER A 9 -27.81 -54.91 22.99
C SER A 9 -28.58 -55.75 23.99
N ASP A 10 -28.08 -55.83 25.23
CA ASP A 10 -28.84 -56.48 26.29
C ASP A 10 -30.11 -55.72 26.61
N GLY A 11 -30.04 -54.40 26.59
CA GLY A 11 -31.19 -53.53 26.79
C GLY A 11 -31.25 -52.94 28.18
N GLU A 12 -30.74 -51.71 28.30
CA GLU A 12 -30.73 -50.97 29.55
C GLU A 12 -30.80 -49.49 29.21
N ILE A 13 -31.75 -48.77 29.80
CA ILE A 13 -31.91 -47.36 29.50
C ILE A 13 -30.76 -46.58 30.14
N PHE A 14 -30.07 -45.79 29.32
CA PHE A 14 -28.98 -44.92 29.78
C PHE A 14 -29.26 -43.53 29.24
N GLU A 15 -29.93 -42.70 30.04
CA GLU A 15 -30.25 -41.35 29.59
C GLU A 15 -29.01 -40.48 29.61
N VAL A 16 -28.74 -39.82 28.48
CA VAL A 16 -27.55 -39.00 28.29
C VAL A 16 -28.00 -37.62 27.87
N ASP A 17 -27.32 -36.59 28.38
CA ASP A 17 -27.56 -35.23 27.92
C ASP A 17 -27.23 -35.11 26.45
N VAL A 18 -27.98 -34.23 25.76
CA VAL A 18 -27.85 -34.11 24.31
C VAL A 18 -26.47 -33.58 23.92
N GLU A 19 -25.86 -32.74 24.76
CA GLU A 19 -24.54 -32.22 24.48
C GLU A 19 -23.42 -33.16 24.93
N ILE A 20 -23.74 -34.19 25.72
CA ILE A 20 -22.72 -35.15 26.13
C ILE A 20 -22.55 -36.23 25.06
N ALA A 21 -23.66 -36.77 24.56
CA ALA A 21 -23.59 -37.79 23.51
C ALA A 21 -23.20 -37.20 22.16
N LYS A 22 -23.34 -35.89 21.98
CA LYS A 22 -22.98 -35.26 20.71
C LYS A 22 -21.48 -35.24 20.47
N GLN A 23 -20.66 -35.58 21.47
CA GLN A 23 -19.24 -35.75 21.24
C GLN A 23 -18.99 -36.92 20.28
N SER A 24 -19.74 -38.00 20.43
CA SER A 24 -19.65 -39.10 19.50
C SER A 24 -20.17 -38.68 18.13
N VAL A 25 -19.39 -38.99 17.08
CA VAL A 25 -19.72 -38.50 15.74
C VAL A 25 -20.98 -39.19 15.21
N THR A 26 -21.16 -40.47 15.51
CA THR A 26 -22.34 -41.19 15.02
C THR A 26 -23.62 -40.62 15.58
N ILE A 27 -23.68 -40.42 16.90
CA ILE A 27 -24.89 -39.88 17.52
C ILE A 27 -25.11 -38.43 17.08
N LYS A 28 -24.03 -37.68 16.89
CA LYS A 28 -24.17 -36.29 16.43
C LYS A 28 -24.75 -36.24 15.01
N THR A 29 -24.25 -37.10 14.12
CA THR A 29 -24.80 -37.14 12.77
C THR A 29 -26.23 -37.67 12.76
N MET A 30 -26.56 -38.59 13.67
CA MET A 30 -27.94 -39.05 13.79
C MET A 30 -28.86 -37.93 14.24
N LEU A 31 -28.41 -37.11 15.19
CA LEU A 31 -29.26 -36.04 15.70
C LEU A 31 -29.29 -34.82 14.79
N GLU A 32 -28.33 -34.69 13.87
CA GLU A 32 -28.28 -33.54 12.98
C GLU A 32 -28.85 -33.84 11.60
N ASP A 33 -28.31 -34.85 10.91
CA ASP A 33 -28.72 -35.11 9.54
C ASP A 33 -30.13 -35.69 9.44
N LEU A 34 -30.52 -36.53 10.40
CA LEU A 34 -31.88 -37.05 10.41
C LEU A 34 -32.91 -36.01 10.79
N GLY A 35 -32.50 -34.95 11.49
CA GLY A 35 -33.38 -33.84 11.80
C GLY A 35 -33.95 -33.82 13.20
N MET A 36 -33.84 -34.92 13.94
CA MET A 36 -34.38 -35.05 15.30
C MET A 36 -35.87 -34.73 15.32
N ASP A 37 -36.62 -35.59 14.64
CA ASP A 37 -38.07 -35.43 14.57
C ASP A 37 -38.70 -35.57 15.95
N ASP A 38 -39.65 -34.69 16.25
CA ASP A 38 -40.28 -34.64 17.56
C ASP A 38 -41.23 -35.80 17.81
N GLU A 39 -41.58 -36.56 16.78
CA GLU A 39 -42.47 -37.72 16.93
C GLU A 39 -41.66 -38.87 17.52
N GLY A 40 -42.00 -39.27 18.74
CA GLY A 40 -41.28 -40.34 19.41
C GLY A 40 -39.83 -40.02 19.72
N ASP A 41 -39.55 -38.78 20.13
CA ASP A 41 -38.18 -38.37 20.41
C ASP A 41 -37.67 -38.98 21.71
N ASP A 42 -38.55 -39.41 22.59
CA ASP A 42 -38.16 -40.03 23.86
C ASP A 42 -37.92 -41.53 23.74
N ASP A 43 -38.11 -42.10 22.56
CA ASP A 43 -37.87 -43.52 22.36
C ASP A 43 -36.38 -43.82 22.45
N PRO A 44 -36.01 -44.98 23.01
CA PRO A 44 -34.59 -45.32 23.14
C PRO A 44 -33.94 -45.56 21.80
N VAL A 45 -32.64 -45.32 21.75
CA VAL A 45 -31.86 -45.48 20.53
C VAL A 45 -30.97 -46.71 20.69
N PRO A 46 -31.33 -47.85 20.09
CA PRO A 46 -30.57 -49.08 20.32
C PRO A 46 -29.19 -49.03 19.66
N LEU A 47 -28.17 -49.46 20.41
CA LEU A 47 -26.80 -49.59 19.91
C LEU A 47 -26.43 -51.05 20.11
N PRO A 48 -26.74 -51.92 19.15
CA PRO A 48 -26.64 -53.37 19.37
C PRO A 48 -25.23 -53.94 19.34
N ASN A 49 -24.19 -53.10 19.38
CA ASN A 49 -22.83 -53.59 19.40
C ASN A 49 -22.07 -53.20 20.66
N VAL A 50 -22.74 -52.62 21.65
CA VAL A 50 -22.13 -52.25 22.91
C VAL A 50 -22.88 -52.95 24.04
N ASN A 51 -22.19 -53.21 25.13
CA ASN A 51 -22.81 -53.80 26.30
C ASN A 51 -23.12 -52.69 27.32
N ALA A 52 -23.62 -53.08 28.49
CA ALA A 52 -24.11 -52.10 29.46
C ALA A 52 -22.96 -51.36 30.14
N ALA A 53 -22.01 -52.10 30.70
CA ALA A 53 -20.93 -51.47 31.47
C ALA A 53 -20.05 -50.61 30.58
N ILE A 54 -19.77 -51.08 29.37
CA ILE A 54 -18.90 -50.31 28.47
C ILE A 54 -19.60 -49.03 28.03
N LEU A 55 -20.91 -49.09 27.77
CA LEU A 55 -21.67 -47.89 27.45
C LEU A 55 -21.69 -46.92 28.63
N LYS A 56 -21.82 -47.45 29.85
CA LYS A 56 -21.77 -46.59 31.03
C LYS A 56 -20.42 -45.91 31.17
N LYS A 57 -19.35 -46.63 30.90
CA LYS A 57 -18.01 -46.04 30.95
C LYS A 57 -17.83 -45.00 29.86
N VAL A 58 -18.42 -45.23 28.68
CA VAL A 58 -18.36 -44.24 27.60
C VAL A 58 -19.09 -42.97 28.01
N ILE A 59 -20.26 -43.11 28.62
CA ILE A 59 -21.02 -41.95 29.09
C ILE A 59 -20.23 -41.20 30.16
N GLN A 60 -19.61 -41.94 31.09
CA GLN A 60 -18.81 -41.31 32.13
C GLN A 60 -17.63 -40.54 31.54
N TRP A 61 -16.94 -41.14 30.56
CA TRP A 61 -15.82 -40.46 29.92
C TRP A 61 -16.27 -39.20 29.19
N CYS A 62 -17.37 -39.30 28.44
CA CYS A 62 -17.86 -38.13 27.71
C CYS A 62 -18.33 -37.05 28.67
N THR A 63 -18.84 -37.43 29.84
CA THR A 63 -19.18 -36.46 30.86
C THR A 63 -17.94 -35.71 31.34
N HIS A 64 -16.84 -36.43 31.54
CA HIS A 64 -15.60 -35.80 31.97
C HIS A 64 -15.01 -34.91 30.88
N HIS A 65 -15.22 -35.25 29.61
CA HIS A 65 -14.75 -34.46 28.49
C HIS A 65 -15.88 -33.71 27.80
N LYS A 66 -16.91 -33.34 28.56
CA LYS A 66 -18.02 -32.60 27.98
C LYS A 66 -17.59 -31.22 27.49
N ASP A 67 -16.74 -30.55 28.28
CA ASP A 67 -16.21 -29.24 27.91
C ASP A 67 -14.82 -29.34 27.29
N ASP A 68 -14.49 -30.49 26.70
CA ASP A 68 -13.16 -30.67 26.12
C ASP A 68 -13.03 -29.84 24.84
N PRO A 69 -11.88 -29.21 24.63
CA PRO A 69 -11.66 -28.46 23.38
C PRO A 69 -11.55 -29.40 22.19
N PRO A 70 -11.83 -28.91 20.99
CA PRO A 70 -11.71 -29.77 19.80
C PRO A 70 -10.28 -30.17 19.57
N PRO A 71 -10.05 -31.33 18.95
CA PRO A 71 -8.67 -31.76 18.70
C PRO A 71 -7.98 -30.87 17.69
N PRO A 72 -6.65 -30.75 17.74
CA PRO A 72 -5.92 -29.86 16.82
C PRO A 72 -5.69 -30.49 15.44
N GLU A 73 -6.80 -30.79 14.76
CA GLU A 73 -6.82 -31.35 13.40
C GLU A 73 -6.02 -32.65 13.32
N ASP A 74 -4.83 -32.58 12.72
CA ASP A 74 -3.98 -33.76 12.56
C ASP A 74 -2.53 -33.35 12.73
N ASP A 75 -1.70 -34.33 13.09
CA ASP A 75 -0.28 -34.13 13.35
C ASP A 75 0.54 -35.21 12.65
N GLU A 76 0.27 -35.42 11.36
CA GLU A 76 0.92 -36.48 10.60
C GLU A 76 2.43 -36.27 10.51
N ASN A 77 2.87 -35.03 10.32
CA ASN A 77 4.30 -34.76 10.30
C ASN A 77 4.92 -34.78 11.69
N LYS A 78 4.10 -34.68 12.74
CA LYS A 78 4.58 -34.79 14.12
C LYS A 78 4.72 -36.28 14.45
N GLU A 79 4.96 -36.60 15.72
CA GLU A 79 5.19 -37.98 16.13
C GLU A 79 4.25 -38.38 17.27
N LYS A 80 2.97 -38.00 17.12
CA LYS A 80 1.85 -38.54 17.90
C LYS A 80 2.16 -38.71 19.39
N ARG A 81 2.36 -37.60 20.11
CA ARG A 81 2.94 -37.65 21.45
C ARG A 81 2.06 -38.48 22.37
N THR A 82 2.54 -39.69 22.68
CA THR A 82 1.72 -40.69 23.35
C THR A 82 1.56 -40.41 24.83
N ASP A 83 2.46 -39.63 25.43
CA ASP A 83 2.45 -39.39 26.87
C ASP A 83 1.69 -38.12 27.24
N ASP A 84 0.83 -37.60 26.36
CA ASP A 84 -0.01 -36.46 26.68
C ASP A 84 -1.39 -36.88 27.18
N ILE A 85 -1.56 -38.14 27.53
CA ILE A 85 -2.85 -38.63 28.03
C ILE A 85 -3.16 -37.94 29.34
N PRO A 86 -4.37 -37.41 29.54
CA PRO A 86 -4.71 -36.79 30.82
C PRO A 86 -4.66 -37.79 31.97
N VAL A 87 -4.36 -37.28 33.16
CA VAL A 87 -4.20 -38.13 34.33
C VAL A 87 -5.50 -38.86 34.66
N TRP A 88 -6.63 -38.14 34.56
CA TRP A 88 -7.93 -38.79 34.74
C TRP A 88 -8.18 -39.82 33.65
N ASP A 89 -7.77 -39.50 32.41
CA ASP A 89 -7.92 -40.46 31.32
C ASP A 89 -7.01 -41.67 31.52
N GLN A 90 -5.81 -41.45 32.08
CA GLN A 90 -4.94 -42.57 32.40
C GLN A 90 -5.56 -43.46 33.47
N GLU A 91 -6.15 -42.85 34.50
CA GLU A 91 -6.73 -43.63 35.60
C GLU A 91 -7.99 -44.36 35.16
N PHE A 92 -8.79 -43.74 34.28
CA PHE A 92 -10.07 -44.32 33.89
C PHE A 92 -9.88 -45.57 33.04
N LEU A 93 -8.82 -45.62 32.24
CA LEU A 93 -8.59 -46.74 31.34
C LEU A 93 -7.89 -47.92 32.01
N LYS A 94 -7.55 -47.82 33.29
CA LYS A 94 -6.85 -48.90 33.98
C LYS A 94 -7.84 -50.02 34.28
N VAL A 95 -8.14 -50.80 33.24
CA VAL A 95 -9.00 -51.96 33.32
C VAL A 95 -8.29 -53.14 32.65
N ASP A 96 -8.94 -54.29 32.66
CA ASP A 96 -8.35 -55.48 32.07
C ASP A 96 -8.32 -55.35 30.53
N GLN A 97 -7.51 -56.22 29.91
CA GLN A 97 -7.26 -56.12 28.48
C GLN A 97 -8.53 -56.38 27.67
N GLY A 98 -9.36 -57.33 28.09
CA GLY A 98 -10.61 -57.56 27.40
C GLY A 98 -11.56 -56.39 27.50
N THR A 99 -11.67 -55.80 28.69
CA THR A 99 -12.52 -54.63 28.86
C THR A 99 -11.99 -53.44 28.07
N LEU A 100 -10.67 -53.26 28.06
CA LEU A 100 -10.08 -52.17 27.29
C LEU A 100 -10.31 -52.35 25.79
N PHE A 101 -10.20 -53.60 25.31
CA PHE A 101 -10.43 -53.84 23.88
C PHE A 101 -11.90 -53.66 23.52
N GLU A 102 -12.81 -54.07 24.39
CA GLU A 102 -14.22 -53.80 24.16
C GLU A 102 -14.51 -52.31 24.21
N LEU A 103 -13.76 -51.55 25.02
CA LEU A 103 -13.91 -50.11 25.04
C LEU A 103 -13.37 -49.47 23.77
N ILE A 104 -12.31 -50.04 23.18
CA ILE A 104 -11.86 -49.59 21.87
C ILE A 104 -12.93 -49.85 20.82
N LEU A 105 -13.53 -51.05 20.86
CA LEU A 105 -14.54 -51.41 19.89
C LEU A 105 -15.77 -50.51 20.00
N ALA A 106 -16.21 -50.22 21.22
CA ALA A 106 -17.34 -49.31 21.40
C ALA A 106 -16.95 -47.87 21.15
N ALA A 107 -15.68 -47.52 21.27
CA ALA A 107 -15.24 -46.16 20.94
C ALA A 107 -15.18 -45.95 19.44
N ASN A 108 -14.93 -47.01 18.68
CA ASN A 108 -14.93 -46.91 17.23
C ASN A 108 -16.35 -46.98 16.68
N TYR A 109 -17.23 -47.71 17.34
CA TYR A 109 -18.63 -47.81 16.89
C TYR A 109 -19.31 -46.44 16.92
N LEU A 110 -19.18 -45.72 18.03
CA LEU A 110 -19.78 -44.40 18.13
C LEU A 110 -18.91 -43.32 17.52
N ASP A 111 -17.74 -43.68 16.98
CA ASP A 111 -16.83 -42.76 16.28
C ASP A 111 -16.35 -41.62 17.18
N ILE A 112 -16.20 -41.88 18.48
CA ILE A 112 -15.67 -40.85 19.37
C ILE A 112 -14.18 -40.70 19.09
N LYS A 113 -13.75 -39.47 18.79
CA LYS A 113 -12.35 -39.25 18.48
C LYS A 113 -11.49 -39.35 19.74
N GLY A 114 -11.91 -38.70 20.82
CA GLY A 114 -11.06 -38.60 21.99
C GLY A 114 -10.88 -39.93 22.71
N LEU A 115 -11.98 -40.65 22.94
CA LEU A 115 -11.89 -41.91 23.66
C LEU A 115 -11.12 -42.96 22.86
N LEU A 116 -11.38 -43.04 21.56
CA LEU A 116 -10.63 -43.96 20.71
C LEU A 116 -9.15 -43.60 20.70
N ASP A 117 -8.84 -42.30 20.64
CA ASP A 117 -7.45 -41.87 20.62
C ASP A 117 -6.74 -42.24 21.91
N VAL A 118 -7.37 -41.99 23.06
CA VAL A 118 -6.68 -42.27 24.33
C VAL A 118 -6.59 -43.77 24.57
N THR A 119 -7.59 -44.56 24.16
CA THR A 119 -7.50 -46.00 24.32
C THR A 119 -6.42 -46.59 23.41
N CYS A 120 -6.32 -46.08 22.18
CA CYS A 120 -5.25 -46.52 21.29
C CYS A 120 -3.88 -46.15 21.84
N LYS A 121 -3.77 -44.95 22.43
CA LYS A 121 -2.50 -44.55 23.02
C LYS A 121 -2.12 -45.45 24.20
N THR A 122 -3.09 -45.77 25.06
CA THR A 122 -2.79 -46.61 26.21
C THR A 122 -2.47 -48.05 25.79
N VAL A 123 -3.09 -48.54 24.73
CA VAL A 123 -2.72 -49.86 24.23
C VAL A 123 -1.32 -49.83 23.61
N ALA A 124 -1.00 -48.75 22.88
CA ALA A 124 0.33 -48.63 22.28
C ALA A 124 1.41 -48.53 23.34
N ASN A 125 1.13 -47.90 24.49
CA ASN A 125 2.10 -47.89 25.58
C ASN A 125 2.38 -49.27 26.15
N MET A 126 1.48 -50.23 25.94
CA MET A 126 1.73 -51.61 26.36
C MET A 126 2.39 -52.45 25.27
N ILE A 127 2.72 -51.85 24.12
CA ILE A 127 3.38 -52.57 23.04
C ILE A 127 4.72 -51.90 22.77
N LYS A 128 4.83 -50.62 23.10
CA LYS A 128 6.00 -49.83 22.73
C LYS A 128 7.23 -50.30 23.50
N GLY A 129 8.30 -50.60 22.78
CA GLY A 129 9.56 -51.01 23.38
C GLY A 129 9.51 -52.35 24.08
N LYS A 130 8.91 -53.36 23.44
CA LYS A 130 8.80 -54.69 24.02
C LYS A 130 9.30 -55.73 23.03
N THR A 131 9.83 -56.82 23.57
CA THR A 131 10.22 -57.96 22.75
C THR A 131 8.97 -58.69 22.25
N PRO A 132 9.05 -59.40 21.11
CA PRO A 132 7.86 -60.08 20.59
C PRO A 132 7.31 -61.14 21.53
N GLU A 133 8.17 -61.87 22.24
CA GLU A 133 7.70 -62.83 23.22
C GLU A 133 7.01 -62.13 24.39
N GLU A 134 7.55 -60.97 24.80
CA GLU A 134 6.88 -60.18 25.84
C GLU A 134 5.53 -59.68 25.36
N ILE A 135 5.44 -59.27 24.09
CA ILE A 135 4.17 -58.83 23.53
C ILE A 135 3.16 -59.97 23.52
N ARG A 136 3.59 -61.16 23.10
CA ARG A 136 2.69 -62.31 23.04
C ARG A 136 2.24 -62.73 24.44
N LYS A 137 3.15 -62.71 25.42
CA LYS A 137 2.77 -63.09 26.78
C LYS A 137 1.86 -62.04 27.42
N THR A 138 2.10 -60.76 27.13
CA THR A 138 1.27 -59.70 27.70
C THR A 138 -0.13 -59.72 27.12
N PHE A 139 -0.26 -59.97 25.82
CA PHE A 139 -1.54 -59.91 25.13
C PHE A 139 -2.18 -61.27 24.92
N ASN A 140 -1.58 -62.33 25.47
CA ASN A 140 -2.13 -63.69 25.41
C ASN A 140 -2.35 -64.15 23.96
N ILE A 141 -1.42 -63.80 23.08
CA ILE A 141 -1.51 -64.13 21.67
C ILE A 141 -0.61 -65.31 21.37
N LYS A 142 -1.18 -66.36 20.80
CA LYS A 142 -0.38 -67.50 20.39
C LYS A 142 0.38 -67.17 19.11
N ASN A 143 1.45 -67.93 18.87
CA ASN A 143 2.30 -67.74 17.69
C ASN A 143 1.93 -68.79 16.65
N ASP A 144 1.30 -68.34 15.56
CA ASP A 144 0.92 -69.23 14.47
C ASP A 144 2.00 -69.35 13.40
N PHE A 145 3.18 -68.77 13.62
CA PHE A 145 4.28 -68.91 12.67
C PHE A 145 4.77 -70.34 12.62
N THR A 146 4.69 -70.95 11.45
CA THR A 146 5.41 -72.19 11.19
C THR A 146 6.89 -71.87 10.97
N GLU A 147 7.71 -72.92 10.90
CA GLU A 147 9.15 -72.74 10.71
C GLU A 147 9.43 -72.07 9.38
N GLU A 148 8.73 -72.49 8.32
CA GLU A 148 8.86 -71.81 7.03
C GLU A 148 8.39 -70.37 7.12
N GLU A 149 7.27 -70.13 7.80
CA GLU A 149 6.77 -68.76 7.95
C GLU A 149 7.64 -67.94 8.89
N GLU A 150 8.19 -68.55 9.94
CA GLU A 150 9.10 -67.83 10.82
C GLU A 150 10.37 -67.43 10.08
N ALA A 151 10.94 -68.35 9.31
CA ALA A 151 12.12 -68.04 8.51
C ALA A 151 11.81 -67.07 7.38
N GLN A 152 10.55 -67.01 6.93
CA GLN A 152 10.18 -66.09 5.86
C GLN A 152 10.34 -64.64 6.29
N VAL A 153 9.90 -64.30 7.50
CA VAL A 153 10.04 -62.94 7.99
C VAL A 153 11.46 -62.67 8.47
N ARG A 154 12.27 -63.71 8.70
CA ARG A 154 13.64 -63.51 9.15
C ARG A 154 14.52 -62.95 8.04
N LYS A 155 14.16 -63.20 6.77
CA LYS A 155 14.97 -62.71 5.67
C LYS A 155 14.95 -61.19 5.60
N GLU A 156 13.75 -60.60 5.63
CA GLU A 156 13.62 -59.15 5.60
C GLU A 156 14.16 -58.55 6.89
N ASN A 157 13.58 -58.96 8.02
CA ASN A 157 13.72 -58.25 9.30
C ASN A 157 15.16 -58.21 9.80
N GLN A 158 16.10 -58.88 9.12
CA GLN A 158 17.52 -58.67 9.38
C GLN A 158 17.95 -57.23 9.08
N TRP A 159 17.18 -56.56 8.22
CA TRP A 159 17.51 -55.15 7.83
C TRP A 159 17.51 -54.24 9.05
N CYS A 160 17.04 -54.73 10.20
CA CYS A 160 16.92 -53.86 11.39
C CYS A 160 17.25 -54.63 12.68
N GLU A 161 18.53 -54.92 12.92
CA GLU A 161 18.94 -55.61 14.17
C GLU A 161 20.13 -54.86 14.79
N PRO B 7 -13.32 -62.57 26.27
CA PRO B 7 -12.43 -63.34 25.38
C PRO B 7 -12.09 -62.59 24.09
N LEU B 8 -11.49 -61.42 24.23
CA LEU B 8 -11.08 -60.61 23.10
C LEU B 8 -9.60 -60.26 23.25
N THR B 9 -8.85 -60.38 22.16
CA THR B 9 -7.42 -60.15 22.16
C THR B 9 -7.07 -59.11 21.09
N LEU B 10 -5.77 -58.80 21.00
CA LEU B 10 -5.32 -57.80 20.02
C LEU B 10 -5.50 -58.29 18.60
N GLU B 11 -5.28 -59.60 18.36
CA GLU B 11 -5.50 -60.15 17.04
C GLU B 11 -6.98 -60.10 16.65
N SER B 12 -7.87 -60.33 17.62
CA SER B 12 -9.30 -60.35 17.34
C SER B 12 -9.89 -58.96 17.07
N LEU B 13 -9.12 -57.89 17.30
CA LEU B 13 -9.60 -56.57 16.97
C LEU B 13 -9.75 -56.40 15.46
N PRO B 14 -10.64 -55.52 15.01
CA PRO B 14 -10.78 -55.28 13.58
C PRO B 14 -9.56 -54.61 12.98
N THR B 15 -9.47 -54.69 11.66
CA THR B 15 -8.31 -54.18 10.95
C THR B 15 -8.18 -52.66 11.02
N ASP B 16 -9.26 -51.95 11.32
CA ASP B 16 -9.22 -50.50 11.36
C ASP B 16 -8.71 -49.91 12.68
N PRO B 17 -9.21 -50.30 13.86
CA PRO B 17 -8.61 -49.74 15.08
C PRO B 17 -7.22 -50.25 15.33
N LEU B 18 -6.90 -51.45 14.84
CA LEU B 18 -5.55 -51.97 14.94
C LEU B 18 -4.57 -51.13 14.13
N LEU B 19 -5.03 -50.55 13.02
CA LEU B 19 -4.19 -49.66 12.25
C LEU B 19 -3.93 -48.34 12.98
N LEU B 20 -4.86 -47.93 13.84
CA LEU B 20 -4.62 -46.75 14.66
C LEU B 20 -3.66 -47.04 15.80
N ILE B 21 -3.72 -48.25 16.37
CA ILE B 21 -2.80 -48.62 17.44
C ILE B 21 -1.37 -48.67 16.90
N LEU B 22 -1.19 -49.29 15.74
CA LEU B 22 0.14 -49.38 15.14
C LEU B 22 0.64 -48.04 14.64
N SER B 23 -0.24 -47.06 14.45
CA SER B 23 0.20 -45.73 14.04
C SER B 23 0.88 -44.99 15.18
N PHE B 24 0.63 -45.37 16.42
CA PHE B 24 1.23 -44.73 17.59
C PHE B 24 2.58 -45.30 17.95
N LEU B 25 3.00 -46.40 17.33
CA LEU B 25 4.26 -47.05 17.65
C LEU B 25 5.41 -46.37 16.92
N ASP B 26 6.61 -46.55 17.47
CA ASP B 26 7.82 -46.08 16.81
C ASP B 26 8.22 -47.06 15.71
N TYR B 27 9.26 -46.70 14.96
CA TYR B 27 9.68 -47.55 13.85
C TYR B 27 10.21 -48.88 14.35
N ARG B 28 10.91 -48.88 15.49
CA ARG B 28 11.45 -50.12 16.06
C ARG B 28 10.33 -51.08 16.44
N ASP B 29 9.21 -50.55 16.95
CA ASP B 29 8.12 -51.42 17.36
C ASP B 29 7.38 -51.99 16.14
N LEU B 30 7.18 -51.17 15.11
CA LEU B 30 6.56 -51.68 13.88
C LEU B 30 7.45 -52.72 13.21
N ILE B 31 8.78 -52.53 13.29
CA ILE B 31 9.70 -53.59 12.88
C ILE B 31 9.50 -54.83 13.73
N ASN B 32 9.36 -54.66 15.04
CA ASN B 32 9.26 -55.80 15.94
C ASN B 32 7.89 -56.46 15.86
N CYS B 33 6.87 -55.73 15.40
CA CYS B 33 5.52 -56.29 15.35
C CYS B 33 5.39 -57.38 14.30
N CYS B 34 6.30 -57.45 13.32
CA CYS B 34 6.24 -58.52 12.32
C CYS B 34 6.53 -59.89 12.91
N TYR B 35 7.18 -59.95 14.07
CA TYR B 35 7.45 -61.21 14.75
C TYR B 35 6.27 -61.69 15.60
N VAL B 36 5.26 -60.85 15.82
CA VAL B 36 4.22 -61.18 16.79
C VAL B 36 3.27 -62.25 16.23
N SER B 37 2.54 -61.91 15.17
CA SER B 37 1.54 -62.82 14.64
C SER B 37 1.39 -62.59 13.14
N ARG B 38 0.76 -63.58 12.48
CA ARG B 38 0.59 -63.50 11.03
C ARG B 38 -0.30 -62.33 10.64
N ARG B 39 -1.38 -62.11 11.39
CA ARG B 39 -2.26 -60.97 11.11
C ARG B 39 -1.53 -59.66 11.33
N LEU B 40 -0.80 -59.55 12.45
CA LEU B 40 -0.04 -58.33 12.72
C LEU B 40 1.13 -58.14 11.76
N SER B 41 1.60 -59.22 11.13
CA SER B 41 2.60 -59.07 10.08
C SER B 41 2.03 -58.36 8.86
N GLN B 42 0.77 -58.68 8.51
CA GLN B 42 0.14 -58.02 7.38
C GLN B 42 -0.17 -56.56 7.70
N LEU B 43 -0.62 -56.27 8.93
CA LEU B 43 -0.97 -54.90 9.28
C LEU B 43 0.26 -54.02 9.47
N SER B 44 1.38 -54.59 9.95
CA SER B 44 2.58 -53.79 10.15
C SER B 44 3.19 -53.37 8.82
N SER B 45 2.92 -54.11 7.74
CA SER B 45 3.42 -53.78 6.42
C SER B 45 2.49 -52.81 5.68
N HIS B 46 1.61 -52.12 6.38
CA HIS B 46 0.72 -51.15 5.76
C HIS B 46 1.52 -49.97 5.24
N ASP B 47 1.26 -49.58 4.00
CA ASP B 47 2.02 -48.49 3.39
C ASP B 47 1.84 -47.14 4.08
N PRO B 48 0.62 -46.68 4.41
CA PRO B 48 0.52 -45.41 5.14
C PRO B 48 1.10 -45.45 6.54
N LEU B 49 1.31 -46.64 7.11
CA LEU B 49 1.94 -46.72 8.43
C LEU B 49 3.38 -46.23 8.37
N TRP B 50 4.11 -46.59 7.32
CA TRP B 50 5.48 -46.12 7.16
C TRP B 50 5.55 -44.81 6.38
N ARG B 51 4.73 -43.84 6.74
CA ARG B 51 4.78 -42.52 6.13
C ARG B 51 5.28 -41.47 7.10
N ARG B 52 4.75 -41.45 8.31
CA ARG B 52 5.29 -40.58 9.34
C ARG B 52 6.64 -41.07 9.84
N HIS B 53 6.97 -42.34 9.62
CA HIS B 53 8.29 -42.84 9.92
C HIS B 53 9.32 -42.45 8.85
N CYS B 54 8.88 -42.07 7.66
CA CYS B 54 9.77 -41.59 6.62
C CYS B 54 9.73 -40.07 6.46
N LYS B 55 8.62 -39.44 6.79
CA LYS B 55 8.52 -37.99 6.69
C LYS B 55 9.08 -37.28 7.90
N LYS B 56 9.56 -38.01 8.89
CA LYS B 56 10.16 -37.41 10.08
C LYS B 56 11.56 -37.93 10.35
N TYR B 57 11.79 -39.23 10.20
CA TYR B 57 13.12 -39.78 10.45
C TYR B 57 14.10 -39.55 9.30
N TRP B 58 13.60 -39.29 8.09
CA TRP B 58 14.47 -39.04 6.96
C TRP B 58 14.09 -37.82 6.15
N LEU B 59 12.97 -37.17 6.48
CA LEU B 59 12.47 -36.00 5.74
C LEU B 59 12.23 -36.29 4.27
N ILE B 60 11.82 -37.52 3.96
CA ILE B 60 11.50 -37.93 2.60
C ILE B 60 10.04 -37.58 2.37
N SER B 61 9.80 -36.47 1.67
CA SER B 61 8.44 -36.01 1.43
C SER B 61 7.80 -36.86 0.33
N GLU B 62 6.52 -36.55 0.03
CA GLU B 62 5.77 -37.33 -0.95
C GLU B 62 6.33 -37.17 -2.35
N GLU B 63 6.89 -36.00 -2.67
CA GLU B 63 7.45 -35.78 -3.99
C GLU B 63 8.64 -36.70 -4.25
N GLU B 64 9.46 -36.94 -3.23
CA GLU B 64 10.57 -37.88 -3.37
C GLU B 64 10.08 -39.29 -3.61
N LYS B 65 8.97 -39.68 -2.95
CA LYS B 65 8.39 -40.99 -3.20
C LYS B 65 7.89 -41.11 -4.63
N THR B 66 7.19 -40.08 -5.11
CA THR B 66 6.67 -40.12 -6.48
C THR B 66 7.79 -40.12 -7.51
N GLN B 67 8.88 -39.42 -7.23
CA GLN B 67 10.04 -39.46 -8.14
C GLN B 67 10.70 -40.82 -8.12
N LYS B 68 10.87 -41.41 -6.93
CA LYS B 68 11.51 -42.72 -6.83
C LYS B 68 10.57 -43.85 -7.24
N ASN B 69 9.26 -43.64 -7.09
CA ASN B 69 8.23 -44.62 -7.45
C ASN B 69 8.45 -45.94 -6.71
N GLN B 70 8.46 -45.86 -5.39
CA GLN B 70 8.64 -47.02 -4.53
C GLN B 70 7.73 -46.87 -3.33
N CYS B 71 7.31 -48.00 -2.76
CA CYS B 71 6.41 -47.98 -1.62
C CYS B 71 7.13 -47.47 -0.38
N TRP B 72 6.34 -47.00 0.59
CA TRP B 72 6.89 -46.30 1.75
C TRP B 72 7.77 -47.20 2.60
N LYS B 73 7.35 -48.45 2.82
CA LYS B 73 8.14 -49.37 3.63
C LYS B 73 9.48 -49.68 2.96
N SER B 74 9.47 -49.86 1.64
CA SER B 74 10.73 -50.07 0.93
C SER B 74 11.60 -48.82 0.93
N LEU B 75 10.98 -47.63 0.93
CA LEU B 75 11.75 -46.40 1.10
C LEU B 75 12.43 -46.35 2.45
N PHE B 76 11.74 -46.80 3.50
CA PHE B 76 12.36 -46.83 4.82
C PHE B 76 13.48 -47.87 4.87
N ILE B 77 13.25 -49.05 4.30
CA ILE B 77 14.26 -50.12 4.36
C ILE B 77 15.49 -49.73 3.55
N ASP B 78 15.28 -49.21 2.35
CA ASP B 78 16.40 -48.83 1.48
C ASP B 78 17.23 -47.71 2.11
N THR B 79 16.56 -46.72 2.71
CA THR B 79 17.29 -45.65 3.38
C THR B 79 18.01 -46.16 4.63
N TYR B 80 17.36 -47.05 5.39
CA TYR B 80 17.99 -47.60 6.58
C TYR B 80 19.17 -48.51 6.25
N SER B 81 19.26 -49.00 5.02
CA SER B 81 20.44 -49.77 4.61
C SER B 81 21.59 -48.89 4.16
N ASP B 82 21.38 -47.56 4.11
CA ASP B 82 22.41 -46.62 3.68
C ASP B 82 22.85 -45.70 4.80
N VAL B 83 21.92 -45.00 5.44
CA VAL B 83 22.23 -44.07 6.52
C VAL B 83 21.51 -44.48 7.82
N GLY B 84 21.22 -45.77 7.98
CA GLY B 84 20.42 -46.23 9.09
C GLY B 84 21.12 -46.15 10.44
N ARG B 85 22.44 -46.17 10.45
CA ARG B 85 23.18 -46.09 11.70
C ARG B 85 23.04 -44.73 12.37
N TYR B 86 22.56 -43.71 11.65
CA TYR B 86 22.49 -42.35 12.15
C TYR B 86 21.06 -41.82 12.14
N ILE B 87 20.10 -42.69 12.43
CA ILE B 87 18.69 -42.33 12.32
C ILE B 87 18.31 -41.28 13.36
N ASP B 88 19.01 -41.24 14.50
CA ASP B 88 18.66 -40.29 15.55
C ASP B 88 19.15 -38.88 15.27
N HIS B 89 20.02 -38.69 14.28
CA HIS B 89 20.55 -37.38 13.94
C HIS B 89 20.35 -37.00 12.49
N TYR B 90 19.93 -37.94 11.63
CA TYR B 90 19.78 -37.67 10.21
C TYR B 90 18.71 -36.62 9.95
N ALA B 91 17.64 -36.63 10.74
CA ALA B 91 16.57 -35.64 10.56
C ALA B 91 17.11 -34.22 10.73
N ALA B 92 17.81 -33.96 11.84
CA ALA B 92 18.35 -32.64 12.10
C ALA B 92 19.42 -32.26 11.09
N ILE B 93 20.31 -33.20 10.76
CA ILE B 93 21.41 -32.89 9.84
C ILE B 93 20.89 -32.59 8.44
N LYS B 94 19.96 -33.41 7.94
CA LYS B 94 19.41 -33.15 6.61
C LYS B 94 18.52 -31.93 6.59
N LYS B 95 17.84 -31.63 7.71
CA LYS B 95 17.07 -30.39 7.78
C LYS B 95 18.00 -29.18 7.67
N ALA B 96 19.13 -29.21 8.36
CA ALA B 96 20.10 -28.13 8.25
C ALA B 96 20.68 -28.03 6.85
N TRP B 97 21.03 -29.17 6.25
CA TRP B 97 21.62 -29.16 4.92
C TRP B 97 20.63 -28.67 3.87
N ASP B 98 19.35 -29.07 3.99
CA ASP B 98 18.32 -28.61 3.07
C ASP B 98 17.97 -27.15 3.28
N ASP B 99 18.02 -26.65 4.52
CA ASP B 99 17.83 -25.23 4.74
C ASP B 99 18.98 -24.42 4.14
N LEU B 100 20.20 -24.92 4.27
CA LEU B 100 21.35 -24.23 3.68
C LEU B 100 21.30 -24.29 2.16
N LYS B 101 21.13 -25.48 1.59
CA LYS B 101 21.22 -25.64 0.15
C LYS B 101 20.01 -25.10 -0.60
N LYS B 102 18.93 -24.74 0.10
CA LYS B 102 17.81 -24.05 -0.51
C LYS B 102 17.93 -22.54 -0.41
N TYR B 103 18.44 -22.03 0.72
CA TYR B 103 18.59 -20.59 0.92
C TYR B 103 19.75 -20.01 0.12
N LEU B 104 20.89 -20.71 0.06
CA LEU B 104 22.04 -20.17 -0.66
C LEU B 104 21.91 -20.27 -2.18
N GLU B 105 20.99 -21.09 -2.69
CA GLU B 105 20.86 -21.24 -4.13
C GLU B 105 20.45 -19.95 -4.84
N PRO B 106 19.44 -19.18 -4.37
CA PRO B 106 19.20 -17.89 -5.03
C PRO B 106 20.27 -16.85 -4.74
N ARG B 107 21.04 -17.00 -3.66
CA ARG B 107 22.02 -15.98 -3.29
C ARG B 107 23.40 -16.30 -3.84
N CYS B 108 23.97 -17.45 -3.47
CA CYS B 108 25.32 -17.85 -3.88
C CYS B 108 25.27 -19.25 -4.48
N PRO B 109 24.85 -19.37 -5.74
CA PRO B 109 24.86 -20.70 -6.38
C PRO B 109 26.25 -21.26 -6.59
N ARG B 110 27.30 -20.43 -6.53
CA ARG B 110 28.66 -20.94 -6.65
C ARG B 110 29.01 -21.89 -5.52
N MET B 111 28.59 -21.56 -4.29
CA MET B 111 28.85 -22.45 -3.16
C MET B 111 28.08 -23.75 -3.29
N VAL B 112 26.84 -23.69 -3.76
CA VAL B 112 26.04 -24.90 -3.95
C VAL B 112 26.66 -25.78 -5.03
N LEU B 113 27.11 -25.19 -6.13
CA LEU B 113 27.74 -25.97 -7.19
C LEU B 113 29.10 -26.51 -6.77
N SER B 114 29.77 -25.83 -5.84
CA SER B 114 31.05 -26.31 -5.34
C SER B 114 30.90 -27.50 -4.39
N LEU B 115 29.69 -27.76 -3.91
CA LEU B 115 29.46 -28.86 -2.99
C LEU B 115 29.57 -30.19 -3.72
N LYS B 116 30.34 -31.10 -3.14
CA LYS B 116 30.50 -32.44 -3.69
C LYS B 116 29.29 -33.30 -3.33
N GLU B 117 29.21 -34.48 -3.93
CA GLU B 117 28.17 -35.43 -3.61
C GLU B 117 28.51 -36.12 -2.29
N GLY B 118 27.68 -37.10 -1.90
CA GLY B 118 27.89 -37.78 -0.64
C GLY B 118 29.13 -38.64 -0.65
N ALA B 119 29.66 -38.90 0.54
CA ALA B 119 30.82 -39.75 0.71
C ALA B 119 30.39 -41.13 1.17
N ARG B 120 31.00 -42.16 0.59
CA ARG B 120 30.65 -43.53 0.91
C ARG B 120 31.15 -43.90 2.30
N GLU B 121 30.62 -45.02 2.82
CA GLU B 121 31.06 -45.51 4.12
C GLU B 121 32.50 -45.99 4.09
N GLU B 122 32.99 -46.40 2.92
CA GLU B 122 34.36 -46.90 2.81
C GLU B 122 35.38 -45.80 3.10
N ASP B 123 35.16 -44.59 2.59
CA ASP B 123 36.07 -43.49 2.86
C ASP B 123 36.07 -43.12 4.34
N LEU B 124 34.88 -43.10 4.96
CA LEU B 124 34.81 -42.78 6.38
C LEU B 124 35.50 -43.84 7.23
N ASP B 125 35.33 -45.12 6.89
CA ASP B 125 36.03 -46.18 7.60
C ASP B 125 37.54 -46.11 7.37
N ALA B 126 37.97 -45.70 6.17
CA ALA B 126 39.39 -45.51 5.92
C ALA B 126 39.94 -44.37 6.76
N VAL B 127 39.18 -43.30 6.92
CA VAL B 127 39.58 -42.20 7.79
C VAL B 127 39.69 -42.68 9.24
N GLU B 128 38.72 -43.48 9.68
CA GLU B 128 38.76 -44.04 11.03
C GLU B 128 40.00 -44.91 11.23
N ALA B 129 40.34 -45.71 10.22
CA ALA B 129 41.53 -46.55 10.32
C ALA B 129 42.82 -45.72 10.31
N GLN B 130 42.85 -44.66 9.50
CA GLN B 130 44.05 -43.84 9.41
C GLN B 130 44.30 -43.06 10.69
N ILE B 131 43.27 -42.45 11.26
CA ILE B 131 43.44 -41.74 12.53
C ILE B 131 43.49 -42.69 13.72
N GLY B 132 43.15 -43.96 13.53
CA GLY B 132 43.22 -44.94 14.58
C GLY B 132 42.13 -44.85 15.63
N CYS B 133 41.09 -44.05 15.38
CA CYS B 133 40.01 -43.86 16.34
C CYS B 133 38.68 -43.93 15.60
N LYS B 134 37.60 -43.61 16.30
CA LYS B 134 36.25 -43.64 15.75
C LYS B 134 35.68 -42.22 15.72
N LEU B 135 35.20 -41.81 14.55
CA LEU B 135 34.63 -40.49 14.39
C LEU B 135 33.29 -40.41 15.10
N PRO B 136 32.87 -39.20 15.51
CA PRO B 136 31.54 -39.04 16.09
C PRO B 136 30.44 -39.42 15.10
N ASP B 137 29.37 -40.02 15.63
CA ASP B 137 28.31 -40.54 14.78
C ASP B 137 27.56 -39.42 14.07
N ASP B 138 27.39 -38.27 14.73
CA ASP B 138 26.75 -37.14 14.07
C ASP B 138 27.67 -36.50 13.04
N TYR B 139 28.98 -36.55 13.27
CA TYR B 139 29.93 -36.08 12.26
C TYR B 139 29.85 -36.92 11.00
N ARG B 140 29.75 -38.24 11.17
CA ARG B 140 29.69 -39.15 10.03
C ARG B 140 28.42 -38.96 9.22
N CYS B 141 27.32 -38.57 9.87
CA CYS B 141 26.02 -38.51 9.20
C CYS B 141 25.98 -37.38 8.18
N SER B 142 26.59 -36.24 8.48
CA SER B 142 26.57 -35.13 7.54
C SER B 142 27.39 -35.43 6.30
N TYR B 143 28.53 -36.11 6.48
CA TYR B 143 29.39 -36.43 5.35
C TYR B 143 28.82 -37.55 4.49
N ARG B 144 27.84 -38.29 4.99
CA ARG B 144 27.08 -39.19 4.14
C ARG B 144 26.13 -38.44 3.21
N ILE B 145 25.82 -37.19 3.54
CA ILE B 145 24.98 -36.35 2.69
C ILE B 145 25.81 -35.49 1.76
N HIS B 146 26.90 -34.91 2.26
CA HIS B 146 27.77 -34.08 1.43
C HIS B 146 29.20 -34.20 1.95
N ASN B 147 30.11 -34.60 1.07
CA ASN B 147 31.52 -34.72 1.44
C ASN B 147 32.17 -33.36 1.71
N GLY B 148 31.55 -32.27 1.28
CA GLY B 148 32.09 -30.95 1.53
C GLY B 148 32.33 -30.16 0.26
N GLN B 149 33.51 -29.56 0.16
CA GLN B 149 33.85 -28.72 -0.98
C GLN B 149 35.30 -28.96 -1.37
N LYS B 150 35.60 -28.66 -2.63
CA LYS B 150 36.99 -28.54 -3.05
C LYS B 150 37.62 -27.31 -2.39
N LEU B 151 38.92 -27.38 -2.16
CA LEU B 151 39.63 -26.34 -1.41
C LEU B 151 39.76 -25.10 -2.29
N VAL B 152 38.66 -24.34 -2.40
CA VAL B 152 38.60 -23.12 -3.19
C VAL B 152 37.90 -22.04 -2.39
N VAL B 153 38.14 -20.80 -2.80
CA VAL B 153 37.52 -19.62 -2.20
C VAL B 153 36.36 -19.20 -3.10
N PRO B 154 35.16 -18.92 -2.57
CA PRO B 154 34.76 -18.91 -1.15
C PRO B 154 34.40 -20.30 -0.62
N GLY B 155 34.33 -20.43 0.70
CA GLY B 155 33.96 -21.67 1.33
C GLY B 155 32.49 -21.73 1.70
N LEU B 156 32.18 -22.60 2.66
CA LEU B 156 30.80 -22.78 3.12
C LEU B 156 30.57 -22.31 4.55
N LEU B 157 31.60 -22.24 5.38
CA LEU B 157 31.43 -21.92 6.80
C LEU B 157 31.74 -20.45 7.08
N GLY B 158 31.41 -19.57 6.15
CA GLY B 158 31.57 -18.15 6.40
C GLY B 158 32.77 -17.57 5.67
N SER B 159 32.69 -16.27 5.38
CA SER B 159 33.77 -15.56 4.68
C SER B 159 33.83 -14.15 5.27
N MET B 160 34.83 -13.89 6.10
CA MET B 160 35.02 -12.59 6.73
C MET B 160 36.09 -11.80 5.99
N ALA B 161 35.72 -10.61 5.53
CA ALA B 161 36.59 -9.81 4.66
C ALA B 161 37.27 -8.71 5.47
N LEU B 162 38.59 -8.70 5.43
CA LEU B 162 39.40 -7.65 6.05
C LEU B 162 40.47 -7.23 5.05
N SER B 163 40.98 -6.01 5.23
CA SER B 163 41.90 -5.43 4.25
C SER B 163 43.21 -6.21 4.16
N ASN B 164 43.75 -6.63 5.30
CA ASN B 164 45.05 -7.29 5.34
C ASN B 164 44.98 -8.76 5.72
N HIS B 165 43.79 -9.31 5.95
CA HIS B 165 43.67 -10.69 6.39
C HIS B 165 42.31 -11.21 5.96
N TYR B 166 42.29 -12.01 4.90
CA TYR B 166 41.04 -12.55 4.37
C TYR B 166 40.69 -13.84 5.09
N ARG B 167 39.51 -13.88 5.68
CA ARG B 167 39.01 -15.04 6.40
C ARG B 167 37.86 -15.66 5.61
N SER B 168 38.08 -16.87 5.12
CA SER B 168 37.05 -17.59 4.36
C SER B 168 37.35 -19.07 4.46
N GLU B 169 36.47 -19.83 5.10
CA GLU B 169 36.70 -21.22 5.40
C GLU B 169 35.69 -22.11 4.69
N ASP B 170 36.17 -23.26 4.21
CA ASP B 170 35.33 -24.27 3.57
C ASP B 170 35.29 -25.53 4.41
N LEU B 171 34.25 -26.33 4.19
CA LEU B 171 34.08 -27.59 4.91
C LEU B 171 35.02 -28.61 4.29
N LEU B 172 35.98 -29.10 5.07
CA LEU B 172 36.96 -30.04 4.57
C LEU B 172 36.33 -31.38 4.23
N ASP B 173 36.89 -32.05 3.24
CA ASP B 173 36.49 -33.42 2.94
C ASP B 173 37.16 -34.37 3.93
N VAL B 174 36.76 -35.64 3.87
CA VAL B 174 37.29 -36.63 4.80
C VAL B 174 38.77 -36.89 4.54
N ASP B 175 39.20 -36.86 3.27
CA ASP B 175 40.60 -37.14 2.97
C ASP B 175 41.52 -36.02 3.46
N THR B 176 41.11 -34.76 3.26
CA THR B 176 41.90 -33.65 3.77
C THR B 176 41.89 -33.60 5.28
N ALA B 177 40.77 -33.97 5.91
CA ALA B 177 40.71 -34.05 7.36
C ALA B 177 41.64 -35.13 7.89
N ALA B 178 41.69 -36.28 7.22
CA ALA B 178 42.59 -37.34 7.63
C ALA B 178 44.06 -36.93 7.44
N GLY B 179 44.35 -36.24 6.34
CA GLY B 179 45.71 -35.77 6.13
C GLY B 179 46.14 -34.72 7.15
N GLY B 180 45.24 -33.83 7.51
CA GLY B 180 45.49 -32.79 8.49
C GLY B 180 45.15 -33.16 9.92
N PHE B 181 44.91 -34.44 10.19
CA PHE B 181 44.57 -34.87 11.55
C PHE B 181 45.73 -34.60 12.50
N GLN B 182 45.39 -34.06 13.67
CA GLN B 182 46.39 -33.61 14.62
C GLN B 182 46.70 -34.70 15.65
N GLN B 183 47.98 -34.88 15.94
CA GLN B 183 48.42 -35.83 16.95
C GLN B 183 49.44 -35.23 17.90
N ARG B 184 49.97 -34.05 17.61
CA ARG B 184 51.00 -33.43 18.43
C ARG B 184 50.44 -33.03 19.80
N GLN B 185 51.35 -32.73 20.72
CA GLN B 185 50.97 -32.31 22.06
C GLN B 185 50.22 -30.99 22.01
N GLY B 186 49.31 -30.79 22.96
CA GLY B 186 48.38 -29.69 22.86
C GLY B 186 47.10 -30.15 22.20
N LEU B 187 47.01 -29.96 20.88
CA LEU B 187 45.87 -30.45 20.12
C LEU B 187 45.94 -31.96 19.97
N LYS B 188 45.64 -32.67 21.06
CA LYS B 188 45.71 -34.13 21.09
C LYS B 188 44.35 -34.72 20.77
N TYR B 189 44.32 -35.70 19.87
CA TYR B 189 43.09 -36.35 19.40
C TYR B 189 42.10 -35.32 18.86
N CYS B 190 42.61 -34.43 18.01
CA CYS B 190 41.80 -33.39 17.39
C CYS B 190 41.84 -33.55 15.87
N LEU B 191 40.68 -33.40 15.25
CA LEU B 191 40.55 -33.55 13.80
C LEU B 191 39.94 -32.28 13.22
N PRO B 192 40.69 -31.52 12.42
CA PRO B 192 40.10 -30.34 11.77
C PRO B 192 39.09 -30.74 10.72
N LEU B 193 38.06 -29.91 10.58
CA LEU B 193 37.07 -30.10 9.53
C LEU B 193 36.89 -28.85 8.69
N THR B 194 37.78 -27.88 8.81
CA THR B 194 37.71 -26.67 8.00
C THR B 194 39.12 -26.15 7.77
N PHE B 195 39.25 -25.33 6.72
CA PHE B 195 40.55 -24.76 6.35
C PHE B 195 40.29 -23.47 5.61
N CYS B 196 41.33 -22.64 5.49
CA CYS B 196 41.18 -21.32 4.90
C CYS B 196 41.94 -21.13 3.59
N ILE B 197 42.97 -21.93 3.31
CA ILE B 197 43.85 -21.82 2.15
C ILE B 197 44.63 -20.50 2.19
N HIS B 198 43.92 -19.38 2.31
CA HIS B 198 44.57 -18.09 2.50
C HIS B 198 45.41 -18.07 3.77
N THR B 199 44.86 -18.57 4.87
CA THR B 199 45.54 -18.65 6.16
C THR B 199 45.50 -20.08 6.67
N GLY B 200 45.94 -20.27 7.91
CA GLY B 200 46.04 -21.60 8.48
C GLY B 200 45.17 -21.85 9.70
N LEU B 201 43.94 -21.33 9.69
CA LEU B 201 43.02 -21.55 10.79
C LEU B 201 42.17 -22.78 10.52
N SER B 202 42.02 -23.63 11.53
CA SER B 202 41.28 -24.88 11.38
C SER B 202 40.58 -25.18 12.69
N GLN B 203 39.25 -25.05 12.70
CA GLN B 203 38.45 -25.39 13.86
C GLN B 203 38.44 -26.90 14.03
N TYR B 204 39.23 -27.41 14.96
CA TYR B 204 39.34 -28.85 15.14
C TYR B 204 38.11 -29.41 15.84
N ILE B 205 37.83 -30.68 15.58
CA ILE B 205 36.81 -31.42 16.29
C ILE B 205 37.50 -32.33 17.30
N ALA B 206 36.75 -32.77 18.30
CA ALA B 206 37.28 -33.65 19.34
C ALA B 206 36.75 -35.06 19.12
N VAL B 207 37.67 -36.02 19.04
CA VAL B 207 37.29 -37.42 18.88
C VAL B 207 37.55 -38.25 20.14
N GLU B 208 38.34 -37.75 21.09
CA GLU B 208 38.44 -38.32 22.42
C GLU B 208 38.54 -37.20 23.43
N ALA B 209 37.85 -37.34 24.56
CA ALA B 209 37.88 -36.36 25.64
C ALA B 209 39.11 -36.63 26.50
N ALA B 210 40.22 -35.99 26.13
CA ALA B 210 41.47 -36.16 26.86
C ALA B 210 42.29 -34.90 26.73
N GLU B 211 43.23 -34.73 27.66
CA GLU B 211 44.10 -33.55 27.75
C GLU B 211 43.29 -32.26 27.85
N GLY B 212 42.32 -32.26 28.77
CA GLY B 212 41.50 -31.09 29.00
C GLY B 212 40.58 -30.73 27.84
N ARG B 213 39.95 -31.71 27.23
CA ARG B 213 39.05 -31.49 26.10
C ARG B 213 37.72 -32.17 26.36
N ASN B 214 36.63 -31.48 26.01
CA ASN B 214 35.32 -32.10 26.03
C ASN B 214 35.12 -32.93 24.76
N LYS B 215 34.49 -34.09 24.92
CA LYS B 215 34.20 -34.95 23.78
C LYS B 215 33.23 -34.27 22.84
N ASN B 216 33.61 -34.22 21.55
CA ASN B 216 32.81 -33.60 20.49
C ASN B 216 32.51 -32.14 20.80
N GLU B 217 33.57 -31.34 20.79
CA GLU B 217 33.44 -29.90 20.95
C GLU B 217 34.13 -29.19 19.80
N VAL B 218 33.63 -28.01 19.47
CA VAL B 218 34.10 -27.23 18.33
C VAL B 218 34.90 -26.05 18.87
N PHE B 219 36.21 -26.05 18.62
CA PHE B 219 37.09 -25.01 19.13
C PHE B 219 38.01 -24.52 18.02
N TYR B 220 38.36 -23.24 18.11
CA TYR B 220 39.29 -22.62 17.18
C TYR B 220 40.72 -23.06 17.50
N GLN B 221 41.68 -22.46 16.79
CA GLN B 221 43.09 -22.81 17.03
C GLN B 221 43.60 -22.12 18.29
N CYS B 222 43.61 -20.78 18.29
CA CYS B 222 44.04 -19.92 19.40
C CYS B 222 45.41 -20.32 19.96
N PRO B 223 46.50 -20.07 19.22
CA PRO B 223 47.81 -20.42 19.75
C PRO B 223 48.21 -19.51 20.90
N ASP B 224 48.94 -20.07 21.86
CA ASP B 224 49.45 -19.28 22.97
C ASP B 224 50.68 -18.50 22.54
N GLN B 225 50.78 -17.26 23.01
CA GLN B 225 51.88 -16.38 22.65
C GLN B 225 52.88 -16.18 23.77
N MET B 226 52.42 -16.06 25.02
CA MET B 226 53.34 -15.90 26.13
C MET B 226 54.11 -17.18 26.41
N ALA B 227 53.43 -18.33 26.36
CA ALA B 227 54.08 -19.60 26.63
C ALA B 227 54.91 -20.05 25.43
N ARG B 228 56.18 -20.36 25.68
CA ARG B 228 57.06 -20.85 24.62
C ARG B 228 56.93 -22.35 24.40
N ASN B 229 56.21 -23.06 25.26
CA ASN B 229 56.01 -24.49 25.10
C ASN B 229 55.01 -24.73 23.98
N PRO B 230 55.37 -25.48 22.93
CA PRO B 230 54.40 -25.76 21.85
C PRO B 230 53.20 -26.56 22.31
N ALA B 231 53.29 -27.30 23.42
CA ALA B 231 52.16 -28.04 23.94
C ALA B 231 51.10 -27.15 24.55
N ALA B 232 51.39 -25.88 24.78
CA ALA B 232 50.41 -24.94 25.33
C ALA B 232 49.63 -24.31 24.19
N ILE B 233 48.44 -24.84 23.93
CA ILE B 233 47.56 -24.33 22.89
C ILE B 233 46.18 -24.07 23.52
N ASP B 234 45.68 -22.85 23.36
CA ASP B 234 44.41 -22.45 23.94
C ASP B 234 43.27 -22.84 23.00
N MET B 235 42.06 -22.41 23.33
CA MET B 235 40.88 -22.81 22.58
C MET B 235 39.86 -21.68 22.57
N PHE B 236 38.91 -21.79 21.62
CA PHE B 236 37.77 -20.89 21.53
C PHE B 236 36.55 -21.76 21.22
N ILE B 237 35.84 -22.20 22.26
CA ILE B 237 34.75 -23.15 22.08
C ILE B 237 33.57 -22.48 21.39
N ILE B 238 33.41 -22.75 20.09
CA ILE B 238 32.35 -22.13 19.32
C ILE B 238 30.98 -22.65 19.77
N GLY B 239 30.88 -23.94 20.02
CA GLY B 239 29.62 -24.48 20.47
C GLY B 239 29.74 -25.92 20.92
N ALA B 240 28.59 -26.58 20.97
CA ALA B 240 28.47 -27.97 21.40
C ALA B 240 28.85 -28.91 20.26
N THR B 241 28.43 -30.17 20.36
CA THR B 241 28.77 -31.20 19.39
C THR B 241 28.35 -30.81 17.97
N PHE B 242 28.81 -31.63 17.03
CA PHE B 242 28.72 -31.32 15.59
C PHE B 242 27.31 -30.94 15.15
N THR B 243 26.30 -31.66 15.64
CA THR B 243 24.92 -31.35 15.27
C THR B 243 24.54 -29.95 15.70
N ASP B 244 24.84 -29.60 16.96
CA ASP B 244 24.50 -28.27 17.46
C ASP B 244 25.25 -27.18 16.72
N TRP B 245 26.54 -27.39 16.47
CA TRP B 245 27.34 -26.41 15.76
C TRP B 245 26.82 -26.17 14.35
N PHE B 246 26.56 -27.26 13.62
CA PHE B 246 26.09 -27.12 12.24
C PHE B 246 24.70 -26.53 12.18
N THR B 247 23.80 -26.96 13.07
CA THR B 247 22.45 -26.42 13.06
C THR B 247 22.43 -24.95 13.45
N SER B 248 23.28 -24.56 14.41
CA SER B 248 23.38 -23.15 14.77
C SER B 248 23.90 -22.31 13.62
N TYR B 249 24.93 -22.79 12.93
CA TYR B 249 25.44 -22.06 11.78
C TYR B 249 24.40 -21.96 10.67
N VAL B 250 23.68 -23.04 10.41
CA VAL B 250 22.66 -23.03 9.36
C VAL B 250 21.53 -22.08 9.72
N LYS B 251 21.09 -22.10 10.98
CA LYS B 251 20.02 -21.20 11.41
C LYS B 251 20.46 -19.75 11.34
N ASN B 252 21.71 -19.46 11.71
CA ASN B 252 22.23 -18.10 11.56
C ASN B 252 22.27 -17.67 10.11
N VAL B 253 22.66 -18.58 9.21
CA VAL B 253 22.76 -18.23 7.80
C VAL B 253 21.39 -17.97 7.19
N VAL B 254 20.43 -18.87 7.46
CA VAL B 254 19.16 -18.78 6.75
C VAL B 254 18.19 -17.82 7.41
N SER B 255 18.33 -17.58 8.72
CA SER B 255 17.40 -16.67 9.40
C SER B 255 17.75 -15.22 9.16
N GLY B 256 18.97 -14.93 8.73
CA GLY B 256 19.46 -13.57 8.61
C GLY B 256 20.48 -13.18 9.66
N GLY B 257 20.82 -14.07 10.59
CA GLY B 257 21.85 -13.77 11.56
C GLY B 257 23.21 -13.59 10.93
N PHE B 258 23.49 -14.37 9.88
CA PHE B 258 24.70 -14.18 9.09
C PHE B 258 24.31 -13.56 7.76
N PRO B 259 24.54 -12.27 7.56
CA PRO B 259 24.11 -11.63 6.31
C PRO B 259 24.95 -12.08 5.13
N ILE B 260 24.34 -12.01 3.95
CA ILE B 260 24.98 -12.40 2.70
C ILE B 260 25.28 -11.13 1.93
N ILE B 261 26.57 -10.83 1.77
CA ILE B 261 27.02 -9.65 1.07
C ILE B 261 28.25 -10.02 0.24
N ARG B 262 28.46 -9.27 -0.85
CA ARG B 262 29.58 -9.46 -1.77
C ARG B 262 29.62 -10.88 -2.32
N ASP B 263 28.44 -11.44 -2.57
CA ASP B 263 28.28 -12.81 -3.10
C ASP B 263 28.96 -13.85 -2.22
N GLN B 264 28.92 -13.63 -0.91
CA GLN B 264 29.59 -14.52 0.03
C GLN B 264 28.81 -14.55 1.34
N ILE B 265 29.04 -15.60 2.11
CA ILE B 265 28.43 -15.75 3.43
C ILE B 265 29.37 -15.16 4.46
N PHE B 266 28.91 -14.16 5.19
CA PHE B 266 29.74 -13.44 6.14
C PHE B 266 29.35 -13.78 7.57
N ARG B 267 30.31 -13.65 8.48
CA ARG B 267 30.07 -13.87 9.91
C ARG B 267 29.94 -12.50 10.58
N TYR B 268 28.74 -11.94 10.49
CA TYR B 268 28.37 -10.68 11.14
C TYR B 268 27.21 -10.95 12.08
N VAL B 269 27.51 -11.24 13.34
CA VAL B 269 26.46 -11.40 14.33
C VAL B 269 25.85 -10.04 14.62
N HIS B 270 24.64 -9.81 14.10
CA HIS B 270 24.01 -8.49 14.12
C HIS B 270 22.73 -8.56 14.93
N ASP B 271 22.62 -7.72 15.95
CA ASP B 271 21.40 -7.61 16.72
C ASP B 271 20.60 -6.40 16.25
N PRO B 272 19.36 -6.57 15.79
CA PRO B 272 18.58 -5.42 15.31
C PRO B 272 18.30 -4.39 16.39
N GLU B 273 18.22 -4.80 17.66
CA GLU B 273 17.95 -3.85 18.74
C GLU B 273 19.15 -2.97 19.07
N CYS B 274 20.34 -3.33 18.60
CA CYS B 274 21.54 -2.52 18.83
C CYS B 274 21.65 -1.41 17.77
N VAL B 275 20.67 -0.52 17.78
CA VAL B 275 20.57 0.57 16.82
C VAL B 275 20.33 1.86 17.59
N ALA B 276 20.96 2.95 17.14
CA ALA B 276 20.88 4.26 17.76
C ALA B 276 20.64 5.33 16.70
N THR B 277 19.62 5.10 15.86
CA THR B 277 19.28 5.99 14.76
C THR B 277 19.04 7.43 15.22
N THR B 278 19.89 8.33 14.75
CA THR B 278 19.78 9.75 15.06
C THR B 278 19.29 10.48 13.81
N GLY B 279 18.18 11.20 13.96
CA GLY B 279 17.57 11.85 12.82
C GLY B 279 16.92 10.88 11.87
N ASP B 280 17.47 10.76 10.66
CA ASP B 280 16.92 9.86 9.65
C ASP B 280 17.98 8.89 9.11
N ILE B 281 19.05 8.66 9.86
CA ILE B 281 20.16 7.82 9.44
C ILE B 281 20.23 6.62 10.37
N THR B 282 20.02 5.43 9.83
CA THR B 282 20.16 4.20 10.61
C THR B 282 21.63 3.84 10.73
N VAL B 283 22.05 3.52 11.95
CA VAL B 283 23.46 3.34 12.27
C VAL B 283 23.67 1.94 12.84
N SER B 284 22.89 0.98 12.35
CA SER B 284 23.02 -0.41 12.80
C SER B 284 24.41 -0.95 12.48
N VAL B 285 25.04 -1.56 13.48
CA VAL B 285 26.42 -2.03 13.38
C VAL B 285 26.46 -3.53 13.59
N SER B 286 27.21 -4.23 12.75
CA SER B 286 27.40 -5.66 12.88
C SER B 286 28.45 -5.96 13.95
N THR B 287 28.89 -7.21 14.03
CA THR B 287 29.88 -7.64 15.01
C THR B 287 30.53 -8.92 14.50
N SER B 288 31.85 -9.02 14.69
CA SER B 288 32.56 -10.24 14.32
C SER B 288 33.76 -10.42 15.24
N PHE B 289 34.23 -11.67 15.32
CA PHE B 289 35.36 -12.03 16.16
C PHE B 289 36.32 -12.88 15.34
N LEU B 290 37.61 -12.58 15.44
CA LEU B 290 38.65 -13.28 14.69
C LEU B 290 39.74 -13.76 15.63
N PRO B 291 39.88 -15.07 15.86
CA PRO B 291 40.97 -15.58 16.71
C PRO B 291 42.30 -15.71 16.01
N GLU B 292 42.41 -15.36 14.73
CA GLU B 292 43.70 -15.40 14.05
C GLU B 292 44.66 -14.37 14.64
N LEU B 293 44.16 -13.18 14.94
CA LEU B 293 44.94 -12.12 15.56
C LEU B 293 44.61 -11.99 17.04
N SER B 294 44.37 -13.12 17.71
CA SER B 294 43.96 -13.12 19.10
C SER B 294 44.63 -14.26 19.85
N SER B 295 44.78 -14.07 21.16
CA SER B 295 45.28 -15.10 22.05
C SER B 295 44.79 -14.78 23.46
N VAL B 296 44.70 -15.83 24.29
CA VAL B 296 44.22 -15.64 25.66
C VAL B 296 45.23 -14.86 26.47
N HIS B 297 46.51 -15.19 26.34
CA HIS B 297 47.54 -14.46 27.06
C HIS B 297 48.72 -14.19 26.12
N PRO B 298 48.98 -12.93 25.75
CA PRO B 298 48.30 -11.71 26.18
C PRO B 298 46.93 -11.51 25.53
N PRO B 299 45.95 -11.02 26.30
CA PRO B 299 44.60 -10.86 25.77
C PRO B 299 44.49 -9.76 24.74
N HIS B 300 44.26 -10.13 23.48
CA HIS B 300 44.03 -9.17 22.40
C HIS B 300 42.56 -9.21 21.96
N TYR B 301 42.07 -10.40 21.59
CA TYR B 301 40.67 -10.65 21.25
C TYR B 301 40.18 -9.70 20.15
N PHE B 302 40.82 -9.85 18.99
CA PHE B 302 40.64 -8.92 17.88
C PHE B 302 39.21 -8.98 17.37
N PHE B 303 38.45 -7.92 17.62
CA PHE B 303 37.10 -7.78 17.09
C PHE B 303 37.12 -6.88 15.87
N THR B 304 36.14 -7.10 14.99
CA THR B 304 35.97 -6.26 13.82
C THR B 304 34.50 -6.28 13.44
N TYR B 305 34.08 -5.25 12.72
CA TYR B 305 32.69 -5.14 12.30
C TYR B 305 32.58 -4.14 11.16
N ARG B 306 31.53 -4.29 10.36
CA ARG B 306 31.25 -3.38 9.26
C ARG B 306 30.07 -2.50 9.67
N ILE B 307 30.33 -1.21 9.83
CA ILE B 307 29.29 -0.27 10.23
C ILE B 307 28.48 0.10 8.99
N ARG B 308 27.23 -0.37 8.93
CA ARG B 308 26.34 -0.10 7.81
C ARG B 308 25.50 1.13 8.12
N ILE B 309 25.63 2.16 7.29
CA ILE B 309 24.92 3.41 7.46
C ILE B 309 24.19 3.74 6.17
N GLU B 310 22.97 4.27 6.30
CA GLU B 310 22.17 4.68 5.17
C GLU B 310 21.23 5.79 5.62
N MET B 311 20.70 6.53 4.66
CA MET B 311 19.77 7.62 4.94
C MET B 311 18.44 7.34 4.28
N SER B 312 17.36 7.74 4.96
CA SER B 312 16.02 7.55 4.44
C SER B 312 15.75 8.48 3.26
N LYS B 313 14.71 8.15 2.49
CA LYS B 313 14.36 8.93 1.32
C LYS B 313 13.67 10.24 1.66
N ASP B 314 13.33 10.47 2.94
CA ASP B 314 12.70 11.72 3.34
C ASP B 314 13.66 12.90 3.25
N ALA B 315 14.96 12.66 3.24
CA ALA B 315 15.93 13.74 3.15
C ALA B 315 15.92 14.36 1.76
N LEU B 316 16.11 15.68 1.71
CA LEU B 316 16.17 16.39 0.44
C LEU B 316 17.44 16.01 -0.31
N PRO B 317 17.44 16.17 -1.64
CA PRO B 317 18.69 15.94 -2.40
C PRO B 317 19.83 16.84 -1.98
N GLU B 318 19.53 18.04 -1.47
CA GLU B 318 20.57 18.91 -0.94
C GLU B 318 21.10 18.43 0.41
N LYS B 319 20.45 17.47 1.04
CA LYS B 319 20.90 16.92 2.33
C LYS B 319 21.86 15.75 2.14
N ALA B 320 22.96 16.00 1.44
CA ALA B 320 23.97 14.97 1.19
C ALA B 320 25.12 15.16 2.19
N CYS B 321 24.94 14.56 3.36
CA CYS B 321 25.93 14.71 4.43
C CYS B 321 27.21 13.95 4.09
N GLN B 322 28.34 14.57 4.40
CA GLN B 322 29.66 13.99 4.18
C GLN B 322 30.32 13.72 5.52
N LEU B 323 30.89 12.53 5.68
CA LEU B 323 31.50 12.12 6.93
C LEU B 323 32.77 12.91 7.16
N ASP B 324 32.70 13.93 8.01
CA ASP B 324 33.87 14.74 8.31
C ASP B 324 34.90 13.94 9.11
N SER B 325 34.46 13.28 10.17
CA SER B 325 35.36 12.54 11.05
C SER B 325 34.54 11.53 11.85
N ARG B 326 35.25 10.61 12.49
CA ARG B 326 34.64 9.62 13.36
C ARG B 326 35.12 9.85 14.80
N TYR B 327 34.28 9.46 15.75
CA TYR B 327 34.59 9.59 17.16
C TYR B 327 34.34 8.25 17.85
N TRP B 328 35.31 7.80 18.63
CA TRP B 328 35.24 6.51 19.29
C TRP B 328 35.09 6.70 20.80
N ARG B 329 34.36 5.78 21.41
CA ARG B 329 34.14 5.71 22.85
C ARG B 329 34.36 4.27 23.33
N ILE B 330 35.53 3.73 23.00
CA ILE B 330 35.84 2.32 23.25
C ILE B 330 35.82 2.06 24.75
N THR B 331 34.80 1.36 25.21
CA THR B 331 34.56 1.12 26.64
C THR B 331 34.70 -0.37 26.91
N ASN B 332 35.84 -0.75 27.47
CA ASN B 332 36.03 -2.12 27.91
C ASN B 332 35.11 -2.41 29.10
N ALA B 333 34.71 -3.68 29.22
CA ALA B 333 33.85 -4.06 30.34
C ALA B 333 34.58 -4.01 31.68
N LYS B 334 35.92 -3.98 31.66
CA LYS B 334 36.68 -3.76 32.89
C LYS B 334 36.42 -2.36 33.45
N GLY B 335 36.38 -1.36 32.57
CA GLY B 335 36.11 0.00 33.00
C GLY B 335 36.93 1.04 32.25
N ASP B 336 37.95 0.59 31.53
CA ASP B 336 38.81 1.51 30.79
C ASP B 336 38.08 2.04 29.56
N VAL B 337 38.15 3.36 29.36
CA VAL B 337 37.52 4.03 28.23
C VAL B 337 38.60 4.77 27.45
N GLU B 338 38.65 4.51 26.14
CA GLU B 338 39.59 5.16 25.25
C GLU B 338 38.81 5.84 24.12
N GLU B 339 39.22 7.06 23.79
CA GLU B 339 38.53 7.89 22.81
C GLU B 339 39.47 8.22 21.66
N VAL B 340 38.95 8.09 20.43
CA VAL B 340 39.71 8.36 19.22
C VAL B 340 38.90 9.32 18.34
N GLN B 341 39.55 10.38 17.87
CA GLN B 341 38.91 11.34 16.99
C GLN B 341 39.62 11.37 15.64
N GLY B 342 39.87 10.18 15.09
CA GLY B 342 40.49 10.06 13.78
C GLY B 342 39.64 10.67 12.68
N PRO B 343 40.26 11.48 11.83
CA PRO B 343 39.53 12.13 10.75
C PRO B 343 39.14 11.16 9.64
N GLY B 344 37.84 10.92 9.50
CA GLY B 344 37.33 9.99 8.50
C GLY B 344 37.36 8.55 8.98
N VAL B 345 36.74 7.69 8.18
CA VAL B 345 36.68 6.26 8.46
C VAL B 345 37.56 5.53 7.46
N VAL B 346 38.48 4.70 7.98
CA VAL B 346 39.48 3.89 7.28
C VAL B 346 40.14 4.68 6.14
N GLY B 347 40.32 5.98 6.35
CA GLY B 347 40.89 6.84 5.33
C GLY B 347 39.95 7.10 4.17
N GLU B 348 38.76 7.61 4.47
CA GLU B 348 37.76 7.87 3.43
C GLU B 348 36.83 8.96 3.91
N PHE B 349 36.28 9.72 2.96
CA PHE B 349 35.33 10.80 3.23
C PHE B 349 34.08 10.54 2.39
N PRO B 350 33.24 9.60 2.79
CA PRO B 350 32.05 9.27 2.00
C PRO B 350 30.94 10.30 2.19
N ILE B 351 30.04 10.34 1.21
CA ILE B 351 28.88 11.22 1.22
C ILE B 351 27.63 10.35 1.22
N ILE B 352 26.76 10.56 2.20
CA ILE B 352 25.55 9.76 2.35
C ILE B 352 24.42 10.50 1.63
N SER B 353 24.14 10.07 0.41
CA SER B 353 23.01 10.59 -0.35
C SER B 353 21.71 9.98 0.14
N PRO B 354 20.57 10.64 -0.10
CA PRO B 354 19.28 10.02 0.23
C PRO B 354 19.06 8.74 -0.55
N GLY B 355 18.87 7.65 0.19
CA GLY B 355 18.76 6.33 -0.40
C GLY B 355 20.09 5.63 -0.66
N ARG B 356 21.20 6.29 -0.37
CA ARG B 356 22.51 5.68 -0.57
C ARG B 356 22.93 4.90 0.68
N VAL B 357 23.46 3.71 0.47
CA VAL B 357 23.89 2.82 1.55
C VAL B 357 25.40 2.69 1.45
N TYR B 358 26.11 3.10 2.50
CA TYR B 358 27.55 2.97 2.57
C TYR B 358 27.94 2.07 3.73
N GLU B 359 29.02 1.31 3.54
CA GLU B 359 29.51 0.39 4.55
C GLU B 359 31.02 0.49 4.62
N TYR B 360 31.57 0.18 5.80
CA TYR B 360 33.01 0.20 5.99
C TYR B 360 33.34 -0.67 7.19
N THR B 361 34.36 -1.51 7.05
CA THR B 361 34.79 -2.37 8.15
C THR B 361 35.58 -1.57 9.18
N SER B 362 35.71 -2.15 10.37
CA SER B 362 36.46 -1.56 11.45
C SER B 362 37.44 -2.60 11.99
N CYS B 363 38.20 -2.19 13.00
CA CYS B 363 39.14 -3.09 13.67
C CYS B 363 39.40 -2.56 15.08
N THR B 364 39.56 -3.48 16.02
CA THR B 364 39.80 -3.11 17.41
C THR B 364 40.41 -4.29 18.14
N THR B 365 41.02 -4.00 19.29
CA THR B 365 41.48 -5.02 20.20
C THR B 365 40.82 -4.81 21.56
N PHE B 366 40.68 -5.90 22.32
CA PHE B 366 39.93 -5.87 23.58
C PHE B 366 40.64 -6.82 24.55
N SER B 367 41.40 -6.25 25.48
CA SER B 367 41.97 -7.07 26.54
C SER B 367 40.89 -7.64 27.45
N THR B 368 39.76 -6.94 27.56
CA THR B 368 38.62 -7.40 28.33
C THR B 368 37.71 -8.23 27.44
N THR B 369 37.01 -9.19 28.05
CA THR B 369 36.22 -10.17 27.30
C THR B 369 35.13 -9.52 26.44
N SER B 370 34.52 -8.45 26.93
CA SER B 370 33.42 -7.80 26.22
C SER B 370 33.73 -6.31 26.09
N GLY B 371 32.75 -5.56 25.62
CA GLY B 371 32.90 -4.12 25.49
C GLY B 371 31.99 -3.58 24.41
N TYR B 372 32.03 -2.26 24.27
CA TYR B 372 31.24 -1.57 23.27
C TYR B 372 31.95 -0.28 22.87
N MET B 373 31.82 0.10 21.60
CA MET B 373 32.47 1.29 21.05
C MET B 373 31.39 2.19 20.46
N GLU B 374 30.87 3.10 21.28
CA GLU B 374 29.90 4.08 20.82
C GLU B 374 30.64 5.36 20.39
N GLY B 375 29.89 6.43 20.17
CA GLY B 375 30.45 7.70 19.75
C GLY B 375 29.51 8.36 18.76
N TYR B 376 30.05 9.29 17.98
CA TYR B 376 29.27 9.94 16.93
C TYR B 376 30.10 10.01 15.65
N TYR B 377 29.39 10.04 14.52
CA TYR B 377 30.01 10.23 13.21
C TYR B 377 29.71 11.65 12.75
N THR B 378 30.77 12.46 12.64
CA THR B 378 30.59 13.85 12.22
C THR B 378 30.17 13.90 10.76
N PHE B 379 29.11 14.68 10.48
CA PHE B 379 28.54 14.76 9.14
C PHE B 379 28.27 16.21 8.79
N HIS B 380 28.21 16.48 7.48
CA HIS B 380 28.06 17.84 6.98
C HIS B 380 27.52 17.77 5.56
N PHE B 381 26.37 18.42 5.33
CA PHE B 381 25.76 18.40 4.00
C PHE B 381 26.62 19.16 3.01
N LEU B 382 26.72 18.63 1.79
CA LEU B 382 27.50 19.27 0.75
C LEU B 382 26.85 20.58 0.30
N TYR B 383 25.55 20.53 0.01
CA TYR B 383 24.84 21.74 -0.42
C TYR B 383 24.59 22.68 0.76
N PHE B 384 24.18 22.14 1.90
CA PHE B 384 23.91 22.94 3.10
C PHE B 384 25.20 23.04 3.91
N LYS B 385 25.93 24.14 3.68
CA LYS B 385 27.23 24.32 4.33
C LYS B 385 27.07 24.56 5.83
N ASP B 386 26.03 25.30 6.22
CA ASP B 386 25.88 25.72 7.61
C ASP B 386 25.46 24.56 8.51
N LYS B 387 24.64 23.65 7.99
CA LYS B 387 24.07 22.58 8.82
C LYS B 387 25.13 21.51 9.08
N ILE B 388 25.40 21.25 10.35
CA ILE B 388 26.33 20.21 10.78
C ILE B 388 25.64 19.37 11.85
N PHE B 389 25.65 18.05 11.67
CA PHE B 389 25.03 17.13 12.61
C PHE B 389 25.85 15.86 12.70
N ASN B 390 25.48 14.98 13.63
CA ASN B 390 26.18 13.74 13.86
C ASN B 390 25.18 12.63 14.16
N VAL B 391 25.62 11.38 13.95
CA VAL B 391 24.82 10.19 14.19
C VAL B 391 25.51 9.36 15.26
N ALA B 392 24.77 9.00 16.31
CA ALA B 392 25.36 8.36 17.48
C ALA B 392 25.54 6.87 17.25
N ILE B 393 26.75 6.38 17.48
CA ILE B 393 27.05 4.95 17.36
C ILE B 393 26.35 4.18 18.48
N PRO B 394 25.71 3.05 18.20
CA PRO B 394 24.96 2.33 19.25
C PRO B 394 25.85 1.62 20.27
N ARG B 395 25.20 0.91 21.19
CA ARG B 395 25.85 0.22 22.31
C ARG B 395 26.01 -1.27 22.05
N PHE B 396 26.32 -1.66 20.81
CA PHE B 396 26.46 -3.06 20.46
C PHE B 396 27.62 -3.71 21.24
N HIS B 397 27.38 -4.90 21.76
CA HIS B 397 28.36 -5.62 22.55
C HIS B 397 29.07 -6.66 21.70
N MET B 398 30.39 -6.69 21.81
CA MET B 398 31.22 -7.66 21.09
C MET B 398 31.38 -8.89 21.97
N ALA B 399 30.81 -10.01 21.53
CA ALA B 399 30.83 -11.25 22.29
C ALA B 399 31.76 -12.26 21.62
N CYS B 400 32.56 -12.92 22.44
CA CYS B 400 33.52 -13.92 22.00
C CYS B 400 33.48 -15.13 22.92
N PRO B 401 33.76 -16.33 22.37
CA PRO B 401 33.53 -17.56 23.15
C PRO B 401 34.52 -17.82 24.27
N THR B 402 34.42 -19.01 24.85
CA THR B 402 35.17 -19.36 26.07
C THR B 402 36.68 -19.36 25.82
N PHE B 403 37.42 -18.88 26.81
CA PHE B 403 38.88 -18.74 26.72
C PHE B 403 39.57 -19.94 27.34
N ARG B 404 39.27 -21.14 26.83
CA ARG B 404 39.82 -22.35 27.42
C ARG B 404 41.31 -22.45 27.14
N VAL B 405 42.08 -22.62 28.20
CA VAL B 405 43.53 -22.67 28.11
C VAL B 405 43.99 -24.12 28.17
N SER B 406 45.24 -24.34 27.77
CA SER B 406 45.80 -25.68 27.78
C SER B 406 46.07 -26.14 29.21
N ILE B 407 46.12 -27.46 29.39
CA ILE B 407 46.41 -28.02 30.71
C ILE B 407 47.85 -27.73 31.11
N ALA B 408 48.78 -27.72 30.15
CA ALA B 408 50.18 -27.43 30.46
C ALA B 408 50.40 -25.96 30.78
N ARG B 409 49.51 -25.08 30.33
CA ARG B 409 49.63 -23.67 30.67
C ARG B 409 49.46 -23.44 32.17
N LEU B 410 48.51 -24.13 32.80
CA LEU B 410 48.29 -23.99 34.23
C LEU B 410 49.48 -24.52 35.02
N GLU B 411 50.06 -25.63 34.58
CA GLU B 411 51.20 -26.23 35.26
C GLU B 411 52.45 -25.40 35.06
N ARG C 21 -4.92 87.92 -1.63
CA ARG C 21 -4.31 87.36 -0.43
C ARG C 21 -4.82 85.95 -0.15
N PHE C 22 -4.64 85.06 -1.13
CA PHE C 22 -5.08 83.69 -0.99
C PHE C 22 -4.26 82.95 0.05
N GLU C 23 -4.94 82.12 0.85
CA GLU C 23 -4.30 81.36 1.92
C GLU C 23 -4.67 79.90 1.79
N VAL C 24 -3.70 79.02 2.05
CA VAL C 24 -3.89 77.58 1.95
C VAL C 24 -3.83 76.99 3.35
N LYS C 25 -4.77 76.10 3.67
CA LYS C 25 -4.94 75.57 5.01
C LYS C 25 -4.44 74.13 5.15
N LYS C 26 -4.95 73.22 4.34
CA LYS C 26 -4.60 71.80 4.44
C LYS C 26 -4.03 71.33 3.12
N TRP C 27 -2.91 70.60 3.19
CA TRP C 27 -2.21 70.15 2.00
C TRP C 27 -1.56 68.81 2.31
N ASN C 28 -1.69 67.87 1.37
CA ASN C 28 -1.04 66.58 1.48
C ASN C 28 -0.11 66.37 0.30
N ALA C 29 0.76 65.36 0.40
CA ALA C 29 1.78 65.15 -0.61
C ALA C 29 2.13 63.68 -0.71
N VAL C 30 2.76 63.32 -1.82
CA VAL C 30 3.33 62.01 -2.03
C VAL C 30 4.75 62.16 -2.57
N ALA C 31 5.67 61.38 -2.01
CA ALA C 31 7.06 61.43 -2.41
C ALA C 31 7.58 60.02 -2.61
N LEU C 32 8.50 59.86 -3.55
CA LEU C 32 9.06 58.56 -3.91
C LEU C 32 10.43 58.41 -3.26
N TRP C 33 10.57 57.43 -2.38
CA TRP C 33 11.84 57.13 -1.73
C TRP C 33 12.69 56.25 -2.64
N ALA C 34 13.81 56.79 -3.11
CA ALA C 34 14.73 56.08 -3.97
C ALA C 34 16.05 55.88 -3.24
N TRP C 35 16.55 54.65 -3.24
CA TRP C 35 17.80 54.34 -2.56
C TRP C 35 18.99 54.70 -3.45
N ASP C 36 19.91 55.48 -2.90
CA ASP C 36 21.08 55.92 -3.64
C ASP C 36 22.25 54.96 -3.47
N GLN D 14 -17.94 -62.05 12.39
CA GLN D 14 -17.95 -61.58 11.01
C GLN D 14 -19.31 -61.83 10.36
N ILE D 15 -19.70 -60.92 9.47
CA ILE D 15 -20.97 -61.02 8.74
C ILE D 15 -20.69 -60.81 7.26
N GLY D 16 -21.11 -61.78 6.43
CA GLY D 16 -20.96 -61.63 5.00
C GLY D 16 -21.92 -60.61 4.43
N LEU D 17 -21.60 -60.15 3.21
CA LEU D 17 -22.41 -59.10 2.61
C LEU D 17 -23.79 -59.60 2.20
N ASP D 18 -23.85 -60.78 1.58
CA ASP D 18 -25.13 -61.30 1.13
C ASP D 18 -26.05 -61.67 2.29
N GLN D 19 -25.51 -61.81 3.50
CA GLN D 19 -26.32 -62.07 4.67
C GLN D 19 -26.98 -60.80 5.21
N ILE D 20 -26.56 -59.63 4.75
CA ILE D 20 -26.94 -58.39 5.42
C ILE D 20 -27.41 -57.37 4.39
N TRP D 21 -27.13 -57.65 3.11
CA TRP D 21 -27.44 -56.67 2.07
C TRP D 21 -28.93 -56.51 1.86
N ASP D 22 -29.73 -57.54 2.10
CA ASP D 22 -31.17 -57.41 1.94
C ASP D 22 -31.74 -56.39 2.93
N ASP D 23 -31.38 -56.53 4.20
CA ASP D 23 -31.84 -55.58 5.21
C ASP D 23 -31.27 -54.19 4.97
N LEU D 24 -30.00 -54.11 4.58
CA LEU D 24 -29.42 -52.79 4.32
C LEU D 24 -30.09 -52.10 3.14
N ARG D 25 -30.38 -52.84 2.08
CA ARG D 25 -31.05 -52.27 0.92
C ARG D 25 -32.47 -51.84 1.27
N ALA D 26 -33.18 -52.64 2.07
CA ALA D 26 -34.50 -52.23 2.52
C ALA D 26 -34.43 -50.94 3.34
N GLY D 27 -33.43 -50.82 4.20
CA GLY D 27 -33.29 -49.60 4.99
C GLY D 27 -32.95 -48.38 4.14
N ILE D 28 -32.06 -48.54 3.16
CA ILE D 28 -31.69 -47.41 2.32
C ILE D 28 -32.85 -47.00 1.43
N GLN D 29 -33.63 -47.97 0.94
CA GLN D 29 -34.83 -47.63 0.18
C GLN D 29 -35.87 -46.95 1.07
N GLN D 30 -35.92 -47.32 2.34
CA GLN D 30 -36.76 -46.58 3.29
C GLN D 30 -36.25 -45.16 3.47
N VAL D 31 -34.94 -44.96 3.39
CA VAL D 31 -34.37 -43.62 3.53
C VAL D 31 -34.74 -42.76 2.33
N TYR D 32 -34.54 -43.27 1.11
CA TYR D 32 -34.78 -42.47 -0.09
C TYR D 32 -36.27 -42.20 -0.28
N THR D 33 -37.11 -43.23 -0.20
CA THR D 33 -38.56 -43.03 -0.17
C THR D 33 -38.91 -42.62 1.25
N ARG D 34 -38.82 -41.32 1.50
CA ARG D 34 -38.82 -40.77 2.87
C ARG D 34 -40.18 -41.00 3.53
N GLN D 35 -40.21 -41.93 4.50
CA GLN D 35 -41.42 -42.25 5.23
C GLN D 35 -41.29 -41.93 6.72
N SER D 36 -40.47 -40.93 7.05
CA SER D 36 -40.25 -40.46 8.42
C SER D 36 -39.73 -41.60 9.31
N MET D 37 -38.53 -42.05 8.97
CA MET D 37 -37.90 -43.15 9.69
C MET D 37 -37.51 -42.72 11.11
N ALA D 38 -37.34 -43.71 11.96
CA ALA D 38 -36.95 -43.49 13.35
C ALA D 38 -35.44 -43.69 13.52
N LYS D 39 -34.94 -43.25 14.69
CA LYS D 39 -33.52 -43.39 14.98
C LYS D 39 -33.11 -44.83 15.22
N SER D 40 -34.04 -45.68 15.65
CA SER D 40 -33.72 -47.09 15.87
C SER D 40 -33.33 -47.76 14.57
N ARG D 41 -34.08 -47.50 13.49
CA ARG D 41 -33.73 -48.06 12.19
C ARG D 41 -32.43 -47.47 11.66
N TYR D 42 -32.17 -46.19 11.96
CA TYR D 42 -30.91 -45.57 11.54
C TYR D 42 -29.72 -46.25 12.21
N MET D 43 -29.82 -46.52 13.51
CA MET D 43 -28.72 -47.18 14.19
C MET D 43 -28.62 -48.65 13.80
N GLU D 44 -29.74 -49.29 13.46
CA GLU D 44 -29.67 -50.64 12.93
C GLU D 44 -28.94 -50.66 11.58
N LEU D 45 -29.21 -49.68 10.73
CA LEU D 45 -28.51 -49.57 9.45
C LEU D 45 -27.03 -49.29 9.66
N TYR D 46 -26.71 -48.41 10.61
CA TYR D 46 -25.31 -48.11 10.89
C TYR D 46 -24.57 -49.33 11.43
N THR D 47 -25.23 -50.12 12.27
CA THR D 47 -24.65 -51.38 12.72
C THR D 47 -24.46 -52.33 11.55
N HIS D 48 -25.42 -52.33 10.61
CA HIS D 48 -25.29 -53.18 9.44
C HIS D 48 -24.08 -52.82 8.60
N VAL D 49 -23.81 -51.52 8.43
CA VAL D 49 -22.61 -51.10 7.73
C VAL D 49 -21.37 -51.39 8.56
N TYR D 50 -21.45 -51.15 9.88
CA TYR D 50 -20.28 -51.35 10.74
C TYR D 50 -19.92 -52.82 10.86
N ASN D 51 -20.91 -53.69 11.05
CA ASN D 51 -20.63 -55.11 11.22
C ASN D 51 -20.11 -55.77 9.95
N TYR D 52 -20.21 -55.11 8.80
CA TYR D 52 -19.64 -55.65 7.58
C TYR D 52 -18.25 -55.11 7.31
N CYS D 53 -18.02 -53.82 7.59
CA CYS D 53 -16.71 -53.22 7.33
C CYS D 53 -15.65 -53.68 8.31
N THR D 54 -16.01 -54.38 9.39
CA THR D 54 -15.05 -54.97 10.32
C THR D 54 -15.40 -56.45 10.46
N SER D 55 -14.91 -57.26 9.52
CA SER D 55 -15.16 -58.69 9.55
C SER D 55 -13.87 -59.48 9.70
N VAL D 56 -12.90 -59.29 8.82
CA VAL D 56 -11.66 -60.06 8.84
C VAL D 56 -10.60 -59.34 8.01
N ALA D 81 -5.59 -55.58 -0.49
CA ALA D 81 -6.82 -56.34 -0.71
C ALA D 81 -7.29 -56.99 0.58
N GLN D 82 -6.78 -56.50 1.72
CA GLN D 82 -7.14 -57.02 3.03
C GLN D 82 -8.11 -56.10 3.76
N PHE D 83 -8.70 -55.13 3.07
CA PHE D 83 -9.62 -54.18 3.68
C PHE D 83 -10.99 -54.35 3.04
N VAL D 84 -11.94 -54.90 3.81
CA VAL D 84 -13.27 -55.15 3.29
C VAL D 84 -14.03 -53.83 3.16
N GLY D 85 -14.88 -53.73 2.15
CA GLY D 85 -15.66 -52.53 1.95
C GLY D 85 -15.84 -52.15 0.49
N LEU D 86 -15.09 -52.78 -0.40
CA LEU D 86 -15.23 -52.50 -1.83
C LEU D 86 -16.55 -53.03 -2.37
N GLU D 87 -16.95 -54.22 -1.92
CA GLU D 87 -18.19 -54.81 -2.40
C GLU D 87 -19.40 -53.98 -1.98
N LEU D 88 -19.41 -53.50 -0.73
CA LEU D 88 -20.50 -52.65 -0.28
C LEU D 88 -20.55 -51.35 -1.08
N TYR D 89 -19.40 -50.79 -1.39
CA TYR D 89 -19.35 -49.60 -2.22
C TYR D 89 -19.91 -49.87 -3.61
N LYS D 90 -19.60 -51.04 -4.18
CA LYS D 90 -20.13 -51.38 -5.49
C LYS D 90 -21.65 -51.53 -5.46
N ARG D 91 -22.18 -52.17 -4.41
CA ARG D 91 -23.63 -52.29 -4.31
C ARG D 91 -24.31 -50.94 -4.09
N LEU D 92 -23.69 -50.05 -3.29
CA LEU D 92 -24.25 -48.70 -3.16
C LEU D 92 -24.23 -47.94 -4.48
N LYS D 93 -23.14 -48.04 -5.25
CA LYS D 93 -23.09 -47.35 -6.53
C LYS D 93 -24.12 -47.91 -7.50
N GLU D 94 -24.27 -49.24 -7.54
CA GLU D 94 -25.26 -49.85 -8.41
C GLU D 94 -26.67 -49.47 -7.98
N PHE D 95 -26.94 -49.45 -6.68
CA PHE D 95 -28.27 -49.11 -6.20
C PHE D 95 -28.62 -47.66 -6.51
N LEU D 96 -27.68 -46.74 -6.30
CA LEU D 96 -27.97 -45.35 -6.61
C LEU D 96 -28.13 -45.12 -8.10
N LYS D 97 -27.31 -45.80 -8.93
CA LYS D 97 -27.47 -45.68 -10.36
C LYS D 97 -28.83 -46.21 -10.81
N ASN D 98 -29.25 -47.35 -10.26
CA ASN D 98 -30.56 -47.90 -10.60
C ASN D 98 -31.69 -46.99 -10.14
N TYR D 99 -31.57 -46.44 -8.93
CA TYR D 99 -32.60 -45.56 -8.40
C TYR D 99 -32.74 -44.30 -9.24
N LEU D 100 -31.62 -43.70 -9.65
CA LEU D 100 -31.70 -42.49 -10.44
C LEU D 100 -32.12 -42.77 -11.88
N THR D 101 -31.75 -43.92 -12.43
CA THR D 101 -32.26 -44.28 -13.75
C THR D 101 -33.76 -44.50 -13.72
N ASN D 102 -34.26 -45.16 -12.68
CA ASN D 102 -35.71 -45.33 -12.53
C ASN D 102 -36.41 -44.01 -12.28
N LEU D 103 -35.76 -43.09 -11.57
CA LEU D 103 -36.36 -41.78 -11.32
C LEU D 103 -36.40 -40.92 -12.57
N LEU D 104 -35.45 -41.13 -13.49
CA LEU D 104 -35.37 -40.30 -14.69
C LEU D 104 -36.57 -40.53 -15.61
N LYS D 105 -37.11 -41.75 -15.62
CA LYS D 105 -38.22 -42.09 -16.50
C LYS D 105 -39.49 -41.31 -16.18
N ASP D 106 -39.58 -40.69 -15.01
CA ASP D 106 -40.76 -39.91 -14.63
C ASP D 106 -40.59 -38.42 -14.92
N GLY D 107 -39.47 -38.01 -15.50
CA GLY D 107 -39.22 -36.60 -15.70
C GLY D 107 -38.74 -36.20 -17.09
N GLU D 108 -38.39 -37.19 -17.91
CA GLU D 108 -37.86 -36.88 -19.24
C GLU D 108 -38.94 -36.31 -20.17
N ASP D 109 -40.19 -36.75 -20.01
CA ASP D 109 -41.26 -36.23 -20.86
C ASP D 109 -41.71 -34.84 -20.44
N LEU D 110 -41.54 -34.48 -19.17
CA LEU D 110 -41.97 -33.19 -18.69
C LEU D 110 -41.11 -32.07 -19.26
N MET D 111 -41.72 -30.90 -19.45
CA MET D 111 -41.02 -29.72 -19.95
C MET D 111 -41.62 -28.48 -19.31
N ASP D 112 -40.85 -27.39 -19.38
CA ASP D 112 -41.22 -26.05 -18.87
C ASP D 112 -41.38 -26.16 -17.36
N GLU D 113 -42.46 -25.65 -16.77
CA GLU D 113 -42.55 -25.52 -15.32
C GLU D 113 -42.61 -26.89 -14.63
N SER D 114 -43.23 -27.88 -15.27
CA SER D 114 -43.42 -29.17 -14.63
C SER D 114 -42.10 -29.89 -14.40
N VAL D 115 -41.21 -29.89 -15.39
CA VAL D 115 -39.93 -30.57 -15.23
C VAL D 115 -39.08 -29.83 -14.21
N LEU D 116 -39.24 -28.51 -14.09
CA LEU D 116 -38.45 -27.78 -13.11
C LEU D 116 -38.93 -28.07 -11.70
N LYS D 117 -40.25 -28.13 -11.50
CA LYS D 117 -40.78 -28.52 -10.20
C LYS D 117 -40.34 -29.93 -9.84
N PHE D 118 -40.39 -30.85 -10.82
CA PHE D 118 -39.95 -32.21 -10.59
C PHE D 118 -38.48 -32.26 -10.19
N TYR D 119 -37.64 -31.51 -10.91
CA TYR D 119 -36.21 -31.53 -10.63
C TYR D 119 -35.92 -30.94 -9.25
N THR D 120 -36.55 -29.82 -8.89
CA THR D 120 -36.21 -29.22 -7.61
C THR D 120 -36.75 -30.05 -6.45
N GLN D 121 -37.93 -30.66 -6.60
CA GLN D 121 -38.45 -31.50 -5.53
C GLN D 121 -37.61 -32.76 -5.37
N GLN D 122 -37.27 -33.43 -6.49
CA GLN D 122 -36.44 -34.61 -6.41
C GLN D 122 -35.03 -34.29 -5.94
N TRP D 123 -34.50 -33.12 -6.29
CA TRP D 123 -33.18 -32.75 -5.81
C TRP D 123 -33.18 -32.49 -4.31
N GLU D 124 -34.21 -31.81 -3.80
CA GLU D 124 -34.26 -31.58 -2.36
C GLU D 124 -34.42 -32.90 -1.60
N ASP D 125 -35.31 -33.77 -2.06
CA ASP D 125 -35.49 -35.07 -1.40
C ASP D 125 -34.22 -35.91 -1.48
N TYR D 126 -33.58 -35.92 -2.66
CA TYR D 126 -32.36 -36.69 -2.84
C TYR D 126 -31.22 -36.14 -2.00
N ARG D 127 -31.08 -34.83 -1.92
CA ARG D 127 -30.01 -34.23 -1.12
C ARG D 127 -30.19 -34.54 0.36
N PHE D 128 -31.43 -34.40 0.86
CA PHE D 128 -31.64 -34.69 2.28
C PHE D 128 -31.43 -36.18 2.58
N SER D 129 -31.99 -37.06 1.76
CA SER D 129 -31.85 -38.48 2.05
C SER D 129 -30.43 -38.97 1.81
N SER D 130 -29.68 -38.33 0.91
CA SER D 130 -28.28 -38.66 0.77
C SER D 130 -27.44 -38.13 1.92
N LYS D 131 -27.81 -36.98 2.49
CA LYS D 131 -27.13 -36.52 3.68
C LYS D 131 -27.42 -37.46 4.85
N VAL D 132 -28.57 -38.12 4.83
CA VAL D 132 -28.83 -39.19 5.81
C VAL D 132 -27.96 -40.41 5.50
N LEU D 133 -27.86 -40.80 4.23
CA LEU D 133 -27.09 -41.98 3.86
C LEU D 133 -25.60 -41.80 4.13
N ASN D 134 -25.08 -40.58 4.00
CA ASN D 134 -23.71 -40.29 4.36
C ASN D 134 -23.46 -40.50 5.85
N GLY D 135 -24.49 -40.40 6.67
CA GLY D 135 -24.37 -40.72 8.08
C GLY D 135 -24.58 -42.20 8.34
N ILE D 136 -25.37 -42.87 7.51
CA ILE D 136 -25.56 -44.31 7.67
C ILE D 136 -24.29 -45.05 7.29
N CYS D 137 -23.83 -44.86 6.06
CA CYS D 137 -22.58 -45.46 5.59
C CYS D 137 -21.40 -44.55 5.94
N ALA D 138 -21.33 -44.19 7.21
CA ALA D 138 -20.28 -43.30 7.68
C ALA D 138 -19.00 -44.03 8.05
N TYR D 139 -19.09 -45.29 8.46
CA TYR D 139 -17.89 -46.05 8.77
C TYR D 139 -17.11 -46.38 7.51
N LEU D 140 -17.80 -46.80 6.46
CA LEU D 140 -17.17 -46.97 5.16
C LEU D 140 -16.69 -45.64 4.59
N ASN D 141 -17.28 -44.53 5.03
CA ASN D 141 -16.91 -43.19 4.60
C ASN D 141 -15.64 -42.68 5.27
N ARG D 142 -15.15 -43.35 6.30
CA ARG D 142 -14.09 -42.76 7.11
C ARG D 142 -12.89 -43.68 7.24
N HIS D 143 -13.10 -44.98 7.14
CA HIS D 143 -12.02 -45.94 7.32
C HIS D 143 -11.79 -46.86 6.15
N TRP D 144 -12.56 -46.76 5.08
CA TRP D 144 -12.20 -47.41 3.84
C TRP D 144 -12.12 -46.47 2.65
N VAL D 145 -13.06 -45.54 2.53
CA VAL D 145 -12.99 -44.55 1.45
C VAL D 145 -11.84 -43.60 1.67
N ARG D 146 -11.68 -43.11 2.89
CA ARG D 146 -10.54 -42.26 3.21
C ARG D 146 -9.23 -43.02 3.07
N ARG D 147 -9.23 -44.32 3.38
CA ARG D 147 -8.01 -45.11 3.28
C ARG D 147 -7.63 -45.35 1.83
N GLU D 148 -8.60 -45.65 0.98
CA GLU D 148 -8.33 -45.99 -0.42
C GLU D 148 -8.37 -44.78 -1.34
N CYS D 149 -8.67 -43.59 -0.82
CA CYS D 149 -8.51 -42.38 -1.60
C CYS D 149 -7.13 -41.76 -1.42
N ASP D 150 -6.48 -42.03 -0.28
CA ASP D 150 -5.11 -41.55 -0.10
C ASP D 150 -4.13 -42.32 -0.97
N GLU D 151 -4.29 -43.64 -1.07
CA GLU D 151 -3.39 -44.46 -1.88
C GLU D 151 -3.81 -44.45 -3.36
N GLY D 152 -3.95 -43.26 -3.93
CA GLY D 152 -4.42 -43.15 -5.30
C GLY D 152 -5.83 -43.69 -5.43
N ARG D 153 -6.00 -44.61 -6.39
CA ARG D 153 -7.26 -45.34 -6.59
C ARG D 153 -8.44 -44.39 -6.80
N LYS D 154 -8.21 -43.31 -7.53
CA LYS D 154 -9.26 -42.33 -7.78
C LYS D 154 -10.38 -42.95 -8.60
N GLY D 155 -11.61 -42.74 -8.15
CA GLY D 155 -12.77 -43.37 -8.76
C GLY D 155 -13.77 -43.80 -7.72
N ILE D 156 -13.33 -43.89 -6.47
CA ILE D 156 -14.19 -44.19 -5.33
C ILE D 156 -14.17 -42.98 -4.40
N TYR D 157 -15.35 -42.57 -3.95
CA TYR D 157 -15.51 -41.28 -3.30
C TYR D 157 -16.27 -41.47 -1.99
N GLU D 158 -16.48 -40.37 -1.28
CA GLU D 158 -17.37 -40.38 -0.14
C GLU D 158 -18.79 -40.69 -0.61
N ILE D 159 -19.58 -41.32 0.25
CA ILE D 159 -20.91 -41.77 -0.15
C ILE D 159 -21.79 -40.58 -0.51
N TYR D 160 -21.66 -39.48 0.22
CA TYR D 160 -22.35 -38.26 -0.20
C TYR D 160 -21.83 -37.78 -1.54
N SER D 161 -20.50 -37.67 -1.69
CA SER D 161 -19.94 -37.26 -2.96
C SER D 161 -20.14 -38.30 -4.05
N LEU D 162 -20.34 -39.57 -3.69
CA LEU D 162 -20.77 -40.55 -4.67
C LEU D 162 -22.19 -40.28 -5.13
N ALA D 163 -23.05 -39.82 -4.22
CA ALA D 163 -24.44 -39.55 -4.58
C ALA D 163 -24.56 -38.34 -5.48
N LEU D 164 -23.68 -37.35 -5.33
CA LEU D 164 -23.70 -36.22 -6.25
C LEU D 164 -23.15 -36.62 -7.62
N VAL D 165 -22.10 -37.44 -7.64
CA VAL D 165 -21.54 -37.92 -8.90
C VAL D 165 -22.56 -38.79 -9.63
N THR D 166 -23.26 -39.65 -8.90
CA THR D 166 -24.33 -40.42 -9.52
C THR D 166 -25.49 -39.53 -9.95
N TRP D 167 -25.72 -38.43 -9.24
CA TRP D 167 -26.72 -37.46 -9.70
C TRP D 167 -26.23 -36.70 -10.93
N ARG D 168 -24.92 -36.49 -11.04
CA ARG D 168 -24.35 -35.80 -12.20
C ARG D 168 -24.27 -36.68 -13.43
N ASP D 169 -24.58 -37.97 -13.32
CA ASP D 169 -24.43 -38.87 -14.45
C ASP D 169 -25.69 -39.62 -14.82
N CYS D 170 -26.79 -39.45 -14.08
CA CYS D 170 -28.02 -40.17 -14.39
C CYS D 170 -29.27 -39.31 -14.38
N LEU D 171 -29.27 -38.17 -13.71
CA LEU D 171 -30.43 -37.30 -13.72
C LEU D 171 -30.07 -35.83 -13.94
N PHE D 172 -28.78 -35.49 -13.98
CA PHE D 172 -28.39 -34.14 -14.36
C PHE D 172 -28.02 -34.03 -15.83
N ARG D 173 -27.23 -34.96 -16.37
CA ARG D 173 -26.94 -34.92 -17.81
C ARG D 173 -28.17 -35.06 -18.69
N PRO D 174 -29.10 -35.99 -18.50
CA PRO D 174 -30.28 -36.03 -19.37
C PRO D 174 -31.32 -34.97 -19.06
N LEU D 175 -31.22 -34.27 -17.94
CA LEU D 175 -32.15 -33.21 -17.59
C LEU D 175 -31.42 -31.89 -17.40
N ASN D 176 -30.35 -31.69 -18.16
CA ASN D 176 -29.61 -30.44 -18.09
C ASN D 176 -30.23 -29.37 -18.99
N LYS D 177 -30.42 -29.70 -20.27
CA LYS D 177 -30.95 -28.73 -21.22
C LYS D 177 -32.39 -28.37 -20.91
N GLN D 178 -33.21 -29.36 -20.53
CA GLN D 178 -34.63 -29.09 -20.25
C GLN D 178 -34.78 -28.19 -19.04
N VAL D 179 -34.07 -28.49 -17.95
CA VAL D 179 -34.20 -27.71 -16.73
C VAL D 179 -33.65 -26.30 -16.94
N THR D 180 -32.51 -26.17 -17.63
CA THR D 180 -31.96 -24.84 -17.83
C THR D 180 -32.81 -24.02 -18.79
N ASN D 181 -33.47 -24.67 -19.76
CA ASN D 181 -34.41 -23.94 -20.62
C ASN D 181 -35.64 -23.50 -19.81
N ALA D 182 -36.11 -24.35 -18.90
CA ALA D 182 -37.26 -23.99 -18.09
C ALA D 182 -36.95 -22.83 -17.15
N VAL D 183 -35.78 -22.83 -16.51
CA VAL D 183 -35.44 -21.73 -15.63
C VAL D 183 -35.16 -20.46 -16.44
N LEU D 184 -34.63 -20.60 -17.66
CA LEU D 184 -34.50 -19.43 -18.51
C LEU D 184 -35.87 -18.84 -18.87
N LYS D 185 -36.85 -19.70 -19.16
CA LYS D 185 -38.19 -19.19 -19.47
C LYS D 185 -38.85 -18.57 -18.24
N LEU D 186 -38.62 -19.13 -17.04
CA LEU D 186 -39.14 -18.49 -15.84
C LEU D 186 -38.47 -17.15 -15.58
N ILE D 187 -37.18 -17.03 -15.87
CA ILE D 187 -36.51 -15.74 -15.74
C ILE D 187 -37.05 -14.76 -16.77
N GLU D 188 -37.39 -15.24 -17.97
CA GLU D 188 -38.03 -14.38 -18.97
C GLU D 188 -39.38 -13.88 -18.48
N LYS D 189 -40.17 -14.76 -17.88
CA LYS D 189 -41.48 -14.36 -17.35
C LYS D 189 -41.33 -13.41 -16.17
N GLU D 190 -40.28 -13.57 -15.35
CA GLU D 190 -40.06 -12.65 -14.25
C GLU D 190 -39.60 -11.29 -14.75
N ARG D 191 -38.77 -11.27 -15.79
CA ARG D 191 -38.28 -10.02 -16.34
C ARG D 191 -39.36 -9.28 -17.13
N ASN D 192 -40.31 -10.02 -17.69
CA ASN D 192 -41.35 -9.40 -18.49
C ASN D 192 -42.34 -8.60 -17.65
N GLY D 193 -42.32 -8.74 -16.34
CA GLY D 193 -43.17 -7.96 -15.46
C GLY D 193 -43.99 -8.79 -14.50
N GLU D 194 -44.03 -10.10 -14.73
CA GLU D 194 -44.85 -10.99 -13.93
C GLU D 194 -44.11 -11.38 -12.65
N THR D 195 -44.77 -12.18 -11.81
CA THR D 195 -44.20 -12.70 -10.58
C THR D 195 -44.06 -14.21 -10.69
N ILE D 196 -42.94 -14.73 -10.22
CA ILE D 196 -42.62 -16.14 -10.36
C ILE D 196 -41.94 -16.63 -9.09
N ASN D 197 -41.90 -17.95 -8.92
CA ASN D 197 -41.38 -18.55 -7.70
C ASN D 197 -39.87 -18.41 -7.63
N THR D 198 -39.38 -17.77 -6.57
CA THR D 198 -37.94 -17.70 -6.36
C THR D 198 -37.38 -18.96 -5.73
N ARG D 199 -38.22 -19.75 -5.05
CA ARG D 199 -37.74 -20.96 -4.39
C ARG D 199 -37.29 -21.99 -5.40
N LEU D 200 -38.05 -22.15 -6.49
CA LEU D 200 -37.70 -23.14 -7.51
C LEU D 200 -36.40 -22.79 -8.20
N ILE D 201 -36.22 -21.52 -8.57
CA ILE D 201 -34.99 -21.08 -9.22
C ILE D 201 -33.81 -21.20 -8.27
N SER D 202 -34.01 -20.83 -7.00
CA SER D 202 -32.94 -20.93 -6.02
C SER D 202 -32.54 -22.39 -5.80
N GLY D 203 -33.51 -23.30 -5.78
CA GLY D 203 -33.20 -24.71 -5.66
C GLY D 203 -32.43 -25.25 -6.84
N VAL D 204 -32.84 -24.87 -8.06
CA VAL D 204 -32.12 -25.31 -9.26
C VAL D 204 -30.69 -24.77 -9.26
N VAL D 205 -30.51 -23.50 -8.91
CA VAL D 205 -29.17 -22.91 -8.92
C VAL D 205 -28.30 -23.52 -7.82
N GLN D 206 -28.88 -23.79 -6.65
CA GLN D 206 -28.14 -24.45 -5.58
C GLN D 206 -27.71 -25.86 -6.00
N SER D 207 -28.60 -26.58 -6.70
CA SER D 207 -28.22 -27.88 -7.23
C SER D 207 -27.10 -27.77 -8.24
N TYR D 208 -27.15 -26.78 -9.12
CA TYR D 208 -26.10 -26.63 -10.11
C TYR D 208 -24.77 -26.25 -9.47
N VAL D 209 -24.81 -25.47 -8.40
CA VAL D 209 -23.57 -25.13 -7.68
C VAL D 209 -23.00 -26.36 -6.98
N GLU D 210 -23.85 -27.11 -6.28
CA GLU D 210 -23.36 -28.25 -5.50
C GLU D 210 -22.92 -29.39 -6.39
N LEU D 211 -23.53 -29.55 -7.56
CA LEU D 211 -23.14 -30.61 -8.49
C LEU D 211 -21.76 -30.37 -9.09
N GLY D 212 -21.20 -29.19 -8.94
CA GLY D 212 -19.87 -28.90 -9.45
C GLY D 212 -18.73 -29.44 -8.64
N LEU D 213 -19.02 -30.18 -7.57
CA LEU D 213 -17.99 -30.76 -6.72
C LEU D 213 -17.09 -31.70 -7.50
N ASN D 214 -15.83 -31.32 -7.68
CA ASN D 214 -14.88 -32.17 -8.39
C ASN D 214 -14.65 -33.45 -7.60
N GLU D 215 -14.87 -34.58 -8.28
CA GLU D 215 -14.85 -35.86 -7.58
C GLU D 215 -13.45 -36.26 -7.14
N ASP D 216 -12.43 -35.88 -7.91
CA ASP D 216 -11.06 -36.36 -7.66
C ASP D 216 -10.54 -35.93 -6.30
N ASP D 217 -10.83 -34.70 -5.90
CA ASP D 217 -10.48 -34.21 -4.56
C ASP D 217 -11.73 -33.55 -3.97
N ALA D 218 -12.54 -34.36 -3.28
CA ALA D 218 -13.71 -33.82 -2.60
C ALA D 218 -13.33 -32.92 -1.43
N PHE D 219 -12.12 -33.08 -0.90
CA PHE D 219 -11.61 -32.20 0.15
C PHE D 219 -10.96 -30.97 -0.49
N ALA D 220 -11.80 -30.18 -1.15
CA ALA D 220 -11.35 -29.01 -1.89
C ALA D 220 -11.59 -27.74 -1.06
N LYS D 221 -11.28 -26.60 -1.66
CA LYS D 221 -11.39 -25.31 -1.00
C LYS D 221 -12.44 -24.46 -1.71
N GLY D 222 -13.34 -23.86 -0.93
CA GLY D 222 -14.34 -22.98 -1.46
C GLY D 222 -15.46 -23.70 -2.17
N PRO D 223 -16.46 -22.96 -2.64
CA PRO D 223 -17.54 -23.58 -3.42
C PRO D 223 -17.10 -23.76 -4.86
N THR D 224 -17.50 -24.89 -5.44
CA THR D 224 -17.12 -25.24 -6.80
C THR D 224 -18.21 -24.83 -7.77
N LEU D 225 -17.81 -24.12 -8.83
CA LEU D 225 -18.75 -23.60 -9.82
C LEU D 225 -18.45 -24.13 -11.21
N THR D 226 -17.79 -25.29 -11.31
CA THR D 226 -17.44 -25.82 -12.61
C THR D 226 -18.67 -26.20 -13.41
N VAL D 227 -19.63 -26.87 -12.78
CA VAL D 227 -20.88 -27.20 -13.45
C VAL D 227 -21.73 -25.95 -13.65
N TYR D 228 -21.72 -25.06 -12.66
CA TYR D 228 -22.60 -23.88 -12.70
C TYR D 228 -22.25 -22.95 -13.86
N LYS D 229 -20.98 -22.63 -14.03
CA LYS D 229 -20.57 -21.82 -15.18
C LYS D 229 -20.19 -22.70 -16.36
N GLU D 230 -21.02 -23.71 -16.64
CA GLU D 230 -20.88 -24.53 -17.83
C GLU D 230 -22.21 -24.90 -18.45
N SER D 231 -23.32 -24.82 -17.72
CA SER D 231 -24.62 -25.22 -18.22
C SER D 231 -25.72 -24.20 -17.93
N PHE D 232 -25.55 -23.32 -16.97
CA PHE D 232 -26.56 -22.33 -16.65
C PHE D 232 -26.04 -20.90 -16.78
N GLU D 233 -24.94 -20.55 -16.11
CA GLU D 233 -24.46 -19.17 -16.14
C GLU D 233 -24.07 -18.76 -17.54
N SER D 234 -23.44 -19.67 -18.30
CA SER D 234 -23.16 -19.37 -19.71
C SER D 234 -24.46 -19.17 -20.50
N GLN D 235 -25.42 -20.06 -20.32
CA GLN D 235 -26.67 -19.96 -21.08
C GLN D 235 -27.50 -18.77 -20.62
N PHE D 236 -27.61 -18.56 -19.30
CA PHE D 236 -28.36 -17.42 -18.80
C PHE D 236 -27.71 -16.10 -19.19
N LEU D 237 -26.39 -16.04 -19.15
CA LEU D 237 -25.66 -14.82 -19.48
C LEU D 237 -25.62 -14.57 -20.99
N ALA D 238 -25.82 -15.60 -21.81
CA ALA D 238 -25.96 -15.40 -23.24
C ALA D 238 -27.40 -15.24 -23.68
N ASP D 239 -28.36 -15.49 -22.79
CA ASP D 239 -29.76 -15.20 -23.10
C ASP D 239 -30.19 -13.83 -22.59
N THR D 240 -29.59 -13.34 -21.50
CA THR D 240 -29.87 -11.99 -21.06
C THR D 240 -29.40 -10.96 -22.09
N GLU D 241 -28.36 -11.29 -22.86
CA GLU D 241 -27.92 -10.44 -23.95
C GLU D 241 -29.02 -10.27 -24.99
N ARG D 242 -29.62 -11.39 -25.40
CA ARG D 242 -30.69 -11.34 -26.38
C ARG D 242 -31.91 -10.60 -25.83
N PHE D 243 -32.26 -10.85 -24.58
CA PHE D 243 -33.47 -10.23 -24.06
C PHE D 243 -33.30 -8.73 -23.86
N TYR D 244 -32.12 -8.28 -23.40
CA TYR D 244 -31.92 -6.84 -23.30
C TYR D 244 -31.62 -6.16 -24.61
N THR D 245 -31.07 -6.83 -25.63
CA THR D 245 -31.00 -6.15 -26.92
C THR D 245 -32.41 -6.03 -27.52
N ARG D 246 -33.31 -6.97 -27.20
CA ARG D 246 -34.69 -6.83 -27.65
C ARG D 246 -35.41 -5.69 -26.92
N GLU D 247 -35.29 -5.61 -25.59
CA GLU D 247 -35.91 -4.49 -24.89
C GLU D 247 -35.28 -3.16 -25.28
N SER D 248 -33.97 -3.14 -25.55
CA SER D 248 -33.31 -1.91 -25.95
C SER D 248 -33.82 -1.44 -27.31
N THR D 249 -33.63 -2.24 -28.36
CA THR D 249 -34.18 -1.84 -29.65
C THR D 249 -35.60 -2.33 -29.84
N GLU D 250 -36.41 -2.23 -28.79
CA GLU D 250 -37.85 -2.11 -28.89
C GLU D 250 -38.41 -1.00 -28.02
N PHE D 251 -37.65 -0.51 -27.04
CA PHE D 251 -38.03 0.64 -26.24
C PHE D 251 -37.39 1.94 -26.71
N LEU D 252 -36.12 1.90 -27.13
CA LEU D 252 -35.45 3.10 -27.60
C LEU D 252 -36.04 3.59 -28.93
N GLN D 253 -36.64 2.69 -29.70
CA GLN D 253 -37.23 3.10 -30.99
C GLN D 253 -38.50 3.91 -30.78
N GLN D 254 -39.32 3.53 -29.80
CA GLN D 254 -40.63 4.14 -29.60
C GLN D 254 -40.68 5.03 -28.36
N ASN D 255 -39.53 5.36 -27.77
CA ASN D 255 -39.49 6.23 -26.61
C ASN D 255 -38.23 7.06 -26.68
N PRO D 256 -38.22 8.26 -26.10
CA PRO D 256 -37.00 9.08 -26.12
C PRO D 256 -35.94 8.51 -25.20
N VAL D 257 -34.71 9.00 -25.39
CA VAL D 257 -33.56 8.53 -24.62
C VAL D 257 -33.71 8.92 -23.15
N THR D 258 -34.46 10.00 -22.87
CA THR D 258 -34.70 10.43 -21.50
C THR D 258 -35.41 9.35 -20.67
N GLU D 259 -36.41 8.69 -21.27
CA GLU D 259 -37.05 7.57 -20.58
C GLU D 259 -36.20 6.30 -20.63
N TYR D 260 -35.37 6.16 -21.67
CA TYR D 260 -34.53 4.99 -21.77
C TYR D 260 -33.47 4.96 -20.67
N MET D 261 -33.01 6.14 -20.23
CA MET D 261 -32.07 6.17 -19.10
C MET D 261 -32.73 5.66 -17.83
N LYS D 262 -33.99 6.05 -17.59
CA LYS D 262 -34.73 5.54 -16.45
C LYS D 262 -34.90 4.03 -16.53
N LYS D 263 -35.26 3.54 -17.71
CA LYS D 263 -35.44 2.09 -17.88
C LYS D 263 -34.13 1.34 -17.70
N ALA D 264 -33.02 1.89 -18.21
CA ALA D 264 -31.73 1.24 -18.06
C ALA D 264 -31.26 1.21 -16.62
N GLU D 265 -31.47 2.31 -15.89
CA GLU D 265 -31.13 2.32 -14.47
C GLU D 265 -31.97 1.30 -13.71
N ALA D 266 -33.27 1.22 -14.04
CA ALA D 266 -34.14 0.24 -13.40
C ALA D 266 -33.69 -1.18 -13.70
N ARG D 267 -33.29 -1.45 -14.94
CA ARG D 267 -32.85 -2.80 -15.31
C ARG D 267 -31.54 -3.16 -14.63
N LEU D 268 -30.61 -2.20 -14.53
CA LEU D 268 -29.35 -2.49 -13.84
C LEU D 268 -29.58 -2.77 -12.37
N LEU D 269 -30.45 -2.00 -11.71
CA LEU D 269 -30.80 -2.30 -10.32
C LEU D 269 -31.51 -3.64 -10.21
N GLU D 270 -32.34 -3.98 -11.20
CA GLU D 270 -33.08 -5.22 -11.16
C GLU D 270 -32.19 -6.44 -11.33
N GLU D 271 -31.15 -6.35 -12.16
CA GLU D 271 -30.22 -7.46 -12.24
C GLU D 271 -29.16 -7.43 -11.15
N GLN D 272 -29.00 -6.32 -10.45
CA GLN D 272 -28.32 -6.39 -9.15
C GLN D 272 -29.18 -7.14 -8.15
N ARG D 273 -30.52 -7.01 -8.26
CA ARG D 273 -31.42 -7.72 -7.38
C ARG D 273 -31.44 -9.22 -7.68
N ARG D 274 -31.60 -9.61 -8.94
CA ARG D 274 -31.54 -11.04 -9.25
C ARG D 274 -30.12 -11.58 -9.35
N VAL D 275 -29.31 -11.36 -8.33
CA VAL D 275 -28.14 -12.21 -8.10
C VAL D 275 -28.23 -12.69 -6.67
N GLN D 276 -28.86 -11.88 -5.82
CA GLN D 276 -29.01 -12.16 -4.41
C GLN D 276 -30.34 -12.83 -4.08
N VAL D 277 -31.24 -12.94 -5.05
CA VAL D 277 -32.56 -13.50 -4.79
C VAL D 277 -32.58 -14.98 -5.14
N TYR D 278 -32.31 -15.32 -6.40
CA TYR D 278 -32.29 -16.72 -6.79
C TYR D 278 -31.16 -17.04 -7.73
N LEU D 279 -29.97 -16.52 -7.47
CA LEU D 279 -28.78 -16.85 -8.25
C LEU D 279 -27.60 -16.98 -7.30
N HIS D 280 -26.45 -17.33 -7.85
CA HIS D 280 -25.23 -17.43 -7.06
C HIS D 280 -24.52 -16.08 -7.01
N GLU D 281 -23.78 -15.86 -5.93
CA GLU D 281 -23.13 -14.58 -5.68
C GLU D 281 -21.99 -14.29 -6.63
N SER D 282 -21.48 -15.29 -7.35
CA SER D 282 -20.39 -15.08 -8.29
C SER D 282 -20.87 -14.66 -9.67
N THR D 283 -22.18 -14.68 -9.92
CA THR D 283 -22.73 -14.19 -11.17
C THR D 283 -22.95 -12.68 -11.15
N GLN D 284 -22.70 -12.04 -10.01
CA GLN D 284 -22.98 -10.61 -9.88
C GLN D 284 -22.14 -9.78 -10.84
N ASP D 285 -20.82 -9.98 -10.81
CA ASP D 285 -19.92 -9.14 -11.62
C ASP D 285 -20.13 -9.39 -13.10
N GLU D 286 -20.21 -10.66 -13.51
CA GLU D 286 -20.39 -10.98 -14.92
C GLU D 286 -21.75 -10.50 -15.43
N LEU D 287 -22.80 -10.66 -14.63
CA LEU D 287 -24.12 -10.22 -15.06
C LEU D 287 -24.21 -8.71 -15.14
N ALA D 288 -23.66 -7.99 -14.16
CA ALA D 288 -23.67 -6.54 -14.21
C ALA D 288 -22.84 -6.02 -15.37
N ARG D 289 -21.69 -6.64 -15.64
CA ARG D 289 -20.85 -6.24 -16.76
C ARG D 289 -21.56 -6.49 -18.09
N LYS D 290 -22.24 -7.63 -18.23
CA LYS D 290 -22.93 -7.92 -19.47
C LYS D 290 -24.13 -7.00 -19.68
N CYS D 291 -24.88 -6.72 -18.60
CA CYS D 291 -25.99 -5.79 -18.70
C CYS D 291 -25.52 -4.39 -19.05
N GLU D 292 -24.37 -3.97 -18.51
CA GLU D 292 -23.81 -2.66 -18.88
C GLU D 292 -23.37 -2.64 -20.33
N GLN D 293 -22.76 -3.73 -20.80
CA GLN D 293 -22.32 -3.78 -22.19
C GLN D 293 -23.48 -3.82 -23.17
N VAL D 294 -24.63 -4.35 -22.78
CA VAL D 294 -25.76 -4.43 -23.69
C VAL D 294 -26.63 -3.18 -23.62
N LEU D 295 -26.96 -2.72 -22.41
CA LEU D 295 -27.87 -1.58 -22.28
C LEU D 295 -27.19 -0.26 -22.61
N ILE D 296 -25.90 -0.13 -22.34
CA ILE D 296 -25.21 1.15 -22.41
C ILE D 296 -24.19 1.17 -23.54
N GLU D 297 -23.24 0.22 -23.55
CA GLU D 297 -22.13 0.27 -24.49
C GLU D 297 -22.59 0.14 -25.93
N LYS D 298 -23.58 -0.73 -26.18
CA LYS D 298 -24.08 -0.88 -27.54
C LYS D 298 -24.81 0.37 -28.01
N HIS D 299 -25.36 1.15 -27.08
CA HIS D 299 -26.11 2.35 -27.43
C HIS D 299 -25.48 3.60 -26.83
N LEU D 300 -24.15 3.62 -26.72
CA LEU D 300 -23.46 4.83 -26.32
C LEU D 300 -23.46 5.88 -27.42
N GLU D 301 -23.65 5.45 -28.68
CA GLU D 301 -23.72 6.40 -29.78
C GLU D 301 -24.99 7.25 -29.74
N ILE D 302 -26.03 6.79 -29.05
CA ILE D 302 -27.24 7.59 -28.90
C ILE D 302 -27.22 8.43 -27.62
N PHE D 303 -26.34 8.10 -26.68
CA PHE D 303 -26.23 8.92 -25.47
C PHE D 303 -25.49 10.22 -25.76
N HIS D 304 -24.46 10.17 -26.62
CA HIS D 304 -23.71 11.37 -26.96
C HIS D 304 -24.55 12.34 -27.77
N THR D 305 -25.36 11.84 -28.71
CA THR D 305 -26.20 12.71 -29.51
C THR D 305 -27.39 13.26 -28.71
N GLU D 306 -27.65 12.74 -27.52
CA GLU D 306 -28.64 13.31 -26.62
C GLU D 306 -28.00 14.08 -25.48
N PHE D 307 -26.69 13.93 -25.26
CA PHE D 307 -26.01 14.68 -24.21
C PHE D 307 -26.06 16.18 -24.49
N GLN D 308 -25.81 16.58 -25.73
CA GLN D 308 -25.87 18.00 -26.06
C GLN D 308 -27.30 18.53 -25.98
N ASN D 309 -28.27 17.73 -26.41
CA ASN D 309 -29.66 18.17 -26.36
C ASN D 309 -30.14 18.36 -24.92
N LEU D 310 -29.75 17.46 -24.02
CA LEU D 310 -30.12 17.61 -22.63
C LEU D 310 -29.32 18.71 -21.94
N LEU D 311 -28.09 18.95 -22.39
CA LEU D 311 -27.30 20.02 -21.82
C LEU D 311 -27.81 21.39 -22.25
N ASP D 312 -28.39 21.49 -23.44
CA ASP D 312 -28.94 22.75 -23.90
C ASP D 312 -30.16 23.16 -23.06
N ALA D 313 -31.02 22.20 -22.72
CA ALA D 313 -32.16 22.49 -21.88
C ALA D 313 -31.81 22.53 -20.39
N ASP D 314 -30.58 22.13 -20.04
CA ASP D 314 -30.06 22.18 -18.67
C ASP D 314 -30.94 21.39 -17.69
N LYS D 315 -31.37 20.20 -18.11
CA LYS D 315 -32.09 19.28 -17.24
C LYS D 315 -31.07 18.54 -16.40
N ASN D 316 -30.73 19.12 -15.25
CA ASN D 316 -29.61 18.63 -14.45
C ASN D 316 -29.84 17.23 -13.91
N GLU D 317 -31.08 16.89 -13.57
CA GLU D 317 -31.37 15.55 -13.05
C GLU D 317 -31.07 14.48 -14.09
N ASP D 318 -31.46 14.71 -15.34
CA ASP D 318 -31.20 13.72 -16.37
C ASP D 318 -29.72 13.65 -16.73
N LEU D 319 -29.00 14.77 -16.64
CA LEU D 319 -27.55 14.73 -16.80
C LEU D 319 -26.90 13.87 -15.72
N GLY D 320 -27.37 14.02 -14.48
CA GLY D 320 -26.86 13.17 -13.41
C GLY D 320 -27.18 11.70 -13.62
N ARG D 321 -28.39 11.42 -14.11
CA ARG D 321 -28.77 10.04 -14.40
C ARG D 321 -27.91 9.46 -15.51
N MET D 322 -27.62 10.25 -16.54
CA MET D 322 -26.81 9.75 -17.65
C MET D 322 -25.36 9.54 -17.24
N TYR D 323 -24.81 10.45 -16.43
CA TYR D 323 -23.45 10.22 -15.94
C TYR D 323 -23.39 9.00 -15.03
N ASN D 324 -24.39 8.82 -14.17
CA ASN D 324 -24.42 7.64 -13.30
C ASN D 324 -24.59 6.36 -14.09
N LEU D 325 -25.02 6.44 -15.35
CA LEU D 325 -25.19 5.27 -16.21
C LEU D 325 -23.95 5.00 -17.05
N VAL D 326 -23.36 6.04 -17.64
CA VAL D 326 -22.22 5.86 -18.54
C VAL D 326 -20.95 5.57 -17.75
N SER D 327 -20.87 6.04 -16.50
CA SER D 327 -19.67 5.84 -15.70
C SER D 327 -19.37 4.36 -15.43
N ARG D 328 -20.37 3.50 -15.51
CA ARG D 328 -20.13 2.06 -15.39
C ARG D 328 -19.33 1.53 -16.57
N ILE D 329 -19.46 2.15 -17.75
CA ILE D 329 -18.69 1.78 -18.92
C ILE D 329 -17.35 2.52 -18.82
N GLN D 330 -16.30 1.79 -18.45
CA GLN D 330 -14.98 2.38 -18.38
C GLN D 330 -14.49 2.77 -19.77
N ASP D 331 -13.78 3.89 -19.83
CA ASP D 331 -13.24 4.54 -21.03
C ASP D 331 -14.33 5.06 -21.97
N GLY D 332 -15.60 4.95 -21.61
CA GLY D 332 -16.67 5.55 -22.38
C GLY D 332 -17.04 6.94 -21.95
N LEU D 333 -16.52 7.39 -20.81
CA LEU D 333 -16.74 8.73 -20.30
C LEU D 333 -15.90 9.79 -21.01
N GLY D 334 -14.98 9.38 -21.88
CA GLY D 334 -14.08 10.33 -22.50
C GLY D 334 -14.77 11.30 -23.43
N GLU D 335 -15.77 10.82 -24.17
CA GLU D 335 -16.49 11.70 -25.08
C GLU D 335 -17.43 12.66 -24.36
N LEU D 336 -17.90 12.29 -23.17
CA LEU D 336 -18.76 13.20 -22.41
C LEU D 336 -18.02 14.44 -21.97
N LYS D 337 -16.75 14.30 -21.56
CA LYS D 337 -15.98 15.46 -21.12
C LYS D 337 -15.75 16.44 -22.27
N LYS D 338 -15.47 15.93 -23.47
CA LYS D 338 -15.27 16.81 -24.61
C LYS D 338 -16.54 17.58 -24.96
N LEU D 339 -17.68 16.89 -24.98
CA LEU D 339 -18.95 17.55 -25.25
C LEU D 339 -19.27 18.59 -24.18
N LEU D 340 -19.03 18.25 -22.91
CA LEU D 340 -19.31 19.19 -21.83
C LEU D 340 -18.44 20.43 -21.93
N GLU D 341 -17.14 20.27 -22.19
CA GLU D 341 -16.26 21.44 -22.24
C GLU D 341 -16.55 22.28 -23.47
N THR D 342 -16.89 21.65 -24.60
CA THR D 342 -17.26 22.41 -25.78
C THR D 342 -18.55 23.19 -25.54
N HIS D 343 -19.53 22.57 -24.87
CA HIS D 343 -20.77 23.28 -24.59
C HIS D 343 -20.56 24.41 -23.60
N ILE D 344 -19.72 24.22 -22.59
CA ILE D 344 -19.46 25.28 -21.62
C ILE D 344 -18.77 26.46 -22.31
N HIS D 345 -17.76 26.16 -23.14
CA HIS D 345 -17.08 27.22 -23.88
C HIS D 345 -18.02 27.96 -24.80
N ASN D 346 -18.90 27.23 -25.51
CA ASN D 346 -19.83 27.88 -26.43
C ASN D 346 -20.87 28.71 -25.68
N GLN D 347 -21.36 28.21 -24.55
CA GLN D 347 -22.36 28.94 -23.78
C GLN D 347 -21.76 30.21 -23.19
N GLY D 348 -20.54 30.13 -22.69
CA GLY D 348 -19.87 31.33 -22.21
C GLY D 348 -19.63 32.33 -23.32
N LEU D 349 -19.23 31.85 -24.50
CA LEU D 349 -19.01 32.75 -25.63
C LEU D 349 -20.31 33.43 -26.04
N ALA D 350 -21.42 32.69 -26.03
CA ALA D 350 -22.71 33.28 -26.34
C ALA D 350 -23.10 34.32 -25.30
N ALA D 351 -22.84 34.04 -24.02
CA ALA D 351 -23.15 35.02 -22.97
C ALA D 351 -22.32 36.30 -23.14
N ILE D 352 -21.03 36.16 -23.43
CA ILE D 352 -20.17 37.32 -23.61
C ILE D 352 -20.58 38.10 -24.85
N GLU D 353 -21.00 37.39 -25.90
CA GLU D 353 -21.53 38.07 -27.08
C GLU D 353 -22.82 38.82 -26.75
N LYS D 354 -23.65 38.24 -25.87
CA LYS D 354 -24.85 38.94 -25.41
C LYS D 354 -24.49 40.18 -24.60
N CYS D 355 -23.35 40.16 -23.91
CA CYS D 355 -22.89 41.36 -23.21
C CYS D 355 -22.61 42.49 -24.19
N GLY D 356 -21.96 42.18 -25.32
CA GLY D 356 -21.77 43.15 -26.37
C GLY D 356 -20.72 44.20 -26.03
N GLU D 357 -20.90 45.39 -26.62
CA GLU D 357 -19.97 46.49 -26.42
C GLU D 357 -20.01 47.05 -25.01
N ALA D 358 -21.10 46.83 -24.28
CA ALA D 358 -21.25 47.42 -22.95
C ALA D 358 -20.29 46.80 -21.93
N ALA D 359 -19.84 45.57 -22.16
CA ALA D 359 -18.94 44.93 -21.20
C ALA D 359 -17.54 45.53 -21.22
N LEU D 360 -17.17 46.23 -22.29
CA LEU D 360 -15.84 46.83 -22.38
C LEU D 360 -15.67 47.95 -21.35
N ASN D 361 -16.69 48.78 -21.17
CA ASN D 361 -16.62 49.91 -20.26
C ASN D 361 -17.31 49.65 -18.93
N ASP D 362 -17.88 48.45 -18.74
CA ASP D 362 -18.55 48.08 -17.50
C ASP D 362 -17.94 46.77 -17.02
N PRO D 363 -16.88 46.83 -16.22
CA PRO D 363 -16.21 45.60 -15.78
C PRO D 363 -17.10 44.70 -14.93
N LYS D 364 -18.01 45.28 -14.14
CA LYS D 364 -18.87 44.49 -13.28
C LYS D 364 -19.75 43.55 -14.09
N MET D 365 -20.33 44.04 -15.19
CA MET D 365 -21.19 43.20 -16.01
C MET D 365 -20.42 42.04 -16.63
N TYR D 366 -19.21 42.30 -17.14
CA TYR D 366 -18.43 41.26 -17.77
C TYR D 366 -17.99 40.20 -16.76
N VAL D 367 -17.45 40.62 -15.63
CA VAL D 367 -16.99 39.67 -14.64
C VAL D 367 -18.17 38.91 -14.04
N GLN D 368 -19.31 39.57 -13.86
CA GLN D 368 -20.49 38.90 -13.36
C GLN D 368 -21.02 37.88 -14.36
N THR D 369 -20.93 38.18 -15.66
CA THR D 369 -21.37 37.22 -16.66
C THR D 369 -20.48 35.98 -16.67
N VAL D 370 -19.16 36.18 -16.65
CA VAL D 370 -18.24 35.03 -16.63
C VAL D 370 -18.42 34.23 -15.35
N LEU D 371 -18.56 34.91 -14.22
CA LEU D 371 -18.75 34.25 -12.94
C LEU D 371 -20.08 33.49 -12.89
N ASP D 372 -21.12 34.05 -13.50
CA ASP D 372 -22.41 33.37 -13.52
C ASP D 372 -22.39 32.13 -14.40
N VAL D 373 -21.68 32.20 -15.53
CA VAL D 373 -21.51 31.01 -16.37
C VAL D 373 -20.75 29.93 -15.61
N HIS D 374 -19.68 30.32 -14.92
CA HIS D 374 -18.90 29.35 -14.14
C HIS D 374 -19.73 28.76 -13.00
N LYS D 375 -20.55 29.59 -12.34
CA LYS D 375 -21.38 29.11 -11.25
C LYS D 375 -22.45 28.15 -11.74
N LYS D 376 -23.09 28.48 -12.88
CA LYS D 376 -24.12 27.60 -13.43
C LYS D 376 -23.53 26.26 -13.86
N TYR D 377 -22.37 26.27 -14.51
CA TYR D 377 -21.77 25.04 -14.99
C TYR D 377 -20.72 24.48 -14.03
N ASN D 378 -20.75 24.91 -12.77
CA ASN D 378 -19.99 24.25 -11.71
C ASN D 378 -20.87 23.40 -10.81
N ALA D 379 -22.11 23.84 -10.55
CA ALA D 379 -23.06 23.00 -9.84
C ALA D 379 -23.42 21.77 -10.66
N LEU D 380 -23.54 21.93 -11.98
CA LEU D 380 -23.86 20.82 -12.86
C LEU D 380 -22.74 19.78 -12.89
N VAL D 381 -21.50 20.18 -12.61
CA VAL D 381 -20.42 19.22 -12.47
C VAL D 381 -20.35 18.67 -11.05
N MET D 382 -20.67 19.49 -10.05
CA MET D 382 -20.58 19.06 -8.66
C MET D 382 -21.77 18.22 -8.21
N SER D 383 -22.97 18.52 -8.70
CA SER D 383 -24.16 17.79 -8.29
C SER D 383 -24.52 16.66 -9.24
N ALA D 384 -24.70 16.96 -10.52
CA ALA D 384 -25.10 15.94 -11.48
C ALA D 384 -23.95 14.98 -11.79
N PHE D 385 -22.76 15.52 -12.00
CA PHE D 385 -21.61 14.71 -12.41
C PHE D 385 -20.78 14.23 -11.23
N ASN D 386 -21.28 14.40 -10.01
CA ASN D 386 -20.69 13.83 -8.79
C ASN D 386 -19.27 14.34 -8.55
N ASN D 387 -18.98 15.57 -9.01
CA ASN D 387 -17.68 16.22 -8.81
C ASN D 387 -16.53 15.37 -9.33
N ASP D 388 -16.72 14.77 -10.51
CA ASP D 388 -15.70 13.92 -11.10
C ASP D 388 -14.45 14.72 -11.44
N ALA D 389 -13.29 14.11 -11.22
CA ALA D 389 -12.03 14.80 -11.48
C ALA D 389 -11.87 15.11 -12.96
N GLY D 390 -12.22 14.17 -13.83
CA GLY D 390 -12.15 14.43 -15.26
C GLY D 390 -13.12 15.51 -15.70
N PHE D 391 -14.33 15.51 -15.14
CA PHE D 391 -15.31 16.51 -15.54
C PHE D 391 -14.98 17.89 -14.99
N VAL D 392 -14.48 17.98 -13.76
CA VAL D 392 -14.08 19.28 -13.25
C VAL D 392 -12.82 19.77 -13.96
N ALA D 393 -11.98 18.84 -14.45
CA ALA D 393 -10.84 19.25 -15.26
C ALA D 393 -11.29 19.76 -16.62
N ALA D 394 -12.34 19.14 -17.19
CA ALA D 394 -12.90 19.64 -18.44
C ALA D 394 -13.56 20.99 -18.25
N LEU D 395 -14.16 21.24 -17.08
CA LEU D 395 -14.69 22.56 -16.78
C LEU D 395 -13.57 23.59 -16.66
N ASP D 396 -12.48 23.23 -15.97
CA ASP D 396 -11.36 24.15 -15.82
C ASP D 396 -10.71 24.46 -17.15
N LYS D 397 -10.55 23.45 -18.01
CA LYS D 397 -9.99 23.67 -19.33
C LYS D 397 -10.93 24.44 -20.24
N ALA D 398 -12.25 24.36 -19.99
CA ALA D 398 -13.19 25.07 -20.85
C ALA D 398 -13.15 26.57 -20.59
N CYS D 399 -13.10 26.97 -19.32
CA CYS D 399 -13.07 28.39 -19.01
C CYS D 399 -11.70 29.01 -19.28
N GLY D 400 -10.63 28.21 -19.26
CA GLY D 400 -9.32 28.73 -19.60
C GLY D 400 -9.24 29.18 -21.05
N ARG D 401 -9.91 28.47 -21.94
CA ARG D 401 -10.02 28.88 -23.33
C ARG D 401 -11.10 29.93 -23.54
N PHE D 402 -11.83 30.28 -22.50
CA PHE D 402 -12.99 31.18 -22.59
C PHE D 402 -12.74 32.54 -21.98
N ILE D 403 -12.24 32.62 -20.75
CA ILE D 403 -12.02 33.92 -20.12
C ILE D 403 -10.92 34.69 -20.85
N ASN D 404 -9.84 34.02 -21.23
CA ASN D 404 -8.72 34.70 -21.87
C ASN D 404 -9.07 35.16 -23.28
N ASN D 405 -9.78 34.32 -24.04
CA ASN D 405 -10.10 34.61 -25.44
C ASN D 405 -11.61 34.52 -25.63
N ASN D 406 -12.29 35.66 -25.60
CA ASN D 406 -13.72 35.71 -25.85
C ASN D 406 -14.08 36.88 -26.76
N ALA D 407 -15.37 37.20 -26.84
CA ALA D 407 -15.82 38.25 -27.73
C ALA D 407 -15.27 39.62 -27.33
N VAL D 408 -15.24 39.92 -26.03
CA VAL D 408 -14.79 41.23 -25.60
C VAL D 408 -13.28 41.39 -25.80
N THR D 409 -12.52 40.30 -25.70
CA THR D 409 -11.09 40.39 -25.95
C THR D 409 -10.79 40.56 -27.44
N LYS D 410 -11.55 39.86 -28.29
CA LYS D 410 -11.41 40.03 -29.73
C LYS D 410 -11.82 41.42 -30.17
N MET D 411 -12.83 42.00 -29.51
CA MET D 411 -13.23 43.37 -29.82
C MET D 411 -12.13 44.37 -29.49
N ALA D 412 -11.33 44.10 -28.47
CA ALA D 412 -10.20 44.94 -28.10
C ALA D 412 -8.89 44.45 -28.70
N GLN D 413 -8.96 43.49 -29.64
CA GLN D 413 -7.85 42.87 -30.36
C GLN D 413 -6.63 42.56 -29.48
N SER D 414 -6.88 42.16 -28.24
CA SER D 414 -5.82 41.82 -27.31
C SER D 414 -6.42 41.01 -26.17
N SER D 415 -5.73 39.93 -25.79
CA SER D 415 -6.19 39.09 -24.70
C SER D 415 -5.98 39.75 -23.33
N SER D 416 -5.26 40.86 -23.27
CA SER D 416 -5.02 41.54 -22.00
C SER D 416 -6.24 42.31 -21.51
N LYS D 417 -7.29 42.44 -22.32
CA LYS D 417 -8.49 43.15 -21.88
C LYS D 417 -9.23 42.38 -20.79
N SER D 418 -9.12 41.05 -20.78
CA SER D 418 -9.84 40.29 -19.77
C SER D 418 -9.24 40.45 -18.37
N PRO D 419 -7.95 40.22 -18.13
CA PRO D 419 -7.44 40.50 -16.77
C PRO D 419 -7.48 41.96 -16.40
N GLU D 420 -7.42 42.87 -17.38
CA GLU D 420 -7.59 44.29 -17.09
C GLU D 420 -8.99 44.57 -16.57
N LEU D 421 -10.01 43.98 -17.20
CA LEU D 421 -11.38 44.15 -16.71
C LEU D 421 -11.56 43.49 -15.34
N LEU D 422 -10.91 42.35 -15.12
CA LEU D 422 -10.96 41.72 -13.80
C LEU D 422 -10.34 42.62 -12.74
N ALA D 423 -9.22 43.25 -13.06
CA ALA D 423 -8.58 44.18 -12.12
C ALA D 423 -9.47 45.39 -11.86
N ARG D 424 -10.10 45.91 -12.92
CA ARG D 424 -11.00 47.05 -12.75
C ARG D 424 -12.18 46.70 -11.84
N TYR D 425 -12.74 45.50 -12.03
CA TYR D 425 -13.82 45.06 -11.15
C TYR D 425 -13.34 44.87 -9.71
N CYS D 426 -12.14 44.31 -9.54
CA CYS D 426 -11.61 44.13 -8.20
C CYS D 426 -11.29 45.46 -7.54
N ASP D 427 -10.93 46.47 -8.34
CA ASP D 427 -10.76 47.82 -7.81
C ASP D 427 -12.09 48.47 -7.47
N SER D 428 -13.13 48.16 -8.23
CA SER D 428 -14.44 48.76 -8.00
C SER D 428 -15.04 48.30 -6.68
N LEU D 429 -14.77 47.05 -6.28
CA LEU D 429 -15.31 46.53 -5.03
C LEU D 429 -14.61 47.16 -3.82
N LEU D 430 -13.30 47.35 -3.91
CA LEU D 430 -12.53 47.87 -2.79
C LEU D 430 -12.53 49.39 -2.72
N LYS D 431 -13.05 50.08 -3.74
CA LYS D 431 -13.09 51.53 -3.73
C LYS D 431 -14.12 52.03 -2.72
N LYS D 432 -13.82 53.20 -2.14
CA LYS D 432 -14.73 53.81 -1.18
C LYS D 432 -15.93 54.42 -1.92
N SER D 433 -16.98 53.63 -2.09
CA SER D 433 -18.19 54.11 -2.74
C SER D 433 -19.10 54.80 -1.73
N SER D 434 -20.23 55.32 -2.24
CA SER D 434 -21.23 55.90 -1.35
C SER D 434 -21.82 54.84 -0.43
N LYS D 435 -22.08 53.65 -0.96
CA LYS D 435 -22.57 52.52 -0.18
C LYS D 435 -21.43 51.54 0.01
N ASN D 436 -20.93 51.43 1.24
CA ASN D 436 -19.87 50.48 1.53
C ASN D 436 -20.40 49.05 1.48
N PRO D 437 -19.74 48.15 0.76
CA PRO D 437 -20.21 46.76 0.73
C PRO D 437 -20.08 46.08 2.09
N GLU D 438 -20.98 45.12 2.32
CA GLU D 438 -20.92 44.32 3.54
C GLU D 438 -19.66 43.46 3.54
N GLU D 439 -19.02 43.36 4.70
CA GLU D 439 -17.69 42.73 4.78
C GLU D 439 -17.76 41.25 4.42
N ALA D 440 -18.80 40.54 4.86
CA ALA D 440 -18.96 39.14 4.46
C ALA D 440 -19.27 39.04 2.98
N GLU D 441 -20.15 39.91 2.47
CA GLU D 441 -20.46 39.93 1.04
C GLU D 441 -19.23 40.29 0.23
N LEU D 442 -18.45 41.27 0.70
CA LEU D 442 -17.25 41.67 -0.03
C LEU D 442 -16.22 40.55 -0.04
N GLU D 443 -16.05 39.85 1.09
CA GLU D 443 -15.12 38.73 1.13
C GLU D 443 -15.58 37.62 0.19
N ASP D 444 -16.89 37.35 0.15
CA ASP D 444 -17.40 36.31 -0.75
C ASP D 444 -17.18 36.68 -2.21
N THR D 445 -17.46 37.93 -2.59
CA THR D 445 -17.31 38.29 -3.98
C THR D 445 -15.84 38.43 -4.38
N LEU D 446 -14.96 38.78 -3.43
CA LEU D 446 -13.53 38.77 -3.75
C LEU D 446 -13.01 37.35 -3.89
N ASN D 447 -13.53 36.41 -3.10
CA ASN D 447 -13.21 35.00 -3.31
C ASN D 447 -13.68 34.53 -4.67
N GLN D 448 -14.87 34.99 -5.09
CA GLN D 448 -15.37 34.66 -6.43
C GLN D 448 -14.46 35.24 -7.51
N VAL D 449 -13.96 36.45 -7.30
CA VAL D 449 -13.01 37.06 -8.24
C VAL D 449 -11.75 36.22 -8.32
N MET D 450 -11.26 35.76 -7.16
CA MET D 450 -10.08 34.89 -7.15
C MET D 450 -10.35 33.58 -7.89
N VAL D 451 -11.59 33.08 -7.80
CA VAL D 451 -11.98 31.91 -8.58
C VAL D 451 -11.89 32.21 -10.07
N VAL D 452 -12.36 33.39 -10.48
CA VAL D 452 -12.23 33.80 -11.88
C VAL D 452 -10.77 34.00 -12.24
N PHE D 453 -9.96 34.52 -11.30
CA PHE D 453 -8.56 34.82 -11.57
C PHE D 453 -7.75 33.56 -11.87
N LYS D 454 -8.18 32.40 -11.35
CA LYS D 454 -7.41 31.17 -11.52
C LYS D 454 -7.30 30.76 -12.99
N TYR D 455 -8.28 31.12 -13.81
CA TYR D 455 -8.26 30.78 -15.22
C TYR D 455 -7.67 31.86 -16.11
N ILE D 456 -7.19 32.96 -15.52
CA ILE D 456 -6.56 34.01 -16.31
C ILE D 456 -5.20 33.54 -16.77
N GLU D 457 -4.97 33.59 -18.09
CA GLU D 457 -3.70 33.15 -18.64
C GLU D 457 -2.60 34.17 -18.38
N ASP D 458 -2.84 35.44 -18.76
CA ASP D 458 -1.84 36.49 -18.61
C ASP D 458 -2.04 37.18 -17.26
N LYS D 459 -1.50 36.55 -16.22
CA LYS D 459 -1.63 37.11 -14.88
C LYS D 459 -0.76 38.35 -14.68
N ASP D 460 0.22 38.58 -15.55
CA ASP D 460 1.10 39.74 -15.41
C ASP D 460 0.35 41.05 -15.62
N VAL D 461 -0.55 41.07 -16.62
CA VAL D 461 -1.34 42.28 -16.89
C VAL D 461 -2.24 42.58 -15.69
N PHE D 462 -2.86 41.55 -15.13
CA PHE D 462 -3.66 41.71 -13.93
C PHE D 462 -2.80 42.23 -12.77
N GLN D 463 -1.58 41.71 -12.63
CA GLN D 463 -0.70 42.16 -11.56
C GLN D 463 -0.38 43.64 -11.69
N LYS D 464 -0.01 44.08 -12.89
CA LYS D 464 0.34 45.49 -13.09
C LYS D 464 -0.88 46.39 -12.90
N PHE D 465 -2.04 46.00 -13.44
CA PHE D 465 -3.22 46.83 -13.30
C PHE D 465 -3.68 46.91 -11.86
N TYR D 466 -3.63 45.79 -11.13
CA TYR D 466 -4.01 45.82 -9.73
C TYR D 466 -3.01 46.61 -8.90
N ALA D 467 -1.73 46.56 -9.26
CA ALA D 467 -0.75 47.37 -8.56
C ALA D 467 -1.02 48.85 -8.75
N LYS D 468 -1.34 49.26 -9.98
CA LYS D 468 -1.60 50.68 -10.22
C LYS D 468 -2.90 51.13 -9.56
N MET D 469 -3.93 50.27 -9.57
CA MET D 469 -5.18 50.63 -8.89
C MET D 469 -5.00 50.69 -7.38
N LEU D 470 -4.22 49.77 -6.82
CA LEU D 470 -3.91 49.81 -5.39
C LEU D 470 -3.14 51.07 -5.03
N ALA D 471 -2.22 51.48 -5.91
CA ALA D 471 -1.51 52.74 -5.69
C ALA D 471 -2.47 53.92 -5.69
N LYS D 472 -3.31 54.02 -6.73
CA LYS D 472 -4.24 55.14 -6.85
C LYS D 472 -5.27 55.15 -5.74
N ARG D 473 -5.55 54.01 -5.12
CA ARG D 473 -6.47 53.99 -3.98
C ARG D 473 -5.77 54.31 -2.67
N LEU D 474 -4.54 53.82 -2.48
CA LEU D 474 -3.87 53.99 -1.19
C LEU D 474 -3.32 55.40 -1.03
N VAL D 475 -2.84 56.02 -2.11
CA VAL D 475 -2.33 57.38 -1.97
C VAL D 475 -3.45 58.39 -1.78
N HIS D 476 -4.68 58.04 -2.13
CA HIS D 476 -5.83 58.93 -1.96
C HIS D 476 -6.73 58.51 -0.81
N GLN D 477 -6.33 57.49 -0.05
CA GLN D 477 -7.13 56.94 1.05
C GLN D 477 -8.51 56.51 0.58
N ASN D 478 -8.57 55.94 -0.62
CA ASN D 478 -9.83 55.54 -1.24
C ASN D 478 -10.20 54.10 -0.95
N SER D 479 -9.42 53.39 -0.14
CA SER D 479 -9.73 52.01 0.19
C SER D 479 -10.95 51.96 1.11
N ALA D 480 -11.89 51.07 0.79
CA ALA D 480 -13.09 50.94 1.61
C ALA D 480 -12.76 50.38 2.99
N SER D 481 -11.87 49.39 3.05
CA SER D 481 -11.48 48.78 4.32
C SER D 481 -10.16 48.05 4.12
N ASP D 482 -9.21 48.29 5.03
CA ASP D 482 -7.85 47.79 4.85
C ASP D 482 -7.78 46.27 5.05
N ASP D 483 -8.66 45.71 5.88
CA ASP D 483 -8.67 44.26 6.06
C ASP D 483 -9.08 43.54 4.79
N ALA D 484 -9.93 44.17 3.98
CA ALA D 484 -10.28 43.60 2.68
C ALA D 484 -9.05 43.54 1.77
N GLU D 485 -8.25 44.61 1.76
CA GLU D 485 -7.02 44.62 0.98
C GLU D 485 -6.06 43.55 1.48
N ALA D 486 -5.94 43.40 2.80
CA ALA D 486 -5.08 42.37 3.35
C ALA D 486 -5.55 40.97 2.97
N SER D 487 -6.86 40.75 2.98
CA SER D 487 -7.39 39.44 2.59
C SER D 487 -7.12 39.16 1.12
N MET D 488 -7.29 40.17 0.26
CA MET D 488 -7.01 39.98 -1.16
C MET D 488 -5.52 39.71 -1.40
N ILE D 489 -4.64 40.41 -0.69
CA ILE D 489 -3.21 40.17 -0.83
C ILE D 489 -2.85 38.77 -0.36
N SER D 490 -3.47 38.32 0.75
CA SER D 490 -3.22 36.96 1.24
C SER D 490 -3.71 35.91 0.26
N LYS D 491 -4.87 36.14 -0.37
CA LYS D 491 -5.38 35.19 -1.35
C LYS D 491 -4.52 35.16 -2.60
N LEU D 492 -4.00 36.32 -3.02
CA LEU D 492 -3.07 36.34 -4.14
C LEU D 492 -1.77 35.62 -3.80
N LYS D 493 -1.30 35.77 -2.55
CA LYS D 493 -0.14 35.04 -2.08
C LYS D 493 -0.36 33.54 -2.12
N GLN D 494 -1.53 33.10 -1.68
CA GLN D 494 -1.87 31.67 -1.75
C GLN D 494 -2.02 31.21 -3.19
N ALA D 495 -2.46 32.09 -4.09
CA ALA D 495 -2.70 31.69 -5.48
C ALA D 495 -1.39 31.53 -6.24
N CYS D 496 -0.60 32.60 -6.32
CA CYS D 496 0.59 32.60 -7.20
C CYS D 496 1.79 33.13 -6.42
N GLY D 497 2.52 32.22 -5.77
CA GLY D 497 3.84 32.46 -5.20
C GLY D 497 3.89 33.64 -4.25
N PHE D 498 5.05 34.30 -4.22
CA PHE D 498 5.24 35.48 -3.40
C PHE D 498 5.72 36.66 -4.23
N GLU D 499 6.48 36.37 -5.29
CA GLU D 499 6.97 37.44 -6.17
C GLU D 499 5.86 38.13 -6.94
N TYR D 500 4.70 37.49 -7.06
CA TYR D 500 3.56 38.13 -7.71
C TYR D 500 3.01 39.27 -6.87
N THR D 501 2.94 39.09 -5.56
CA THR D 501 2.33 40.08 -4.67
C THR D 501 3.31 40.67 -3.68
N SER D 502 4.62 40.48 -3.88
CA SER D 502 5.61 41.09 -2.99
C SER D 502 5.57 42.60 -3.09
N LYS D 503 5.39 43.13 -4.30
CA LYS D 503 5.30 44.57 -4.50
C LYS D 503 4.11 45.15 -3.78
N LEU D 504 2.97 44.45 -3.81
CA LEU D 504 1.76 44.94 -3.15
C LEU D 504 1.92 44.95 -1.64
N GLN D 505 2.52 43.89 -1.07
CA GLN D 505 2.75 43.84 0.36
C GLN D 505 3.75 44.92 0.79
N ARG D 506 4.76 45.16 -0.03
CA ARG D 506 5.70 46.24 0.27
C ARG D 506 5.00 47.59 0.20
N MET D 507 4.05 47.76 -0.74
CA MET D 507 3.28 49.00 -0.80
C MET D 507 2.44 49.20 0.46
N PHE D 508 1.81 48.13 0.96
CA PHE D 508 0.98 48.25 2.15
C PHE D 508 1.82 48.57 3.38
N GLN D 509 2.95 47.88 3.54
CA GLN D 509 3.81 48.17 4.69
C GLN D 509 4.47 49.54 4.54
N ASP D 510 4.66 50.02 3.30
CA ASP D 510 5.16 51.37 3.11
C ASP D 510 4.11 52.40 3.49
N ILE D 511 2.83 52.09 3.25
CA ILE D 511 1.76 52.97 3.72
C ILE D 511 1.76 53.03 5.23
N GLY D 512 1.94 51.89 5.90
CA GLY D 512 2.02 51.90 7.35
C GLY D 512 3.22 52.69 7.87
N VAL D 513 4.38 52.50 7.25
CA VAL D 513 5.59 53.22 7.65
C VAL D 513 5.40 54.72 7.41
N SER D 514 4.75 55.09 6.31
CA SER D 514 4.51 56.50 6.02
C SER D 514 3.52 57.10 7.01
N LYS D 515 2.53 56.32 7.46
CA LYS D 515 1.64 56.82 8.51
C LYS D 515 2.40 57.07 9.80
N ASP D 516 3.28 56.15 10.18
CA ASP D 516 4.11 56.34 11.37
C ASP D 516 5.00 57.57 11.23
N LEU D 517 5.59 57.76 10.04
CA LEU D 517 6.45 58.91 9.79
C LEU D 517 5.64 60.21 9.81
N ASN D 518 4.39 60.18 9.34
CA ASN D 518 3.53 61.35 9.42
C ASN D 518 3.23 61.72 10.87
N GLU D 519 2.96 60.71 11.71
CA GLU D 519 2.75 60.97 13.13
C GLU D 519 4.01 61.55 13.77
N GLN D 520 5.18 60.99 13.45
CA GLN D 520 6.43 61.49 14.01
C GLN D 520 6.72 62.92 13.55
N PHE D 521 6.43 63.23 12.28
CA PHE D 521 6.62 64.60 11.80
C PHE D 521 5.63 65.56 12.43
N LYS D 522 4.41 65.11 12.71
CA LYS D 522 3.47 65.95 13.45
C LYS D 522 3.99 66.25 14.85
N LYS D 523 4.54 65.24 15.52
CA LYS D 523 5.13 65.46 16.84
C LYS D 523 6.32 66.41 16.77
N HIS D 524 7.16 66.26 15.75
CA HIS D 524 8.30 67.17 15.59
C HIS D 524 7.86 68.59 15.30
N LEU D 525 6.81 68.76 14.49
CA LEU D 525 6.28 70.09 14.20
C LEU D 525 5.70 70.74 15.44
N THR D 526 5.02 69.95 16.29
CA THR D 526 4.56 70.49 17.57
C THR D 526 5.73 70.86 18.47
N ASN D 527 6.80 70.07 18.45
CA ASN D 527 7.96 70.36 19.29
C ASN D 527 8.79 71.50 18.70
N SER D 528 9.24 71.34 17.46
CA SER D 528 10.06 72.36 16.80
C SER D 528 9.15 73.47 16.27
N GLU D 529 9.71 74.33 15.42
CA GLU D 529 8.92 75.41 14.84
C GLU D 529 7.87 74.82 13.90
N PRO D 530 6.61 75.27 13.99
CA PRO D 530 5.55 74.67 13.16
C PRO D 530 5.37 75.36 11.82
N LEU D 531 4.55 74.77 10.97
CA LEU D 531 4.17 75.36 9.69
C LEU D 531 2.69 75.72 9.74
N ASP D 532 2.35 76.91 9.25
CA ASP D 532 0.95 77.31 9.18
C ASP D 532 0.16 76.41 8.26
N LEU D 533 0.77 76.00 7.15
CA LEU D 533 0.14 75.05 6.25
C LEU D 533 0.21 73.65 6.83
N ASP D 534 -0.93 72.95 6.83
CA ASP D 534 -0.96 71.56 7.26
C ASP D 534 -0.21 70.69 6.25
N PHE D 535 0.58 69.75 6.78
CA PHE D 535 1.41 68.87 5.96
C PHE D 535 1.14 67.43 6.33
N SER D 536 0.92 66.58 5.32
CA SER D 536 0.64 65.17 5.55
C SER D 536 1.13 64.39 4.34
N ILE D 537 2.32 63.80 4.46
CA ILE D 537 2.93 63.09 3.34
C ILE D 537 2.77 61.59 3.52
N GLN D 538 2.96 60.85 2.43
CA GLN D 538 3.01 59.40 2.43
C GLN D 538 4.20 58.99 1.57
N VAL D 539 5.36 58.82 2.20
CA VAL D 539 6.58 58.50 1.46
C VAL D 539 6.56 57.04 1.05
N LEU D 540 6.87 56.78 -0.22
CA LEU D 540 6.74 55.46 -0.81
C LEU D 540 8.02 55.08 -1.53
N SER D 541 8.31 53.78 -1.58
CA SER D 541 9.54 53.31 -2.22
C SER D 541 9.48 53.48 -3.74
N SER D 542 10.62 53.80 -4.33
CA SER D 542 10.70 53.92 -5.78
C SER D 542 10.69 52.56 -6.46
N GLY D 543 11.18 51.52 -5.76
CA GLY D 543 11.13 50.18 -6.32
C GLY D 543 9.72 49.67 -6.49
N SER D 544 8.87 49.92 -5.49
CA SER D 544 7.45 49.62 -5.58
C SER D 544 6.72 50.85 -6.13
N TRP D 545 5.38 50.82 -6.09
CA TRP D 545 4.52 51.92 -6.52
C TRP D 545 4.83 52.36 -7.95
N PRO D 546 4.42 51.60 -8.97
CA PRO D 546 4.68 52.00 -10.36
C PRO D 546 4.03 53.33 -10.70
N PHE D 547 4.85 54.35 -10.95
CA PHE D 547 4.40 55.70 -11.21
C PHE D 547 5.21 56.30 -12.34
N GLN D 548 4.92 57.55 -12.66
CA GLN D 548 5.68 58.32 -13.63
C GLN D 548 6.26 59.55 -12.94
N GLN D 549 7.52 59.85 -13.25
CA GLN D 549 8.17 61.01 -12.66
C GLN D 549 7.54 62.29 -13.20
N SER D 550 7.21 63.21 -12.30
CA SER D 550 6.55 64.44 -12.69
C SER D 550 7.51 65.36 -13.42
N CYS D 551 6.93 66.29 -14.19
CA CYS D 551 7.72 67.28 -14.90
C CYS D 551 8.24 68.35 -13.94
N THR D 552 8.90 69.35 -14.51
CA THR D 552 9.42 70.46 -13.71
C THR D 552 8.27 71.26 -13.11
N PHE D 553 8.50 71.81 -11.92
CA PHE D 553 7.45 72.48 -11.17
C PHE D 553 8.07 73.56 -10.31
N ALA D 554 7.41 74.72 -10.26
CA ALA D 554 7.86 75.83 -9.43
C ALA D 554 7.19 75.72 -8.06
N LEU D 555 8.01 75.53 -7.03
CA LEU D 555 7.49 75.32 -5.69
C LEU D 555 7.00 76.64 -5.10
N PRO D 556 5.75 76.70 -4.61
CA PRO D 556 5.28 77.90 -3.90
C PRO D 556 6.09 78.16 -2.65
N SER D 557 6.16 79.44 -2.26
CA SER D 557 7.05 79.87 -1.18
C SER D 557 6.68 79.21 0.15
N GLU D 558 5.40 79.22 0.50
CA GLU D 558 4.95 78.51 1.68
C GLU D 558 5.16 77.01 1.52
N LEU D 559 4.87 76.50 0.31
CA LEU D 559 5.14 75.10 0.03
C LEU D 559 6.64 74.81 0.05
N GLU D 560 7.46 75.77 -0.37
CA GLU D 560 8.91 75.61 -0.26
C GLU D 560 9.35 75.51 1.19
N ARG D 561 8.77 76.35 2.07
CA ARG D 561 9.09 76.27 3.49
C ARG D 561 8.67 74.95 4.08
N SER D 562 7.47 74.46 3.72
CA SER D 562 7.01 73.17 4.22
C SER D 562 7.90 72.04 3.72
N TYR D 563 8.31 72.11 2.45
CA TYR D 563 9.19 71.09 1.87
C TYR D 563 10.55 71.09 2.56
N GLN D 564 11.12 72.27 2.84
CA GLN D 564 12.40 72.35 3.51
C GLN D 564 12.31 71.84 4.94
N ARG D 565 11.21 72.16 5.63
CA ARG D 565 11.01 71.65 6.99
C ARG D 565 10.90 70.13 7.00
N PHE D 566 10.15 69.56 6.06
CA PHE D 566 10.01 68.10 6.05
C PHE D 566 11.32 67.43 5.66
N THR D 567 12.09 68.03 4.75
CA THR D 567 13.38 67.45 4.43
C THR D 567 14.37 67.57 5.58
N ALA D 568 14.26 68.64 6.38
CA ALA D 568 15.07 68.72 7.60
C ALA D 568 14.73 67.61 8.58
N PHE D 569 13.42 67.37 8.78
CA PHE D 569 13.01 66.24 9.62
C PHE D 569 13.45 64.91 9.03
N TYR D 570 13.40 64.80 7.69
CA TYR D 570 13.74 63.58 6.98
C TYR D 570 15.22 63.25 7.17
N ALA D 571 16.07 64.27 7.05
CA ALA D 571 17.51 64.07 7.29
C ALA D 571 17.80 63.86 8.76
N SER D 572 17.02 64.46 9.66
CA SER D 572 17.19 64.22 11.09
C SER D 572 16.89 62.76 11.44
N ARG D 573 15.88 62.18 10.82
CA ARG D 573 15.58 60.77 11.04
C ARG D 573 16.59 59.86 10.34
N HIS D 574 16.69 60.00 9.01
CA HIS D 574 17.52 59.11 8.20
C HIS D 574 17.84 59.81 6.88
N SER D 575 19.13 60.13 6.68
CA SER D 575 19.56 61.13 5.71
C SER D 575 19.99 60.55 4.37
N GLY D 576 20.75 59.45 4.35
CA GLY D 576 21.44 59.03 3.14
C GLY D 576 20.55 58.42 2.07
N ARG D 577 19.68 59.22 1.48
CA ARG D 577 18.77 58.79 0.43
C ARG D 577 18.30 60.02 -0.33
N LYS D 578 17.24 59.86 -1.13
CA LYS D 578 16.70 60.96 -1.91
C LYS D 578 15.20 60.79 -2.08
N LEU D 579 14.52 61.90 -2.40
CA LEU D 579 13.09 61.93 -2.64
C LEU D 579 12.81 62.65 -3.94
N THR D 580 11.87 62.13 -4.73
CA THR D 580 11.63 62.65 -6.06
C THR D 580 10.61 63.80 -6.06
N TRP D 581 9.63 63.76 -5.16
CA TRP D 581 8.64 64.83 -5.00
C TRP D 581 7.85 65.08 -6.29
N LEU D 582 7.09 64.06 -6.69
CA LEU D 582 6.14 64.25 -7.78
C LEU D 582 4.87 64.88 -7.23
N TYR D 583 4.39 65.92 -7.91
CA TYR D 583 3.20 66.63 -7.52
C TYR D 583 1.97 66.20 -8.33
N GLN D 584 2.09 65.09 -9.07
CA GLN D 584 1.00 64.63 -9.91
C GLN D 584 -0.18 64.13 -9.08
N LEU D 585 0.09 63.58 -7.90
CA LEU D 585 -0.94 62.95 -7.07
C LEU D 585 -0.95 63.55 -5.67
N SER D 586 -0.93 64.89 -5.60
CA SER D 586 -1.04 65.61 -4.34
C SER D 586 -2.03 66.75 -4.50
N LYS D 587 -2.76 67.05 -3.43
CA LYS D 587 -3.85 68.02 -3.49
C LYS D 587 -3.82 68.91 -2.26
N GLY D 588 -4.79 69.83 -2.20
CA GLY D 588 -4.91 70.75 -1.09
C GLY D 588 -5.97 71.81 -1.33
N GLU D 589 -6.44 72.48 -0.29
CA GLU D 589 -7.53 73.44 -0.42
C GLU D 589 -7.04 74.86 -0.10
N LEU D 590 -7.58 75.82 -0.84
CA LEU D 590 -7.17 77.21 -0.76
C LEU D 590 -8.38 78.08 -0.44
N VAL D 591 -8.13 79.16 0.30
CA VAL D 591 -9.17 80.11 0.69
C VAL D 591 -9.21 81.22 -0.35
N THR D 592 -10.38 81.46 -0.93
CA THR D 592 -10.58 82.50 -1.94
C THR D 592 -11.20 83.71 -1.26
N ASN D 593 -10.37 84.47 -0.55
CA ASN D 593 -10.85 85.68 0.10
C ASN D 593 -11.10 86.80 -0.91
N CYS D 594 -10.38 86.79 -2.03
CA CYS D 594 -10.62 87.79 -3.07
C CYS D 594 -11.93 87.57 -3.80
N PHE D 595 -12.52 86.38 -3.69
CA PHE D 595 -13.79 86.09 -4.33
C PHE D 595 -14.93 86.81 -3.61
N LYS D 596 -16.09 86.83 -4.25
CA LYS D 596 -17.26 87.44 -3.63
C LYS D 596 -17.73 86.66 -2.41
N ASN D 597 -17.46 85.35 -2.36
CA ASN D 597 -17.75 84.53 -1.20
C ASN D 597 -16.58 83.58 -0.97
N ARG D 598 -16.41 83.18 0.29
CA ARG D 598 -15.28 82.34 0.66
C ARG D 598 -15.45 80.93 0.10
N TYR D 599 -14.33 80.26 -0.11
CA TYR D 599 -14.32 78.91 -0.65
C TYR D 599 -13.21 78.10 -0.01
N THR D 600 -13.46 76.80 0.13
CA THR D 600 -12.48 75.82 0.57
C THR D 600 -12.23 74.80 -0.54
N LEU D 601 -12.11 75.29 -1.77
CA LEU D 601 -11.97 74.41 -2.93
C LEU D 601 -10.64 73.67 -2.89
N GLN D 602 -10.71 72.34 -2.90
CA GLN D 602 -9.52 71.51 -2.91
C GLN D 602 -8.96 71.42 -4.32
N ALA D 603 -7.64 71.61 -4.44
CA ALA D 603 -6.99 71.67 -5.74
C ALA D 603 -5.67 70.91 -5.69
N SER D 604 -5.23 70.43 -6.85
CA SER D 604 -3.97 69.74 -6.95
C SER D 604 -2.81 70.72 -6.76
N THR D 605 -1.61 70.17 -6.58
CA THR D 605 -0.43 70.98 -6.34
C THR D 605 -0.12 71.87 -7.54
N PHE D 606 -0.28 71.34 -8.75
CA PHE D 606 -0.18 72.19 -9.94
C PHE D 606 -1.23 73.29 -9.91
N GLN D 607 -2.49 72.92 -9.65
CA GLN D 607 -3.55 73.90 -9.55
C GLN D 607 -3.35 74.84 -8.37
N MET D 608 -2.76 74.35 -7.27
CA MET D 608 -2.43 75.21 -6.15
C MET D 608 -1.42 76.28 -6.56
N ALA D 609 -0.39 75.87 -7.30
CA ALA D 609 0.61 76.83 -7.78
C ALA D 609 -0.01 77.84 -8.75
N ILE D 610 -0.89 77.37 -9.63
CA ILE D 610 -1.51 78.27 -10.59
C ILE D 610 -2.43 79.27 -9.88
N LEU D 611 -3.15 78.81 -8.85
CA LEU D 611 -3.99 79.72 -8.08
C LEU D 611 -3.15 80.71 -7.27
N LEU D 612 -1.99 80.29 -6.78
CA LEU D 612 -1.09 81.22 -6.12
C LEU D 612 -0.56 82.27 -7.10
N GLN D 613 -0.26 81.85 -8.33
CA GLN D 613 0.14 82.79 -9.37
C GLN D 613 -0.97 83.78 -9.67
N TYR D 614 -2.22 83.30 -9.68
CA TYR D 614 -3.37 84.20 -9.83
C TYR D 614 -3.46 85.18 -8.66
N ASN D 615 -3.17 84.70 -7.45
CA ASN D 615 -3.19 85.56 -6.28
C ASN D 615 -2.13 86.66 -6.38
N THR D 616 -0.93 86.30 -6.84
CA THR D 616 0.14 87.29 -6.96
C THR D 616 -0.19 88.35 -8.01
N GLU D 617 -0.71 87.93 -9.17
CA GLU D 617 -1.24 88.86 -10.15
C GLU D 617 -2.37 88.19 -10.91
N ASP D 618 -3.43 88.97 -11.21
CA ASP D 618 -4.62 88.40 -11.82
C ASP D 618 -4.42 88.18 -13.31
N ALA D 619 -3.99 89.21 -14.03
CA ALA D 619 -3.73 89.08 -15.46
C ALA D 619 -2.46 88.26 -15.67
N TYR D 620 -2.58 87.16 -16.42
CA TYR D 620 -1.48 86.22 -16.52
C TYR D 620 -1.68 85.37 -17.77
N THR D 621 -0.60 85.14 -18.51
CA THR D 621 -0.68 84.48 -19.81
C THR D 621 -0.20 83.03 -19.73
N VAL D 622 -0.48 82.28 -20.80
CA VAL D 622 -0.10 80.88 -20.87
C VAL D 622 1.41 80.74 -21.01
N GLN D 623 2.03 81.61 -21.82
CA GLN D 623 3.49 81.59 -21.96
C GLN D 623 4.16 81.92 -20.63
N GLN D 624 3.61 82.87 -19.88
CA GLN D 624 4.12 83.19 -18.55
C GLN D 624 3.95 82.00 -17.61
N LEU D 625 2.81 81.29 -17.73
CA LEU D 625 2.62 80.06 -16.96
C LEU D 625 3.72 79.06 -17.25
N THR D 626 4.04 78.86 -18.53
CA THR D 626 5.06 77.90 -18.92
C THR D 626 6.45 78.31 -18.43
N ASP D 627 6.80 79.60 -18.57
CA ASP D 627 8.16 80.00 -18.20
C ASP D 627 8.35 80.12 -16.69
N SER D 628 7.28 80.42 -15.94
CA SER D 628 7.45 80.60 -14.51
C SER D 628 7.18 79.32 -13.72
N THR D 629 6.09 78.62 -14.03
CA THR D 629 5.76 77.41 -13.29
C THR D 629 6.51 76.18 -13.78
N GLN D 630 7.16 76.27 -14.94
CA GLN D 630 7.96 75.21 -15.55
C GLN D 630 7.15 73.95 -15.86
N ILE D 631 5.83 74.04 -15.87
CA ILE D 631 4.98 72.88 -16.13
C ILE D 631 4.95 72.63 -17.64
N LYS D 632 4.93 71.35 -18.02
CA LYS D 632 4.85 70.98 -19.43
C LYS D 632 3.53 71.46 -20.02
N MET D 633 3.58 71.82 -21.31
CA MET D 633 2.47 72.55 -21.93
C MET D 633 1.20 71.71 -22.03
N ASP D 634 1.33 70.39 -22.25
CA ASP D 634 0.13 69.56 -22.42
C ASP D 634 -0.64 69.40 -21.11
N ILE D 635 0.06 69.05 -20.03
CA ILE D 635 -0.62 68.85 -18.75
C ILE D 635 -1.10 70.18 -18.18
N LEU D 636 -0.33 71.25 -18.37
CA LEU D 636 -0.78 72.58 -17.95
C LEU D 636 -1.99 73.02 -18.75
N ALA D 637 -2.02 72.70 -20.05
CA ALA D 637 -3.17 73.02 -20.87
C ALA D 637 -4.41 72.25 -20.42
N GLN D 638 -4.24 70.99 -20.04
CA GLN D 638 -5.36 70.23 -19.51
C GLN D 638 -5.84 70.79 -18.17
N VAL D 639 -4.91 71.25 -17.34
CA VAL D 639 -5.26 71.88 -16.07
C VAL D 639 -6.09 73.13 -16.32
N LEU D 640 -5.63 73.97 -17.26
CA LEU D 640 -6.39 75.18 -17.61
C LEU D 640 -7.73 74.84 -18.23
N GLN D 641 -7.80 73.75 -19.00
CA GLN D 641 -9.07 73.30 -19.55
C GLN D 641 -10.05 72.93 -18.45
N ILE D 642 -9.57 72.23 -17.42
CA ILE D 642 -10.43 71.89 -16.29
C ILE D 642 -10.87 73.15 -15.56
N LEU D 643 -9.95 74.09 -15.36
CA LEU D 643 -10.28 75.35 -14.68
C LEU D 643 -11.35 76.12 -15.42
N LEU D 644 -11.26 76.17 -16.76
CA LEU D 644 -12.31 76.80 -17.56
C LEU D 644 -13.60 75.98 -17.54
N LYS D 645 -13.48 74.65 -17.47
CA LYS D 645 -14.67 73.80 -17.46
C LYS D 645 -15.51 74.03 -16.22
N SER D 646 -14.86 74.20 -15.07
CA SER D 646 -15.61 74.44 -13.83
C SER D 646 -15.99 75.89 -13.61
N LYS D 647 -15.59 76.78 -14.52
CA LYS D 647 -15.86 78.22 -14.43
C LYS D 647 -15.24 78.78 -13.14
N LEU D 648 -14.08 78.22 -12.78
CA LEU D 648 -13.37 78.70 -11.60
C LEU D 648 -12.89 80.14 -11.78
N LEU D 649 -12.43 80.47 -12.99
CA LEU D 649 -12.09 81.84 -13.33
C LEU D 649 -12.22 82.00 -14.84
N VAL D 650 -12.34 83.25 -15.27
CA VAL D 650 -12.66 83.56 -16.66
C VAL D 650 -11.38 83.64 -17.48
N LEU D 651 -11.54 83.55 -18.80
CA LEU D 651 -10.45 83.75 -19.74
C LEU D 651 -10.39 85.24 -20.10
N GLU D 652 -9.61 85.59 -21.13
CA GLU D 652 -9.61 86.97 -21.61
C GLU D 652 -10.89 87.30 -22.37
N ASP D 653 -11.66 86.28 -22.77
CA ASP D 653 -12.94 86.50 -23.45
C ASP D 653 -13.84 85.32 -23.12
N GLU D 654 -14.86 85.55 -22.30
CA GLU D 654 -15.77 84.47 -21.92
C GLU D 654 -16.63 84.01 -23.10
N ASN D 655 -16.90 84.89 -24.06
CA ASN D 655 -17.73 84.55 -25.20
C ASN D 655 -17.05 83.60 -26.18
N ALA D 656 -15.75 83.37 -26.04
CA ALA D 656 -15.03 82.44 -26.90
C ALA D 656 -15.28 81.01 -26.44
N ASN D 657 -14.56 80.06 -27.03
CA ASN D 657 -14.70 78.66 -26.64
C ASN D 657 -14.17 78.45 -25.22
N VAL D 658 -14.90 77.64 -24.45
CA VAL D 658 -14.56 77.37 -23.06
C VAL D 658 -14.12 75.92 -22.87
N ASP D 659 -14.98 74.97 -23.24
CA ASP D 659 -14.68 73.56 -23.08
C ASP D 659 -14.04 72.94 -24.32
N GLU D 660 -13.86 73.71 -25.39
CA GLU D 660 -13.29 73.17 -26.62
C GLU D 660 -12.28 74.13 -27.24
N VAL D 661 -11.54 74.87 -26.42
CA VAL D 661 -10.59 75.86 -26.89
C VAL D 661 -9.19 75.24 -26.90
N GLU D 662 -8.46 75.48 -27.99
CA GLU D 662 -7.05 75.09 -28.10
C GLU D 662 -6.24 76.31 -27.67
N LEU D 663 -5.84 76.31 -26.40
CA LEU D 663 -5.16 77.47 -25.82
C LEU D 663 -3.76 77.63 -26.41
N LYS D 664 -3.39 78.88 -26.64
CA LYS D 664 -2.11 79.29 -27.19
C LYS D 664 -1.29 80.00 -26.12
N PRO D 665 0.03 80.10 -26.30
CA PRO D 665 0.85 80.78 -25.28
C PRO D 665 0.48 82.24 -25.03
N ASP D 666 -0.12 82.92 -26.00
CA ASP D 666 -0.51 84.32 -25.80
C ASP D 666 -1.86 84.47 -25.10
N THR D 667 -2.54 83.37 -24.81
CA THR D 667 -3.85 83.45 -24.14
C THR D 667 -3.67 83.89 -22.70
N LEU D 668 -4.43 84.91 -22.31
CA LEU D 668 -4.37 85.47 -20.97
C LEU D 668 -5.56 84.97 -20.14
N ILE D 669 -5.31 84.70 -18.87
CA ILE D 669 -6.33 84.21 -17.95
C ILE D 669 -6.44 85.20 -16.80
N LYS D 670 -7.67 85.64 -16.51
CA LYS D 670 -7.93 86.65 -15.51
C LYS D 670 -8.76 86.06 -14.37
N LEU D 671 -8.44 86.46 -13.14
CA LEU D 671 -9.16 85.96 -11.98
C LEU D 671 -10.60 86.49 -11.98
N TYR D 672 -11.54 85.60 -11.68
CA TYR D 672 -12.96 85.94 -11.63
C TYR D 672 -13.44 85.76 -10.20
N LEU D 673 -13.72 86.87 -9.53
CA LEU D 673 -14.19 86.84 -8.15
C LEU D 673 -15.68 86.52 -8.04
N GLY D 674 -16.41 86.51 -9.15
CA GLY D 674 -17.84 86.29 -9.12
C GLY D 674 -18.24 84.84 -9.31
N TYR D 675 -17.31 83.92 -9.09
CA TYR D 675 -17.61 82.50 -9.23
C TYR D 675 -18.58 82.05 -8.15
N LYS D 676 -19.63 81.35 -8.55
CA LYS D 676 -20.68 80.90 -7.64
C LYS D 676 -20.81 79.39 -7.68
N ASN D 677 -20.98 78.79 -6.50
CA ASN D 677 -21.16 77.35 -6.39
C ASN D 677 -22.03 77.07 -5.16
N LYS D 678 -22.67 75.90 -5.18
CA LYS D 678 -23.56 75.53 -4.08
C LYS D 678 -22.79 75.14 -2.83
N LYS D 679 -21.56 74.64 -2.99
CA LYS D 679 -20.77 74.17 -1.88
C LYS D 679 -19.40 74.83 -1.90
N LEU D 680 -18.71 74.76 -0.76
CA LEU D 680 -17.37 75.33 -0.61
C LEU D 680 -16.27 74.30 -0.82
N ARG D 681 -16.46 73.08 -0.33
CA ARG D 681 -15.47 72.02 -0.48
C ARG D 681 -15.73 71.21 -1.75
N VAL D 682 -15.70 71.90 -2.89
CA VAL D 682 -15.89 71.28 -4.19
C VAL D 682 -14.53 70.87 -4.73
N ASN D 683 -14.50 69.73 -5.41
CA ASN D 683 -13.25 69.13 -5.87
C ASN D 683 -12.97 69.53 -7.32
N ILE D 684 -11.79 70.10 -7.56
CA ILE D 684 -11.33 70.36 -8.91
C ILE D 684 -10.28 69.36 -9.37
N ASN D 685 -9.79 68.52 -8.46
CA ASN D 685 -8.77 67.52 -8.78
C ASN D 685 -9.38 66.23 -9.31
N VAL D 686 -10.56 66.29 -9.92
CA VAL D 686 -11.16 65.10 -10.52
C VAL D 686 -10.30 64.64 -11.68
N PRO D 687 -10.20 63.33 -11.93
CA PRO D 687 -9.37 62.87 -13.05
C PRO D 687 -9.95 63.29 -14.39
N MET D 688 -9.05 63.54 -15.34
CA MET D 688 -9.43 63.93 -16.68
C MET D 688 -9.59 62.70 -17.56
N LYS D 689 -10.36 62.86 -18.64
CA LYS D 689 -10.77 61.70 -19.43
C LYS D 689 -9.64 61.17 -20.30
N THR D 690 -8.69 62.02 -20.69
CA THR D 690 -7.65 61.62 -21.63
C THR D 690 -6.47 60.92 -20.95
N GLU D 691 -6.46 60.83 -19.62
CA GLU D 691 -5.33 60.25 -18.91
C GLU D 691 -5.56 58.82 -18.46
N GLN D 692 -6.82 58.39 -18.34
CA GLN D 692 -7.07 57.00 -17.97
C GLN D 692 -6.59 56.05 -19.07
N LYS D 693 -6.91 56.37 -20.33
CA LYS D 693 -6.42 55.56 -21.44
C LYS D 693 -4.91 55.68 -21.61
N GLN D 694 -4.35 56.86 -21.33
CA GLN D 694 -2.90 57.03 -21.39
C GLN D 694 -2.21 56.16 -20.34
N GLU D 695 -2.75 56.11 -19.13
CA GLU D 695 -2.20 55.23 -18.10
C GLU D 695 -2.39 53.77 -18.48
N GLN D 696 -3.50 53.43 -19.13
CA GLN D 696 -3.72 52.05 -19.59
C GLN D 696 -2.67 51.63 -20.61
N GLU D 697 -2.41 52.49 -21.61
CA GLU D 697 -1.43 52.11 -22.63
C GLU D 697 -0.01 52.17 -22.08
N THR D 698 0.27 53.07 -21.12
CA THR D 698 1.56 53.06 -20.45
C THR D 698 1.75 51.78 -19.64
N THR D 699 0.67 51.31 -19.01
CA THR D 699 0.71 50.04 -18.29
C THR D 699 0.98 48.89 -19.24
N HIS D 700 0.35 48.92 -20.42
CA HIS D 700 0.59 47.88 -21.42
C HIS D 700 2.05 47.88 -21.89
N LYS D 701 2.61 49.07 -22.13
CA LYS D 701 4.02 49.15 -22.52
C LYS D 701 4.94 48.66 -21.41
N ASN D 702 4.65 49.06 -20.16
CA ASN D 702 5.48 48.65 -19.03
C ASN D 702 5.42 47.15 -18.82
N ILE D 703 4.23 46.55 -18.93
CA ILE D 703 4.13 45.12 -18.74
C ILE D 703 4.75 44.37 -19.92
N GLU D 704 4.74 44.96 -21.13
CA GLU D 704 5.45 44.34 -22.25
C GLU D 704 6.95 44.32 -22.00
N GLU D 705 7.50 45.44 -21.50
CA GLU D 705 8.93 45.46 -21.18
C GLU D 705 9.26 44.50 -20.03
N ASP D 706 8.35 44.39 -19.05
CA ASP D 706 8.54 43.44 -17.96
C ASP D 706 8.51 42.00 -18.48
N ARG D 707 7.62 41.71 -19.43
CA ARG D 707 7.59 40.39 -20.07
C ARG D 707 8.91 40.10 -20.76
N LYS D 708 9.43 41.10 -21.50
CA LYS D 708 10.70 40.91 -22.21
C LYS D 708 11.83 40.62 -21.23
N LEU D 709 11.91 41.39 -20.14
CA LEU D 709 12.96 41.18 -19.15
C LEU D 709 12.85 39.81 -18.48
N LEU D 710 11.62 39.41 -18.12
CA LEU D 710 11.43 38.14 -17.45
C LEU D 710 11.73 36.95 -18.37
N ILE D 711 11.33 37.02 -19.63
CA ILE D 711 11.64 35.90 -20.53
C ILE D 711 13.12 35.88 -20.87
N GLN D 712 13.78 37.05 -20.89
CA GLN D 712 15.23 37.07 -21.04
C GLN D 712 15.92 36.37 -19.88
N ALA D 713 15.49 36.68 -18.66
CA ALA D 713 16.08 36.03 -17.48
C ALA D 713 15.79 34.53 -17.48
N ALA D 714 14.57 34.15 -17.88
CA ALA D 714 14.21 32.73 -17.92
C ALA D 714 15.04 31.97 -18.94
N ILE D 715 15.25 32.54 -20.12
CA ILE D 715 16.05 31.87 -21.13
C ILE D 715 17.53 31.87 -20.73
N VAL D 716 17.97 32.88 -19.96
CA VAL D 716 19.33 32.86 -19.44
C VAL D 716 19.52 31.71 -18.45
N ARG D 717 18.55 31.51 -17.55
CA ARG D 717 18.61 30.38 -16.63
C ARG D 717 18.56 29.05 -17.37
N ILE D 718 17.70 28.95 -18.39
CA ILE D 718 17.54 27.71 -19.13
C ILE D 718 18.82 27.36 -19.89
N MET D 719 19.45 28.34 -20.54
CA MET D 719 20.70 28.08 -21.22
C MET D 719 21.89 27.99 -20.27
N LYS D 720 21.75 28.44 -19.03
CA LYS D 720 22.77 28.14 -18.03
C LYS D 720 22.69 26.68 -17.60
N MET D 721 21.48 26.15 -17.46
CA MET D 721 21.30 24.76 -17.07
C MET D 721 21.36 23.79 -18.25
N ARG D 722 21.35 24.27 -19.49
CA ARG D 722 21.28 23.42 -20.67
C ARG D 722 22.47 23.58 -21.59
N LYS D 723 22.80 24.82 -21.98
CA LYS D 723 23.96 25.23 -22.77
C LYS D 723 23.89 24.84 -24.23
N VAL D 724 22.90 24.01 -24.60
CA VAL D 724 22.63 23.69 -26.01
C VAL D 724 21.21 23.13 -26.11
N LEU D 725 20.43 23.65 -27.06
CA LEU D 725 19.04 23.22 -27.19
C LEU D 725 18.50 23.65 -28.55
N LYS D 726 17.61 22.83 -29.09
CA LYS D 726 16.94 23.16 -30.35
C LYS D 726 16.05 24.38 -30.16
N HIS D 727 15.86 25.14 -31.25
CA HIS D 727 15.13 26.40 -31.18
C HIS D 727 13.70 26.21 -30.73
N GLN D 728 12.97 25.29 -31.37
CA GLN D 728 11.59 25.03 -30.95
C GLN D 728 11.55 24.37 -29.58
N GLN D 729 12.54 23.51 -29.27
CA GLN D 729 12.64 22.97 -27.91
C GLN D 729 12.97 24.06 -26.91
N LEU D 730 13.78 25.05 -27.30
CA LEU D 730 14.10 26.16 -26.40
C LEU D 730 12.86 27.00 -26.11
N LEU D 731 12.06 27.31 -27.13
CA LEU D 731 10.86 28.11 -26.89
C LEU D 731 9.83 27.33 -26.09
N GLY D 732 9.73 26.01 -26.34
CA GLY D 732 8.85 25.19 -25.51
C GLY D 732 9.31 25.13 -24.06
N GLU D 733 10.62 25.04 -23.85
CA GLU D 733 11.17 25.06 -22.49
C GLU D 733 10.87 26.38 -21.79
N VAL D 734 11.02 27.49 -22.51
CA VAL D 734 10.71 28.81 -21.93
C VAL D 734 9.23 28.89 -21.57
N LEU D 735 8.36 28.43 -22.49
CA LEU D 735 6.93 28.49 -22.24
C LEU D 735 6.52 27.64 -21.05
N THR D 736 7.10 26.43 -20.93
CA THR D 736 6.78 25.58 -19.79
C THR D 736 7.40 26.11 -18.49
N GLN D 737 8.53 26.81 -18.59
CA GLN D 737 9.17 27.33 -17.38
C GLN D 737 8.41 28.53 -16.83
N LEU D 738 7.86 29.38 -17.70
CA LEU D 738 7.16 30.57 -17.25
C LEU D 738 5.64 30.38 -17.22
N SER D 739 5.15 29.16 -17.51
CA SER D 739 3.71 28.94 -17.59
C SER D 739 2.99 29.16 -16.25
N SER D 740 3.71 29.02 -15.13
CA SER D 740 3.07 29.18 -13.83
C SER D 740 2.71 30.63 -13.53
N ARG D 741 3.25 31.59 -14.26
CA ARG D 741 2.97 32.99 -13.99
C ARG D 741 2.46 33.75 -15.20
N PHE D 742 2.98 33.47 -16.39
CA PHE D 742 2.59 34.19 -17.59
C PHE D 742 2.98 33.38 -18.81
N LYS D 743 2.00 33.05 -19.65
CA LYS D 743 2.30 32.28 -20.86
C LYS D 743 2.90 33.22 -21.91
N PRO D 744 4.14 32.99 -22.35
CA PRO D 744 4.79 33.93 -23.27
C PRO D 744 4.30 33.77 -24.70
N ARG D 745 4.62 34.77 -25.51
CA ARG D 745 4.26 34.79 -26.91
C ARG D 745 5.50 34.60 -27.78
N VAL D 746 5.37 33.74 -28.79
CA VAL D 746 6.54 33.36 -29.60
C VAL D 746 7.21 34.53 -30.32
N PRO D 747 6.48 35.48 -30.93
CA PRO D 747 7.18 36.66 -31.47
C PRO D 747 7.96 37.45 -30.43
N VAL D 748 7.44 37.57 -29.21
CA VAL D 748 8.18 38.27 -28.16
C VAL D 748 9.43 37.47 -27.77
N ILE D 749 9.33 36.15 -27.79
CA ILE D 749 10.49 35.29 -27.54
C ILE D 749 11.54 35.48 -28.62
N LYS D 750 11.11 35.57 -29.88
CA LYS D 750 12.09 35.79 -30.94
C LYS D 750 12.71 37.18 -30.86
N LYS D 751 11.94 38.18 -30.40
CA LYS D 751 12.49 39.52 -30.22
C LYS D 751 13.54 39.53 -29.11
N CYS D 752 13.25 38.90 -27.97
CA CYS D 752 14.22 38.92 -26.89
C CYS D 752 15.44 38.08 -27.21
N ILE D 753 15.26 36.97 -27.94
CA ILE D 753 16.41 36.17 -28.31
C ILE D 753 17.26 36.89 -29.36
N ASP D 754 16.64 37.72 -30.21
CA ASP D 754 17.43 38.56 -31.12
C ASP D 754 18.20 39.62 -30.34
N ILE D 755 17.57 40.22 -29.33
CA ILE D 755 18.25 41.20 -28.50
C ILE D 755 19.45 40.57 -27.78
N LEU D 756 19.26 39.36 -27.25
CA LEU D 756 20.33 38.69 -26.54
C LEU D 756 21.43 38.19 -27.46
N ILE D 757 21.07 37.74 -28.67
CA ILE D 757 22.08 37.29 -29.63
C ILE D 757 22.84 38.47 -30.23
N GLU D 758 22.28 39.68 -30.17
CA GLU D 758 23.03 40.88 -30.50
C GLU D 758 23.82 41.41 -29.31
N LYS D 759 23.57 40.89 -28.10
CA LYS D 759 24.26 41.33 -26.89
C LYS D 759 25.34 40.37 -26.42
N GLU D 760 25.60 39.30 -27.20
CA GLU D 760 26.60 38.25 -26.94
C GLU D 760 26.30 37.42 -25.70
N TYR D 761 25.20 37.67 -24.98
CA TYR D 761 24.84 36.82 -23.86
C TYR D 761 24.36 35.45 -24.35
N LEU D 762 23.62 35.43 -25.46
CA LEU D 762 23.02 34.23 -26.01
C LEU D 762 23.44 34.05 -27.47
N GLU D 763 24.74 34.20 -27.72
CA GLU D 763 25.27 34.28 -29.07
C GLU D 763 25.14 32.95 -29.81
N ARG D 764 25.15 33.04 -31.14
CA ARG D 764 24.97 31.87 -32.00
C ARG D 764 26.27 31.07 -32.11
N VAL D 765 26.14 29.75 -32.09
CA VAL D 765 27.28 28.87 -32.34
C VAL D 765 27.61 28.90 -33.82
N ASP D 766 28.84 28.50 -34.17
CA ASP D 766 29.36 28.67 -35.52
C ASP D 766 28.58 27.89 -36.57
N GLY D 767 27.96 28.61 -37.51
CA GLY D 767 27.31 28.01 -38.66
C GLY D 767 26.11 27.13 -38.37
N GLU D 768 25.20 27.59 -37.52
CA GLU D 768 24.00 26.84 -37.18
C GLU D 768 22.78 27.74 -37.22
N LYS D 769 21.69 27.21 -37.77
CA LYS D 769 20.38 27.83 -37.73
C LYS D 769 19.42 27.09 -36.82
N ASP D 770 19.89 26.04 -36.13
CA ASP D 770 19.05 25.21 -35.30
C ASP D 770 19.28 25.44 -33.81
N THR D 771 20.53 25.39 -33.36
CA THR D 771 20.85 25.53 -31.95
C THR D 771 22.00 26.52 -31.78
N TYR D 772 22.28 26.85 -30.52
CA TYR D 772 23.39 27.73 -30.19
C TYR D 772 23.84 27.43 -28.77
N SER D 773 24.81 28.20 -28.27
CA SER D 773 25.39 27.98 -26.96
C SER D 773 25.39 29.30 -26.19
N TYR D 774 25.68 29.19 -24.89
CA TYR D 774 25.71 30.34 -24.00
C TYR D 774 26.86 31.29 -24.36
#